data_2BSF
# 
_entry.id   2BSF 
# 
_audit_conform.dict_name       mmcif_pdbx.dic 
_audit_conform.dict_version    5.391 
_audit_conform.dict_location   http://mmcif.pdb.org/dictionaries/ascii/mmcif_pdbx.dic 
# 
loop_
_database_2.database_id 
_database_2.database_code 
_database_2.pdbx_database_accession 
_database_2.pdbx_DOI 
PDB   2BSF         pdb_00002bsf 10.2210/pdb2bsf/pdb 
PDBE  EBI-24093    ?            ?                   
WWPDB D_1290024093 ?            ?                   
# 
loop_
_pdbx_audit_revision_history.ordinal 
_pdbx_audit_revision_history.data_content_type 
_pdbx_audit_revision_history.major_revision 
_pdbx_audit_revision_history.minor_revision 
_pdbx_audit_revision_history.revision_date 
1 'Structure model' 1 0 2005-11-03 
2 'Structure model' 1 1 2014-10-22 
3 'Structure model' 1 2 2018-02-07 
4 'Structure model' 1 3 2024-05-08 
# 
_pdbx_audit_revision_details.ordinal             1 
_pdbx_audit_revision_details.revision_ordinal    1 
_pdbx_audit_revision_details.data_content_type   'Structure model' 
_pdbx_audit_revision_details.provider            repository 
_pdbx_audit_revision_details.type                'Initial release' 
_pdbx_audit_revision_details.description         ? 
_pdbx_audit_revision_details.details             ? 
# 
loop_
_pdbx_audit_revision_group.ordinal 
_pdbx_audit_revision_group.revision_ordinal 
_pdbx_audit_revision_group.data_content_type 
_pdbx_audit_revision_group.group 
1  2 'Structure model' 'Database references'       
2  2 'Structure model' 'Derived calculations'      
3  2 'Structure model' 'Non-polymer description'   
4  2 'Structure model' Other                       
5  2 'Structure model' 'Version format compliance' 
6  3 'Structure model' 'Database references'       
7  3 'Structure model' 'Source and taxonomy'       
8  4 'Structure model' 'Data collection'           
9  4 'Structure model' 'Database references'       
10 4 'Structure model' 'Derived calculations'      
11 4 'Structure model' Other                       
# 
loop_
_pdbx_audit_revision_category.ordinal 
_pdbx_audit_revision_category.revision_ordinal 
_pdbx_audit_revision_category.data_content_type 
_pdbx_audit_revision_category.category 
1 3 'Structure model' citation             
2 3 'Structure model' citation_author      
3 3 'Structure model' entity_src_gen       
4 4 'Structure model' chem_comp_atom       
5 4 'Structure model' chem_comp_bond       
6 4 'Structure model' database_2           
7 4 'Structure model' pdbx_database_status 
8 4 'Structure model' struct_conn          
9 4 'Structure model' struct_site          
# 
loop_
_pdbx_audit_revision_item.ordinal 
_pdbx_audit_revision_item.revision_ordinal 
_pdbx_audit_revision_item.data_content_type 
_pdbx_audit_revision_item.item 
1  3 'Structure model' '_citation.pdbx_database_id_DOI'                 
2  3 'Structure model' '_citation_author.name'                          
3  3 'Structure model' '_entity_src_gen.pdbx_host_org_ncbi_taxonomy_id' 
4  3 'Structure model' '_entity_src_gen.pdbx_host_org_scientific_name'  
5  3 'Structure model' '_entity_src_gen.pdbx_host_org_strain'           
6  3 'Structure model' '_entity_src_gen.pdbx_host_org_variant'          
7  4 'Structure model' '_database_2.pdbx_DOI'                           
8  4 'Structure model' '_database_2.pdbx_database_accession'            
9  4 'Structure model' '_pdbx_database_status.status_code_sf'           
10 4 'Structure model' '_struct_conn.ptnr1_auth_comp_id'                
11 4 'Structure model' '_struct_conn.ptnr1_auth_seq_id'                 
12 4 'Structure model' '_struct_conn.ptnr1_label_asym_id'               
13 4 'Structure model' '_struct_conn.ptnr1_label_atom_id'               
14 4 'Structure model' '_struct_conn.ptnr1_label_comp_id'               
15 4 'Structure model' '_struct_conn.ptnr1_label_seq_id'                
16 4 'Structure model' '_struct_conn.ptnr1_symmetry'                    
17 4 'Structure model' '_struct_conn.ptnr2_auth_comp_id'                
18 4 'Structure model' '_struct_conn.ptnr2_auth_seq_id'                 
19 4 'Structure model' '_struct_conn.ptnr2_label_asym_id'               
20 4 'Structure model' '_struct_conn.ptnr2_label_atom_id'               
21 4 'Structure model' '_struct_conn.ptnr2_label_comp_id'               
22 4 'Structure model' '_struct_conn.ptnr2_label_seq_id'                
23 4 'Structure model' '_struct_conn.ptnr2_symmetry'                    
24 4 'Structure model' '_struct_site.pdbx_auth_asym_id'                 
25 4 'Structure model' '_struct_site.pdbx_auth_comp_id'                 
26 4 'Structure model' '_struct_site.pdbx_auth_seq_id'                  
# 
_pdbx_database_status.status_code                     REL 
_pdbx_database_status.entry_id                        2BSF 
_pdbx_database_status.deposit_site                    PDBE 
_pdbx_database_status.process_site                    PDBE 
_pdbx_database_status.SG_entry                        . 
_pdbx_database_status.recvd_initial_deposition_date   2005-05-20 
_pdbx_database_status.pdb_format_compatible           Y 
_pdbx_database_status.status_code_sf                  REL 
_pdbx_database_status.status_code_mr                  ? 
_pdbx_database_status.status_code_cs                  ? 
_pdbx_database_status.methods_development_category    ? 
_pdbx_database_status.status_code_nmr_data            ? 
# 
loop_
_pdbx_database_related.db_name 
_pdbx_database_related.db_id 
_pdbx_database_related.content_type 
_pdbx_database_related.details 
PDB 2BT7 unspecified 'STRUCTURE OF THE C-TERMINAL RECEPTOR-BINDING DOMAIN OF AVIAN REOVIRUS FIBRE SIGMAC, CD CRYSTAL FORM'    
PDB 2BT8 unspecified 'STRUCTURE OF THE C-TERMINAL RECEPTOR-BINDING DOMAIN OF AVIAN REOVIRUS FIBRE SIGMAC, SPACE GROUP P6322.' 
# 
loop_
_audit_author.name 
_audit_author.pdbx_ordinal 
_audit_author.identifier_ORCID 
'Guardado Calvo, P.'  1 ? 
'Fox, G.C.'           2 ? 
'Hermo Parrado, X.L.' 3 ? 
'Llamas-Saiz, A.L.'   4 ? 
'van Raaij, M.J.'     5 ? 
# 
loop_
_citation.id 
_citation.title 
_citation.journal_abbrev 
_citation.journal_volume 
_citation.page_first 
_citation.page_last 
_citation.year 
_citation.journal_id_ASTM 
_citation.country 
_citation.journal_id_ISSN 
_citation.journal_id_CSD 
_citation.book_publisher 
_citation.pdbx_database_id_PubMed 
_citation.pdbx_database_id_DOI 
primary 'Structure of the Carboxy-Terminal Receptor-Binding Domain of Avian Reovirus Fibre Sigmac' J.Mol.Biol.                354 
137 ? 2005 JMOBAK UK 0022-2836 0070 ? 16236316 10.1016/J.JMB.2005.09.034  
1       'Crystallisation of the C-Terminal Globular Domain of Avian Reovirus Fibre' 'Acta Crystallogr.,Sect.F' 61  651 ? 2005 ? DK 
1744-3091 ?    ? 16511119 10.1107/S1744309105016933  
2       'Crystal Structure of Reovirus Attachment Protein Sigma1 Reveals Evolutionary Relationship to Adenovirus Fiber' 'Embo J.' 
21  1   ? 2002 EMJODG UK 0261-4189 0897 ? 11782420 10.1093/EMBOJ/21.1.1       
3       'Protein Architecture of Avian Reovirus S1133 and Identification of the Cell Attachment Protein' J.Virol. 71  59  ? 1997 
JOVIAM US 0022-538X 0825 ? 8985323  ?                          
4       'Oligomerization and Cell-Binding Properties of the Avian Reovirus Cell-Attachment Protein Sigmac' Virology 274 367 ? 2000 
VIRLAX US 0042-6822 0922 ? 10964779 10.1006/VIRO.2000.0473     
5       
;The Avian Reovirus Genome Segment S1 is a Functionally Tricistronic Gene that Expresses One Structure and Two Nonstructural Proteins in Infected Cells
;
Virology                   290 181 ? 2001 VIRLAX US 0042-6822 0922 ? 11883183 10.1006/VIRO.2001.1159     
6       
'Subunit Composition and Conformational Stability of the Oligomeric Form of the Avian Reovirus Cell-Attachment Protein Sigmac' 
J.Gen.Virol.               83  131 ? 2002 JGVIAY US 0022-1317 2058 ? 11752709 10.1099/0022-1317-83-1-131 
# 
loop_
_citation_author.citation_id 
_citation_author.name 
_citation_author.ordinal 
_citation_author.identifier_ORCID 
primary 'Guardado Calvo, P.'  1  ? 
primary 'Fox, G.C.'           2  ? 
primary 'Hermo Parrado, X.L.' 3  ? 
primary 'Llamas-Saiz, A.L.'   4  ? 
primary 'Costas, C.'          5  ? 
primary 'Martinez-Costas, J.' 6  ? 
primary 'Benavente, J.'       7  ? 
primary 'van Raaij, M.J.'     8  ? 
1       'van Raaij, M.J.'     9  ? 
1       'Hermo Parrado, X.L.' 10 ? 
1       'Guardado Calvo, P.'  11 ? 
1       'Fox, G.C.'           12 ? 
1       'Llamas-Saiz, A.L.'   13 ? 
1       'Costas, C.'          14 ? 
1       'Martinez-Costas, J.' 15 ? 
1       'Benavente, J.'       16 ? 
2       'Chappell, J.D.'      17 ? 
2       'Prota, A.E.'         18 ? 
2       'Dermody, T.S.'       19 ? 
2       'Stehle, T.'          20 ? 
3       'Martinez-Costas, J.' 21 ? 
3       'Grande, A.'          22 ? 
3       'Varela, R.'          23 ? 
3       'Garcia-Martinez, C.' 24 ? 
3       'Benavente, J.'       25 ? 
4       'Grande, A.'          26 ? 
4       'Rodriguez, E.'       27 ? 
4       'Costas, C.'          28 ? 
4       'Everitt, E.'         29 ? 
4       'Benavente, J.'       30 ? 
5       'Bodelon, G.'         31 ? 
5       'Labrada, L.'         32 ? 
5       'Martinez-Costas, J.' 33 ? 
5       'Benavente, J.'       34 ? 
6       'Grande, A.'          35 ? 
6       'Costas, C.'          36 ? 
6       'Benavente, J.'       37 ? 
# 
loop_
_entity.id 
_entity.type 
_entity.src_method 
_entity.pdbx_description 
_entity.formula_weight 
_entity.pdbx_number_of_molecules 
_entity.pdbx_ec 
_entity.pdbx_mutation 
_entity.pdbx_fragment 
_entity.details 
1 polymer     man 'SIGMA C CAPSID PROTEIN' 18912.947 1   ? ? 'C-TERMINAL RECEPTOR-BINDING REGION, RESIDUES 151-326' ? 
2 non-polymer syn 'SULFATE ION'            96.063    3   ? ? ?                                                      ? 
3 non-polymer syn 'ZINC ION'               65.409    1   ? ? ?                                                      ? 
4 water       nat water                    18.015    164 ? ? ?                                                      ? 
# 
_entity_name_com.entity_id   1 
_entity_name_com.name        'SIGMA-3 PROTEIN' 
# 
_entity_poly.entity_id                      1 
_entity_poly.type                           'polypeptide(L)' 
_entity_poly.nstd_linkage                   no 
_entity_poly.nstd_monomer                   no 
_entity_poly.pdbx_seq_one_letter_code       
;SLESTASHGLSFSPPLSVADGVVSLDMDPYFCSQRVSLTSYSAEAQLMQFRWMARGTNGSSDTIDMTVNAHCHGRRTDYM
MSSTGNLTVTSNVVLLTFDLSDITHIPSDLARLVPSAGFQAASFPVDVSFTRDSATHAYQAYGVYSSSRVFTITFPTGGD
GTANIRSLTVRTGIDT
;
_entity_poly.pdbx_seq_one_letter_code_can   
;SLESTASHGLSFSPPLSVADGVVSLDMDPYFCSQRVSLTSYSAEAQLMQFRWMARGTNGSSDTIDMTVNAHCHGRRTDYM
MSSTGNLTVTSNVVLLTFDLSDITHIPSDLARLVPSAGFQAASFPVDVSFTRDSATHAYQAYGVYSSSRVFTITFPTGGD
GTANIRSLTVRTGIDT
;
_entity_poly.pdbx_strand_id                 A 
_entity_poly.pdbx_target_identifier         ? 
# 
loop_
_pdbx_entity_nonpoly.entity_id 
_pdbx_entity_nonpoly.name 
_pdbx_entity_nonpoly.comp_id 
2 'SULFATE ION' SO4 
3 'ZINC ION'    ZN  
4 water         HOH 
# 
loop_
_entity_poly_seq.entity_id 
_entity_poly_seq.num 
_entity_poly_seq.mon_id 
_entity_poly_seq.hetero 
1 1   SER n 
1 2   LEU n 
1 3   GLU n 
1 4   SER n 
1 5   THR n 
1 6   ALA n 
1 7   SER n 
1 8   HIS n 
1 9   GLY n 
1 10  LEU n 
1 11  SER n 
1 12  PHE n 
1 13  SER n 
1 14  PRO n 
1 15  PRO n 
1 16  LEU n 
1 17  SER n 
1 18  VAL n 
1 19  ALA n 
1 20  ASP n 
1 21  GLY n 
1 22  VAL n 
1 23  VAL n 
1 24  SER n 
1 25  LEU n 
1 26  ASP n 
1 27  MET n 
1 28  ASP n 
1 29  PRO n 
1 30  TYR n 
1 31  PHE n 
1 32  CYS n 
1 33  SER n 
1 34  GLN n 
1 35  ARG n 
1 36  VAL n 
1 37  SER n 
1 38  LEU n 
1 39  THR n 
1 40  SER n 
1 41  TYR n 
1 42  SER n 
1 43  ALA n 
1 44  GLU n 
1 45  ALA n 
1 46  GLN n 
1 47  LEU n 
1 48  MET n 
1 49  GLN n 
1 50  PHE n 
1 51  ARG n 
1 52  TRP n 
1 53  MET n 
1 54  ALA n 
1 55  ARG n 
1 56  GLY n 
1 57  THR n 
1 58  ASN n 
1 59  GLY n 
1 60  SER n 
1 61  SER n 
1 62  ASP n 
1 63  THR n 
1 64  ILE n 
1 65  ASP n 
1 66  MET n 
1 67  THR n 
1 68  VAL n 
1 69  ASN n 
1 70  ALA n 
1 71  HIS n 
1 72  CYS n 
1 73  HIS n 
1 74  GLY n 
1 75  ARG n 
1 76  ARG n 
1 77  THR n 
1 78  ASP n 
1 79  TYR n 
1 80  MET n 
1 81  MET n 
1 82  SER n 
1 83  SER n 
1 84  THR n 
1 85  GLY n 
1 86  ASN n 
1 87  LEU n 
1 88  THR n 
1 89  VAL n 
1 90  THR n 
1 91  SER n 
1 92  ASN n 
1 93  VAL n 
1 94  VAL n 
1 95  LEU n 
1 96  LEU n 
1 97  THR n 
1 98  PHE n 
1 99  ASP n 
1 100 LEU n 
1 101 SER n 
1 102 ASP n 
1 103 ILE n 
1 104 THR n 
1 105 HIS n 
1 106 ILE n 
1 107 PRO n 
1 108 SER n 
1 109 ASP n 
1 110 LEU n 
1 111 ALA n 
1 112 ARG n 
1 113 LEU n 
1 114 VAL n 
1 115 PRO n 
1 116 SER n 
1 117 ALA n 
1 118 GLY n 
1 119 PHE n 
1 120 GLN n 
1 121 ALA n 
1 122 ALA n 
1 123 SER n 
1 124 PHE n 
1 125 PRO n 
1 126 VAL n 
1 127 ASP n 
1 128 VAL n 
1 129 SER n 
1 130 PHE n 
1 131 THR n 
1 132 ARG n 
1 133 ASP n 
1 134 SER n 
1 135 ALA n 
1 136 THR n 
1 137 HIS n 
1 138 ALA n 
1 139 TYR n 
1 140 GLN n 
1 141 ALA n 
1 142 TYR n 
1 143 GLY n 
1 144 VAL n 
1 145 TYR n 
1 146 SER n 
1 147 SER n 
1 148 SER n 
1 149 ARG n 
1 150 VAL n 
1 151 PHE n 
1 152 THR n 
1 153 ILE n 
1 154 THR n 
1 155 PHE n 
1 156 PRO n 
1 157 THR n 
1 158 GLY n 
1 159 GLY n 
1 160 ASP n 
1 161 GLY n 
1 162 THR n 
1 163 ALA n 
1 164 ASN n 
1 165 ILE n 
1 166 ARG n 
1 167 SER n 
1 168 LEU n 
1 169 THR n 
1 170 VAL n 
1 171 ARG n 
1 172 THR n 
1 173 GLY n 
1 174 ILE n 
1 175 ASP n 
1 176 THR n 
# 
_entity_src_gen.entity_id                          1 
_entity_src_gen.pdbx_src_id                        1 
_entity_src_gen.pdbx_alt_source_flag               sample 
_entity_src_gen.pdbx_seq_type                      ? 
_entity_src_gen.pdbx_beg_seq_num                   ? 
_entity_src_gen.pdbx_end_seq_num                   ? 
_entity_src_gen.gene_src_common_name               ? 
_entity_src_gen.gene_src_genus                     ? 
_entity_src_gen.pdbx_gene_src_gene                 ? 
_entity_src_gen.gene_src_species                   ? 
_entity_src_gen.gene_src_strain                    S1133 
_entity_src_gen.gene_src_tissue                    ? 
_entity_src_gen.gene_src_tissue_fraction           ? 
_entity_src_gen.gene_src_details                   ? 
_entity_src_gen.pdbx_gene_src_fragment             ? 
_entity_src_gen.pdbx_gene_src_scientific_name      'AVIAN REOVIRUS' 
_entity_src_gen.pdbx_gene_src_ncbi_taxonomy_id     38170 
_entity_src_gen.pdbx_gene_src_variant              ? 
_entity_src_gen.pdbx_gene_src_cell_line            ? 
_entity_src_gen.pdbx_gene_src_atcc                 ? 
_entity_src_gen.pdbx_gene_src_organ                ? 
_entity_src_gen.pdbx_gene_src_organelle            ? 
_entity_src_gen.pdbx_gene_src_cell                 ? 
_entity_src_gen.pdbx_gene_src_cellular_location    ? 
_entity_src_gen.host_org_common_name               ? 
_entity_src_gen.pdbx_host_org_scientific_name      'ESCHERICHIA COLI BL21(DE3)' 
_entity_src_gen.pdbx_host_org_ncbi_taxonomy_id     469008 
_entity_src_gen.host_org_genus                     ? 
_entity_src_gen.pdbx_host_org_gene                 ? 
_entity_src_gen.pdbx_host_org_organ                ? 
_entity_src_gen.host_org_species                   ? 
_entity_src_gen.pdbx_host_org_tissue               ? 
_entity_src_gen.pdbx_host_org_tissue_fraction      ? 
_entity_src_gen.pdbx_host_org_strain               ? 
_entity_src_gen.pdbx_host_org_variant              ? 
_entity_src_gen.pdbx_host_org_cell_line            ? 
_entity_src_gen.pdbx_host_org_atcc                 ? 
_entity_src_gen.pdbx_host_org_culture_collection   ? 
_entity_src_gen.pdbx_host_org_cell                 ? 
_entity_src_gen.pdbx_host_org_organelle            ? 
_entity_src_gen.pdbx_host_org_cellular_location    ? 
_entity_src_gen.pdbx_host_org_vector_type          ? 
_entity_src_gen.pdbx_host_org_vector               ? 
_entity_src_gen.host_org_details                   ? 
_entity_src_gen.expression_system_id               ? 
_entity_src_gen.plasmid_name                       PET28CPLUS 
_entity_src_gen.plasmid_details                    ? 
_entity_src_gen.pdbx_description                   
;THE AVIAN REOVIRUS STRAIN S1133 WAS ORIGINALLY PROVIDED BY DR. PHILIP I.MARCUS WHEN DR. J. BENAVENTE WAS A ROCHE VISITING SCIENTIST IN THE LABORATORY OF DR. A.SHATKIN
;
# 
loop_
_chem_comp.id 
_chem_comp.type 
_chem_comp.mon_nstd_flag 
_chem_comp.name 
_chem_comp.pdbx_synonyms 
_chem_comp.formula 
_chem_comp.formula_weight 
ALA 'L-peptide linking' y ALANINE         ? 'C3 H7 N O2'     89.093  
ARG 'L-peptide linking' y ARGININE        ? 'C6 H15 N4 O2 1' 175.209 
ASN 'L-peptide linking' y ASPARAGINE      ? 'C4 H8 N2 O3'    132.118 
ASP 'L-peptide linking' y 'ASPARTIC ACID' ? 'C4 H7 N O4'     133.103 
CYS 'L-peptide linking' y CYSTEINE        ? 'C3 H7 N O2 S'   121.158 
GLN 'L-peptide linking' y GLUTAMINE       ? 'C5 H10 N2 O3'   146.144 
GLU 'L-peptide linking' y 'GLUTAMIC ACID' ? 'C5 H9 N O4'     147.129 
GLY 'peptide linking'   y GLYCINE         ? 'C2 H5 N O2'     75.067  
HIS 'L-peptide linking' y HISTIDINE       ? 'C6 H10 N3 O2 1' 156.162 
HOH non-polymer         . WATER           ? 'H2 O'           18.015  
ILE 'L-peptide linking' y ISOLEUCINE      ? 'C6 H13 N O2'    131.173 
LEU 'L-peptide linking' y LEUCINE         ? 'C6 H13 N O2'    131.173 
MET 'L-peptide linking' y METHIONINE      ? 'C5 H11 N O2 S'  149.211 
PHE 'L-peptide linking' y PHENYLALANINE   ? 'C9 H11 N O2'    165.189 
PRO 'L-peptide linking' y PROLINE         ? 'C5 H9 N O2'     115.130 
SER 'L-peptide linking' y SERINE          ? 'C3 H7 N O3'     105.093 
SO4 non-polymer         . 'SULFATE ION'   ? 'O4 S -2'        96.063  
THR 'L-peptide linking' y THREONINE       ? 'C4 H9 N O3'     119.119 
TRP 'L-peptide linking' y TRYPTOPHAN      ? 'C11 H12 N2 O2'  204.225 
TYR 'L-peptide linking' y TYROSINE        ? 'C9 H11 N O3'    181.189 
VAL 'L-peptide linking' y VALINE          ? 'C5 H11 N O2'    117.146 
ZN  non-polymer         . 'ZINC ION'      ? 'Zn 2'           65.409  
# 
loop_
_pdbx_poly_seq_scheme.asym_id 
_pdbx_poly_seq_scheme.entity_id 
_pdbx_poly_seq_scheme.seq_id 
_pdbx_poly_seq_scheme.mon_id 
_pdbx_poly_seq_scheme.ndb_seq_num 
_pdbx_poly_seq_scheme.pdb_seq_num 
_pdbx_poly_seq_scheme.auth_seq_num 
_pdbx_poly_seq_scheme.pdb_mon_id 
_pdbx_poly_seq_scheme.auth_mon_id 
_pdbx_poly_seq_scheme.pdb_strand_id 
_pdbx_poly_seq_scheme.pdb_ins_code 
_pdbx_poly_seq_scheme.hetero 
A 1 1   SER 1   151 151 SER SER A . n 
A 1 2   LEU 2   152 152 LEU LEU A . n 
A 1 3   GLU 3   153 153 GLU GLU A . n 
A 1 4   SER 4   154 154 SER SER A . n 
A 1 5   THR 5   155 155 THR THR A . n 
A 1 6   ALA 6   156 156 ALA ALA A . n 
A 1 7   SER 7   157 157 SER SER A . n 
A 1 8   HIS 8   158 158 HIS HIS A . n 
A 1 9   GLY 9   159 159 GLY GLY A . n 
A 1 10  LEU 10  160 160 LEU LEU A . n 
A 1 11  SER 11  161 161 SER SER A . n 
A 1 12  PHE 12  162 162 PHE PHE A . n 
A 1 13  SER 13  163 163 SER SER A . n 
A 1 14  PRO 14  164 164 PRO PRO A . n 
A 1 15  PRO 15  165 165 PRO PRO A . n 
A 1 16  LEU 16  166 166 LEU LEU A . n 
A 1 17  SER 17  167 167 SER SER A . n 
A 1 18  VAL 18  168 168 VAL VAL A . n 
A 1 19  ALA 19  169 169 ALA ALA A . n 
A 1 20  ASP 20  170 170 ASP ASP A . n 
A 1 21  GLY 21  171 171 GLY GLY A . n 
A 1 22  VAL 22  172 172 VAL VAL A . n 
A 1 23  VAL 23  173 173 VAL VAL A . n 
A 1 24  SER 24  174 174 SER SER A . n 
A 1 25  LEU 25  175 175 LEU LEU A . n 
A 1 26  ASP 26  176 176 ASP ASP A . n 
A 1 27  MET 27  177 177 MET MET A . n 
A 1 28  ASP 28  178 178 ASP ASP A . n 
A 1 29  PRO 29  179 179 PRO PRO A . n 
A 1 30  TYR 30  180 180 TYR TYR A . n 
A 1 31  PHE 31  181 181 PHE PHE A . n 
A 1 32  CYS 32  182 182 CYS CYS A . n 
A 1 33  SER 33  183 183 SER SER A . n 
A 1 34  GLN 34  184 184 GLN GLN A . n 
A 1 35  ARG 35  185 185 ARG ARG A . n 
A 1 36  VAL 36  186 186 VAL VAL A . n 
A 1 37  SER 37  187 187 SER SER A . n 
A 1 38  LEU 38  188 188 LEU LEU A . n 
A 1 39  THR 39  189 189 THR THR A . n 
A 1 40  SER 40  190 190 SER SER A . n 
A 1 41  TYR 41  191 191 TYR TYR A . n 
A 1 42  SER 42  192 192 SER SER A . n 
A 1 43  ALA 43  193 193 ALA ALA A . n 
A 1 44  GLU 44  194 194 GLU GLU A . n 
A 1 45  ALA 45  195 195 ALA ALA A . n 
A 1 46  GLN 46  196 196 GLN GLN A . n 
A 1 47  LEU 47  197 197 LEU LEU A . n 
A 1 48  MET 48  198 198 MET MET A . n 
A 1 49  GLN 49  199 199 GLN GLN A . n 
A 1 50  PHE 50  200 200 PHE PHE A . n 
A 1 51  ARG 51  201 201 ARG ARG A . n 
A 1 52  TRP 52  202 202 TRP TRP A . n 
A 1 53  MET 53  203 203 MET MET A . n 
A 1 54  ALA 54  204 204 ALA ALA A . n 
A 1 55  ARG 55  205 205 ARG ARG A . n 
A 1 56  GLY 56  206 206 GLY GLY A . n 
A 1 57  THR 57  207 207 THR THR A . n 
A 1 58  ASN 58  208 208 ASN ASN A . n 
A 1 59  GLY 59  209 209 GLY GLY A . n 
A 1 60  SER 60  210 210 SER SER A . n 
A 1 61  SER 61  211 211 SER SER A . n 
A 1 62  ASP 62  212 212 ASP ASP A . n 
A 1 63  THR 63  213 213 THR THR A . n 
A 1 64  ILE 64  214 214 ILE ILE A . n 
A 1 65  ASP 65  215 215 ASP ASP A . n 
A 1 66  MET 66  216 216 MET MET A . n 
A 1 67  THR 67  217 217 THR THR A . n 
A 1 68  VAL 68  218 218 VAL VAL A . n 
A 1 69  ASN 69  219 219 ASN ASN A . n 
A 1 70  ALA 70  220 220 ALA ALA A . n 
A 1 71  HIS 71  221 221 HIS HIS A . n 
A 1 72  CYS 72  222 222 CYS CYS A . n 
A 1 73  HIS 73  223 223 HIS HIS A . n 
A 1 74  GLY 74  224 224 GLY GLY A . n 
A 1 75  ARG 75  225 225 ARG ARG A . n 
A 1 76  ARG 76  226 226 ARG ARG A . n 
A 1 77  THR 77  227 227 THR THR A . n 
A 1 78  ASP 78  228 228 ASP ASP A . n 
A 1 79  TYR 79  229 229 TYR TYR A . n 
A 1 80  MET 80  230 230 MET MET A . n 
A 1 81  MET 81  231 231 MET MET A . n 
A 1 82  SER 82  232 232 SER SER A . n 
A 1 83  SER 83  233 233 SER SER A . n 
A 1 84  THR 84  234 234 THR THR A . n 
A 1 85  GLY 85  235 235 GLY GLY A . n 
A 1 86  ASN 86  236 236 ASN ASN A . n 
A 1 87  LEU 87  237 237 LEU LEU A . n 
A 1 88  THR 88  238 238 THR THR A . n 
A 1 89  VAL 89  239 239 VAL VAL A . n 
A 1 90  THR 90  240 240 THR THR A . n 
A 1 91  SER 91  241 241 SER SER A . n 
A 1 92  ASN 92  242 242 ASN ASN A . n 
A 1 93  VAL 93  243 243 VAL VAL A . n 
A 1 94  VAL 94  244 244 VAL VAL A . n 
A 1 95  LEU 95  245 245 LEU LEU A . n 
A 1 96  LEU 96  246 246 LEU LEU A . n 
A 1 97  THR 97  247 247 THR THR A . n 
A 1 98  PHE 98  248 248 PHE PHE A . n 
A 1 99  ASP 99  249 249 ASP ASP A . n 
A 1 100 LEU 100 250 250 LEU LEU A . n 
A 1 101 SER 101 251 251 SER SER A . n 
A 1 102 ASP 102 252 252 ASP ASP A . n 
A 1 103 ILE 103 253 253 ILE ILE A . n 
A 1 104 THR 104 254 254 THR THR A . n 
A 1 105 HIS 105 255 255 HIS HIS A . n 
A 1 106 ILE 106 256 256 ILE ILE A . n 
A 1 107 PRO 107 257 257 PRO PRO A . n 
A 1 108 SER 108 258 258 SER SER A . n 
A 1 109 ASP 109 259 259 ASP ASP A . n 
A 1 110 LEU 110 260 260 LEU LEU A . n 
A 1 111 ALA 111 261 261 ALA ALA A . n 
A 1 112 ARG 112 262 262 ARG ARG A . n 
A 1 113 LEU 113 263 263 LEU LEU A . n 
A 1 114 VAL 114 264 264 VAL VAL A . n 
A 1 115 PRO 115 265 265 PRO PRO A . n 
A 1 116 SER 116 266 266 SER SER A . n 
A 1 117 ALA 117 267 267 ALA ALA A . n 
A 1 118 GLY 118 268 268 GLY GLY A . n 
A 1 119 PHE 119 269 269 PHE PHE A . n 
A 1 120 GLN 120 270 270 GLN GLN A . n 
A 1 121 ALA 121 271 271 ALA ALA A . n 
A 1 122 ALA 122 272 272 ALA ALA A . n 
A 1 123 SER 123 273 273 SER SER A . n 
A 1 124 PHE 124 274 274 PHE PHE A . n 
A 1 125 PRO 125 275 275 PRO PRO A . n 
A 1 126 VAL 126 276 276 VAL VAL A . n 
A 1 127 ASP 127 277 277 ASP ASP A . n 
A 1 128 VAL 128 278 278 VAL VAL A . n 
A 1 129 SER 129 279 279 SER SER A . n 
A 1 130 PHE 130 280 280 PHE PHE A . n 
A 1 131 THR 131 281 281 THR THR A . n 
A 1 132 ARG 132 282 282 ARG ARG A . n 
A 1 133 ASP 133 283 283 ASP ASP A . n 
A 1 134 SER 134 284 284 SER SER A . n 
A 1 135 ALA 135 285 285 ALA ALA A . n 
A 1 136 THR 136 286 286 THR THR A . n 
A 1 137 HIS 137 287 287 HIS HIS A . n 
A 1 138 ALA 138 288 288 ALA ALA A . n 
A 1 139 TYR 139 289 289 TYR TYR A . n 
A 1 140 GLN 140 290 290 GLN GLN A . n 
A 1 141 ALA 141 291 291 ALA ALA A . n 
A 1 142 TYR 142 292 292 TYR TYR A . n 
A 1 143 GLY 143 293 293 GLY GLY A . n 
A 1 144 VAL 144 294 294 VAL VAL A . n 
A 1 145 TYR 145 295 295 TYR TYR A . n 
A 1 146 SER 146 296 296 SER SER A . n 
A 1 147 SER 147 297 297 SER SER A . n 
A 1 148 SER 148 298 298 SER SER A . n 
A 1 149 ARG 149 299 299 ARG ARG A . n 
A 1 150 VAL 150 300 300 VAL VAL A . n 
A 1 151 PHE 151 301 301 PHE PHE A . n 
A 1 152 THR 152 302 302 THR THR A . n 
A 1 153 ILE 153 303 303 ILE ILE A . n 
A 1 154 THR 154 304 304 THR THR A . n 
A 1 155 PHE 155 305 305 PHE PHE A . n 
A 1 156 PRO 156 306 306 PRO PRO A . n 
A 1 157 THR 157 307 307 THR THR A . n 
A 1 158 GLY 158 308 308 GLY GLY A . n 
A 1 159 GLY 159 309 309 GLY GLY A . n 
A 1 160 ASP 160 310 310 ASP ASP A . n 
A 1 161 GLY 161 311 311 GLY GLY A . n 
A 1 162 THR 162 312 312 THR THR A . n 
A 1 163 ALA 163 313 313 ALA ALA A . n 
A 1 164 ASN 164 314 314 ASN ASN A . n 
A 1 165 ILE 165 315 315 ILE ILE A . n 
A 1 166 ARG 166 316 316 ARG ARG A . n 
A 1 167 SER 167 317 317 SER SER A . n 
A 1 168 LEU 168 318 318 LEU LEU A . n 
A 1 169 THR 169 319 319 THR THR A . n 
A 1 170 VAL 170 320 320 VAL VAL A . n 
A 1 171 ARG 171 321 321 ARG ARG A . n 
A 1 172 THR 172 322 322 THR THR A . n 
A 1 173 GLY 173 323 323 GLY GLY A . n 
A 1 174 ILE 174 324 324 ILE ILE A . n 
A 1 175 ASP 175 325 325 ASP ASP A . n 
A 1 176 THR 176 326 326 THR THR A . n 
# 
loop_
_pdbx_nonpoly_scheme.asym_id 
_pdbx_nonpoly_scheme.entity_id 
_pdbx_nonpoly_scheme.mon_id 
_pdbx_nonpoly_scheme.ndb_seq_num 
_pdbx_nonpoly_scheme.pdb_seq_num 
_pdbx_nonpoly_scheme.auth_seq_num 
_pdbx_nonpoly_scheme.pdb_mon_id 
_pdbx_nonpoly_scheme.auth_mon_id 
_pdbx_nonpoly_scheme.pdb_strand_id 
_pdbx_nonpoly_scheme.pdb_ins_code 
B 2 SO4 1   1327 1327 SO4 SO4 A . 
C 2 SO4 1   1328 1328 SO4 SO4 A . 
D 2 SO4 1   1329 1329 SO4 SO4 A . 
E 3 ZN  1   1330 1330 ZN  ZN  A . 
F 4 HOH 1   2001 2001 HOH HOH A . 
F 4 HOH 2   2002 2002 HOH HOH A . 
F 4 HOH 3   2003 2003 HOH HOH A . 
F 4 HOH 4   2004 2004 HOH HOH A . 
F 4 HOH 5   2005 2005 HOH HOH A . 
F 4 HOH 6   2006 2006 HOH HOH A . 
F 4 HOH 7   2007 2007 HOH HOH A . 
F 4 HOH 8   2008 2008 HOH HOH A . 
F 4 HOH 9   2009 2009 HOH HOH A . 
F 4 HOH 10  2010 2010 HOH HOH A . 
F 4 HOH 11  2011 2011 HOH HOH A . 
F 4 HOH 12  2012 2012 HOH HOH A . 
F 4 HOH 13  2013 2013 HOH HOH A . 
F 4 HOH 14  2014 2014 HOH HOH A . 
F 4 HOH 15  2015 2015 HOH HOH A . 
F 4 HOH 16  2016 2016 HOH HOH A . 
F 4 HOH 17  2017 2017 HOH HOH A . 
F 4 HOH 18  2018 2018 HOH HOH A . 
F 4 HOH 19  2019 2019 HOH HOH A . 
F 4 HOH 20  2020 2020 HOH HOH A . 
F 4 HOH 21  2021 2021 HOH HOH A . 
F 4 HOH 22  2022 2022 HOH HOH A . 
F 4 HOH 23  2023 2023 HOH HOH A . 
F 4 HOH 24  2024 2024 HOH HOH A . 
F 4 HOH 25  2025 2025 HOH HOH A . 
F 4 HOH 26  2026 2026 HOH HOH A . 
F 4 HOH 27  2027 2027 HOH HOH A . 
F 4 HOH 28  2028 2028 HOH HOH A . 
F 4 HOH 29  2029 2029 HOH HOH A . 
F 4 HOH 30  2030 2030 HOH HOH A . 
F 4 HOH 31  2031 2031 HOH HOH A . 
F 4 HOH 32  2032 2032 HOH HOH A . 
F 4 HOH 33  2033 2033 HOH HOH A . 
F 4 HOH 34  2034 2034 HOH HOH A . 
F 4 HOH 35  2035 2035 HOH HOH A . 
F 4 HOH 36  2036 2036 HOH HOH A . 
F 4 HOH 37  2037 2037 HOH HOH A . 
F 4 HOH 38  2038 2038 HOH HOH A . 
F 4 HOH 39  2039 2039 HOH HOH A . 
F 4 HOH 40  2040 2040 HOH HOH A . 
F 4 HOH 41  2041 2041 HOH HOH A . 
F 4 HOH 42  2042 2042 HOH HOH A . 
F 4 HOH 43  2043 2043 HOH HOH A . 
F 4 HOH 44  2044 2044 HOH HOH A . 
F 4 HOH 45  2045 2045 HOH HOH A . 
F 4 HOH 46  2046 2046 HOH HOH A . 
F 4 HOH 47  2047 2047 HOH HOH A . 
F 4 HOH 48  2048 2048 HOH HOH A . 
F 4 HOH 49  2049 2049 HOH HOH A . 
F 4 HOH 50  2050 2050 HOH HOH A . 
F 4 HOH 51  2051 2051 HOH HOH A . 
F 4 HOH 52  2052 2052 HOH HOH A . 
F 4 HOH 53  2053 2053 HOH HOH A . 
F 4 HOH 54  2054 2054 HOH HOH A . 
F 4 HOH 55  2055 2055 HOH HOH A . 
F 4 HOH 56  2056 2056 HOH HOH A . 
F 4 HOH 57  2057 2057 HOH HOH A . 
F 4 HOH 58  2058 2058 HOH HOH A . 
F 4 HOH 59  2059 2059 HOH HOH A . 
F 4 HOH 60  2060 2060 HOH HOH A . 
F 4 HOH 61  2061 2061 HOH HOH A . 
F 4 HOH 62  2062 2062 HOH HOH A . 
F 4 HOH 63  2063 2063 HOH HOH A . 
F 4 HOH 64  2064 2064 HOH HOH A . 
F 4 HOH 65  2065 2065 HOH HOH A . 
F 4 HOH 66  2066 2066 HOH HOH A . 
F 4 HOH 67  2067 2067 HOH HOH A . 
F 4 HOH 68  2068 2068 HOH HOH A . 
F 4 HOH 69  2069 2069 HOH HOH A . 
F 4 HOH 70  2070 2070 HOH HOH A . 
F 4 HOH 71  2071 2071 HOH HOH A . 
F 4 HOH 72  2072 2072 HOH HOH A . 
F 4 HOH 73  2073 2073 HOH HOH A . 
F 4 HOH 74  2074 2074 HOH HOH A . 
F 4 HOH 75  2075 2075 HOH HOH A . 
F 4 HOH 76  2076 2076 HOH HOH A . 
F 4 HOH 77  2077 2077 HOH HOH A . 
F 4 HOH 78  2078 2078 HOH HOH A . 
F 4 HOH 79  2079 2079 HOH HOH A . 
F 4 HOH 80  2080 2080 HOH HOH A . 
F 4 HOH 81  2081 2081 HOH HOH A . 
F 4 HOH 82  2082 2082 HOH HOH A . 
F 4 HOH 83  2083 2083 HOH HOH A . 
F 4 HOH 84  2084 2084 HOH HOH A . 
F 4 HOH 85  2085 2085 HOH HOH A . 
F 4 HOH 86  2086 2086 HOH HOH A . 
F 4 HOH 87  2087 2087 HOH HOH A . 
F 4 HOH 88  2088 2088 HOH HOH A . 
F 4 HOH 89  2089 2089 HOH HOH A . 
F 4 HOH 90  2090 2090 HOH HOH A . 
F 4 HOH 91  2091 2091 HOH HOH A . 
F 4 HOH 92  2092 2092 HOH HOH A . 
F 4 HOH 93  2093 2093 HOH HOH A . 
F 4 HOH 94  2094 2094 HOH HOH A . 
F 4 HOH 95  2095 2095 HOH HOH A . 
F 4 HOH 96  2096 2096 HOH HOH A . 
F 4 HOH 97  2097 2097 HOH HOH A . 
F 4 HOH 98  2098 2098 HOH HOH A . 
F 4 HOH 99  2099 2099 HOH HOH A . 
F 4 HOH 100 2100 2100 HOH HOH A . 
F 4 HOH 101 2101 2101 HOH HOH A . 
F 4 HOH 102 2102 2102 HOH HOH A . 
F 4 HOH 103 2103 2103 HOH HOH A . 
F 4 HOH 104 2104 2104 HOH HOH A . 
F 4 HOH 105 2105 2105 HOH HOH A . 
F 4 HOH 106 2106 2106 HOH HOH A . 
F 4 HOH 107 2107 2107 HOH HOH A . 
F 4 HOH 108 2108 2108 HOH HOH A . 
F 4 HOH 109 2109 2109 HOH HOH A . 
F 4 HOH 110 2110 2110 HOH HOH A . 
F 4 HOH 111 2111 2111 HOH HOH A . 
F 4 HOH 112 2112 2112 HOH HOH A . 
F 4 HOH 113 2113 2113 HOH HOH A . 
F 4 HOH 114 2114 2114 HOH HOH A . 
F 4 HOH 115 2115 2115 HOH HOH A . 
F 4 HOH 116 2116 2116 HOH HOH A . 
F 4 HOH 117 2117 2117 HOH HOH A . 
F 4 HOH 118 2118 2118 HOH HOH A . 
F 4 HOH 119 2119 2119 HOH HOH A . 
F 4 HOH 120 2120 2120 HOH HOH A . 
F 4 HOH 121 2121 2121 HOH HOH A . 
F 4 HOH 122 2122 2122 HOH HOH A . 
F 4 HOH 123 2123 2123 HOH HOH A . 
F 4 HOH 124 2124 2124 HOH HOH A . 
F 4 HOH 125 2125 2125 HOH HOH A . 
F 4 HOH 126 2126 2126 HOH HOH A . 
F 4 HOH 127 2127 2127 HOH HOH A . 
F 4 HOH 128 2128 2128 HOH HOH A . 
F 4 HOH 129 2129 2129 HOH HOH A . 
F 4 HOH 130 2130 2130 HOH HOH A . 
F 4 HOH 131 2131 2131 HOH HOH A . 
F 4 HOH 132 2132 2132 HOH HOH A . 
F 4 HOH 133 2133 2133 HOH HOH A . 
F 4 HOH 134 2134 2134 HOH HOH A . 
F 4 HOH 135 2135 2135 HOH HOH A . 
F 4 HOH 136 2136 2136 HOH HOH A . 
F 4 HOH 137 2137 2137 HOH HOH A . 
F 4 HOH 138 2138 2138 HOH HOH A . 
F 4 HOH 139 2139 2139 HOH HOH A . 
F 4 HOH 140 2140 2140 HOH HOH A . 
F 4 HOH 141 2141 2141 HOH HOH A . 
F 4 HOH 142 2142 2142 HOH HOH A . 
F 4 HOH 143 2143 2143 HOH HOH A . 
F 4 HOH 144 2144 2144 HOH HOH A . 
F 4 HOH 145 2145 2145 HOH HOH A . 
F 4 HOH 146 2146 2146 HOH HOH A . 
F 4 HOH 147 2147 2147 HOH HOH A . 
F 4 HOH 148 2148 2148 HOH HOH A . 
F 4 HOH 149 2149 2149 HOH HOH A . 
F 4 HOH 150 2150 2150 HOH HOH A . 
F 4 HOH 151 2151 2151 HOH HOH A . 
F 4 HOH 152 2152 2152 HOH HOH A . 
F 4 HOH 153 2153 2153 HOH HOH A . 
F 4 HOH 154 2154 2154 HOH HOH A . 
F 4 HOH 155 2155 2155 HOH HOH A . 
F 4 HOH 156 2156 2156 HOH HOH A . 
F 4 HOH 157 2157 2157 HOH HOH A . 
F 4 HOH 158 2158 2158 HOH HOH A . 
F 4 HOH 159 2159 2159 HOH HOH A . 
F 4 HOH 160 2160 2160 HOH HOH A . 
F 4 HOH 161 2161 2161 HOH HOH A . 
F 4 HOH 162 2162 2162 HOH HOH A . 
F 4 HOH 163 2163 2163 HOH HOH A . 
F 4 HOH 164 2164 2164 HOH HOH A . 
# 
loop_
_software.name 
_software.classification 
_software.version 
_software.citation_id 
_software.pdbx_ordinal 
REFMAC refinement       5.2.0005 ? 1 
MOSFLM 'data reduction' .        ? 2 
SCALA  'data scaling'   .        ? 3 
SHELXD phasing          .        ? 4 
# 
_cell.entry_id           2BSF 
_cell.length_a           74.777 
_cell.length_b           74.777 
_cell.length_c           74.639 
_cell.angle_alpha        90.00 
_cell.angle_beta         90.00 
_cell.angle_gamma        120.00 
_cell.Z_PDB              6 
_cell.pdbx_unique_axis   ? 
# 
_symmetry.entry_id                         2BSF 
_symmetry.space_group_name_H-M             'P 3 2 1' 
_symmetry.pdbx_full_space_group_name_H-M   ? 
_symmetry.cell_setting                     ? 
_symmetry.Int_Tables_number                150 
# 
_exptl.entry_id          2BSF 
_exptl.method            'X-RAY DIFFRACTION' 
_exptl.crystals_number   1 
# 
_exptl_crystal.id                    1 
_exptl_crystal.density_meas          ? 
_exptl_crystal.density_Matthews      3.2 
_exptl_crystal.density_percent_sol   0.61 
_exptl_crystal.description           ? 
# 
_exptl_crystal_grow.crystal_id      1 
_exptl_crystal_grow.method          ? 
_exptl_crystal_grow.temp            ? 
_exptl_crystal_grow.temp_details    ? 
_exptl_crystal_grow.pH              8.50 
_exptl_crystal_grow.pdbx_pH_range   ? 
_exptl_crystal_grow.pdbx_details    '100 MM TRIS-HCL PH 8.5, 1.5 M AMMONIUM SULPHATE, 12% GLYCEROL, 10 MM ZINC SULPHATE' 
# 
_diffrn.id                     1 
_diffrn.ambient_temp           100.0 
_diffrn.ambient_temp_details   ? 
_diffrn.crystal_id             1 
# 
_diffrn_detector.diffrn_id              1 
_diffrn_detector.detector               CCD 
_diffrn_detector.type                   MARRESEARCH 
_diffrn_detector.pdbx_collection_date   2004-12-17 
_diffrn_detector.details                'TOROIDAL MIRROR' 
# 
_diffrn_radiation.diffrn_id                        1 
_diffrn_radiation.wavelength_id                    1 
_diffrn_radiation.pdbx_monochromatic_or_laue_m_l   M 
_diffrn_radiation.monochromator                    'DOUBLE CRYSTAL' 
_diffrn_radiation.pdbx_diffrn_protocol             'SINGLE WAVELENGTH' 
_diffrn_radiation.pdbx_scattering_type             x-ray 
# 
loop_
_diffrn_radiation_wavelength.id 
_diffrn_radiation_wavelength.wavelength 
_diffrn_radiation_wavelength.wt 
1 1.28191 1.0 
2 1.15872 1.0 
3 1.28271 1.0 
4 1.28194 1.0 
# 
_diffrn_source.diffrn_id                   1 
_diffrn_source.source                      SYNCHROTRON 
_diffrn_source.type                        'ESRF BEAMLINE BM16' 
_diffrn_source.pdbx_synchrotron_site       ESRF 
_diffrn_source.pdbx_synchrotron_beamline   BM16 
_diffrn_source.pdbx_wavelength             ? 
_diffrn_source.pdbx_wavelength_list        '1.28191,1.15872, 1.28271, 1.28194' 
# 
_reflns.pdbx_diffrn_id               1 
_reflns.pdbx_ordinal                 1 
_reflns.entry_id                     2BSF 
_reflns.observed_criterion_sigma_I   0.000 
_reflns.observed_criterion_sigma_F   ? 
_reflns.d_resolution_low             30.000 
_reflns.d_resolution_high            2.100 
_reflns.number_obs                   14231 
_reflns.number_all                   ? 
_reflns.percent_possible_obs         98.7 
_reflns.pdbx_Rmerge_I_obs            0.07000 
_reflns.pdbx_Rsym_value              ? 
_reflns.pdbx_netI_over_sigmaI        7.3000 
_reflns.B_iso_Wilson_estimate        28.27 
_reflns.pdbx_redundancy              7.800 
# 
_reflns_shell.pdbx_diffrn_id         1 
_reflns_shell.pdbx_ordinal           1 
_reflns_shell.d_res_high             2.10 
_reflns_shell.d_res_low              2.21 
_reflns_shell.percent_possible_all   97.7 
_reflns_shell.Rmerge_I_obs           0.29000 
_reflns_shell.pdbx_Rsym_value        ? 
_reflns_shell.meanI_over_sigI_obs    2.600 
_reflns_shell.pdbx_redundancy        8.00 
# 
_refine.pdbx_refine_id                           'X-RAY DIFFRACTION' 
_refine.entry_id                                 2BSF 
_refine.pdbx_diffrn_id                           1 
_refine.pdbx_TLS_residual_ADP_flag               ? 
_refine.ls_number_reflns_obs                     12815 
_refine.ls_number_reflns_all                     ? 
_refine.pdbx_ls_sigma_I                          ? 
_refine.pdbx_ls_sigma_F                          ? 
_refine.pdbx_data_cutoff_high_absF               ? 
_refine.pdbx_data_cutoff_low_absF                ? 
_refine.pdbx_data_cutoff_high_rms_absF           ? 
_refine.ls_d_res_low                             74.54 
_refine.ls_d_res_high                            2.10 
_refine.ls_percent_reflns_obs                    98.1 
_refine.ls_R_factor_obs                          0.167 
_refine.ls_R_factor_all                          ? 
_refine.ls_R_factor_R_work                       0.161 
_refine.ls_R_factor_R_free                       0.223 
_refine.ls_R_factor_R_free_error                 ? 
_refine.ls_R_factor_R_free_error_details         ? 
_refine.ls_percent_reflns_R_free                 10.000 
_refine.ls_number_reflns_R_free                  1416 
_refine.ls_number_parameters                     ? 
_refine.ls_number_restraints                     ? 
_refine.occupancy_min                            ? 
_refine.occupancy_max                            ? 
_refine.correlation_coeff_Fo_to_Fc               0.961 
_refine.correlation_coeff_Fo_to_Fc_free          0.927 
_refine.B_iso_mean                               25.93 
_refine.aniso_B[1][1]                            0.97000 
_refine.aniso_B[2][2]                            0.97000 
_refine.aniso_B[3][3]                            -1.46000 
_refine.aniso_B[1][2]                            0.49000 
_refine.aniso_B[1][3]                            0.00000 
_refine.aniso_B[2][3]                            0.00000 
_refine.solvent_model_details                    MASK 
_refine.solvent_model_param_ksol                 ? 
_refine.solvent_model_param_bsol                 ? 
_refine.pdbx_solvent_vdw_probe_radii             1.20 
_refine.pdbx_solvent_ion_probe_radii             0.80 
_refine.pdbx_solvent_shrinkage_radii             0.80 
_refine.pdbx_ls_cross_valid_method               THROUGHOUT 
_refine.details                                  'HYDROGENS HAVE BEEN ADDED IN THE RIDING POSITIONS.' 
_refine.pdbx_starting_model                      ? 
_refine.pdbx_method_to_determine_struct          MAD 
_refine.pdbx_isotropic_thermal_model             ? 
_refine.pdbx_stereochemistry_target_values       'MAXIMUM LIKELIHOOD' 
_refine.pdbx_stereochem_target_val_spec_case     ? 
_refine.pdbx_R_Free_selection_details            RANDOM 
_refine.pdbx_overall_ESU_R                       0.166 
_refine.pdbx_overall_ESU_R_Free                  0.167 
_refine.overall_SU_ML                            0.093 
_refine.pdbx_overall_phase_error                 ? 
_refine.overall_SU_B                             3.410 
_refine.overall_SU_R_Cruickshank_DPI             ? 
_refine.pdbx_overall_SU_R_free_Cruickshank_DPI   ? 
_refine.pdbx_overall_SU_R_Blow_DPI               ? 
_refine.pdbx_overall_SU_R_free_Blow_DPI          ? 
# 
_refine_hist.pdbx_refine_id                   'X-RAY DIFFRACTION' 
_refine_hist.cycle_id                         LAST 
_refine_hist.pdbx_number_atoms_protein        1326 
_refine_hist.pdbx_number_atoms_nucleic_acid   0 
_refine_hist.pdbx_number_atoms_ligand         16 
_refine_hist.number_atoms_solvent             164 
_refine_hist.number_atoms_total               1506 
_refine_hist.d_res_high                       2.10 
_refine_hist.d_res_low                        74.54 
# 
loop_
_refine_ls_restr.type 
_refine_ls_restr.dev_ideal 
_refine_ls_restr.dev_ideal_target 
_refine_ls_restr.weight 
_refine_ls_restr.number 
_refine_ls_restr.pdbx_refine_id 
_refine_ls_restr.pdbx_restraint_function 
r_bond_refined_d             0.015  0.021  ? 1368 'X-RAY DIFFRACTION' ? 
r_bond_other_d               ?      ?      ? ?    'X-RAY DIFFRACTION' ? 
r_angle_refined_deg          1.750  1.949  ? 1864 'X-RAY DIFFRACTION' ? 
r_angle_other_deg            ?      ?      ? ?    'X-RAY DIFFRACTION' ? 
r_dihedral_angle_1_deg       7.995  5.000  ? 175  'X-RAY DIFFRACTION' ? 
r_dihedral_angle_2_deg       37.205 22.679 ? 56   'X-RAY DIFFRACTION' ? 
r_dihedral_angle_3_deg       13.922 15.000 ? 201  'X-RAY DIFFRACTION' ? 
r_dihedral_angle_4_deg       23.996 15.000 ? 10   'X-RAY DIFFRACTION' ? 
r_chiral_restr               0.122  0.200  ? 217  'X-RAY DIFFRACTION' ? 
r_gen_planes_refined         0.007  0.020  ? 1033 'X-RAY DIFFRACTION' ? 
r_gen_planes_other           ?      ?      ? ?    'X-RAY DIFFRACTION' ? 
r_nbd_refined                0.197  0.200  ? 541  'X-RAY DIFFRACTION' ? 
r_nbd_other                  ?      ?      ? ?    'X-RAY DIFFRACTION' ? 
r_nbtor_refined              0.299  0.200  ? 944  'X-RAY DIFFRACTION' ? 
r_nbtor_other                ?      ?      ? ?    'X-RAY DIFFRACTION' ? 
r_xyhbond_nbd_refined        0.131  0.200  ? 130  'X-RAY DIFFRACTION' ? 
r_xyhbond_nbd_other          ?      ?      ? ?    'X-RAY DIFFRACTION' ? 
r_metal_ion_refined          ?      ?      ? ?    'X-RAY DIFFRACTION' ? 
r_metal_ion_other            ?      ?      ? ?    'X-RAY DIFFRACTION' ? 
r_symmetry_vdw_refined       0.160  0.200  ? 72   'X-RAY DIFFRACTION' ? 
r_symmetry_vdw_other         ?      ?      ? ?    'X-RAY DIFFRACTION' ? 
r_symmetry_hbond_refined     0.154  0.200  ? 24   'X-RAY DIFFRACTION' ? 
r_symmetry_hbond_other       ?      ?      ? ?    'X-RAY DIFFRACTION' ? 
r_symmetry_metal_ion_refined ?      ?      ? ?    'X-RAY DIFFRACTION' ? 
r_symmetry_metal_ion_other   ?      ?      ? ?    'X-RAY DIFFRACTION' ? 
r_mcbond_it                  2.142  3.000  ? 896  'X-RAY DIFFRACTION' ? 
r_mcbond_other               ?      ?      ? ?    'X-RAY DIFFRACTION' ? 
r_mcangle_it                 3.356  5.000  ? 1418 'X-RAY DIFFRACTION' ? 
r_mcangle_other              ?      ?      ? ?    'X-RAY DIFFRACTION' ? 
r_scbond_it                  5.314  7.000  ? 529  'X-RAY DIFFRACTION' ? 
r_scbond_other               ?      ?      ? ?    'X-RAY DIFFRACTION' ? 
r_scangle_it                 7.376  10.000 ? 446  'X-RAY DIFFRACTION' ? 
r_scangle_other              ?      ?      ? ?    'X-RAY DIFFRACTION' ? 
r_long_range_B_refined       ?      ?      ? ?    'X-RAY DIFFRACTION' ? 
r_long_range_B_other         ?      ?      ? ?    'X-RAY DIFFRACTION' ? 
r_rigid_bond_restr           ?      ?      ? ?    'X-RAY DIFFRACTION' ? 
r_sphericity_free            ?      ?      ? ?    'X-RAY DIFFRACTION' ? 
r_sphericity_bonded          ?      ?      ? ?    'X-RAY DIFFRACTION' ? 
# 
_refine_ls_shell.pdbx_refine_id                   'X-RAY DIFFRACTION' 
_refine_ls_shell.pdbx_total_number_of_bins_used   20 
_refine_ls_shell.d_res_high                       2.10 
_refine_ls_shell.d_res_low                        2.15 
_refine_ls_shell.number_reflns_R_work             950 
_refine_ls_shell.R_factor_R_work                  0.1840 
_refine_ls_shell.percent_reflns_obs               ? 
_refine_ls_shell.R_factor_R_free                  0.2480 
_refine_ls_shell.R_factor_R_free_error            ? 
_refine_ls_shell.percent_reflns_R_free            ? 
_refine_ls_shell.number_reflns_R_free             88 
_refine_ls_shell.number_reflns_all                ? 
_refine_ls_shell.R_factor_all                     ? 
# 
_struct.entry_id                  2BSF 
_struct.title                     
'Structure of the C-terminal receptor-binding domain of avian reovirus fibre sigmaC, Zn crystal form.' 
_struct.pdbx_model_details        ? 
_struct.pdbx_CASP_flag            ? 
_struct.pdbx_model_type_details   ? 
# 
_struct_keywords.entry_id        2BSF 
_struct_keywords.pdbx_keywords   'VIRAL PROTEIN' 
_struct_keywords.text            'ORTHOREOVIRUS, TRIPLE BETA-SPIRAL, BETA-BARREL, VIRAL PROTEIN' 
# 
loop_
_struct_asym.id 
_struct_asym.pdbx_blank_PDB_chainid_flag 
_struct_asym.pdbx_modified 
_struct_asym.entity_id 
_struct_asym.details 
A N N 1 ? 
B N N 2 ? 
C N N 2 ? 
D N N 2 ? 
E N N 3 ? 
F N N 4 ? 
# 
_struct_ref.id                         1 
_struct_ref.db_name                    UNP 
_struct_ref.db_code                    O12287_REOV9 
_struct_ref.entity_id                  1 
_struct_ref.pdbx_seq_one_letter_code   ? 
_struct_ref.pdbx_align_begin           ? 
_struct_ref.pdbx_db_accession          O12287 
_struct_ref.pdbx_db_isoform            ? 
# 
_struct_ref_seq.align_id                      1 
_struct_ref_seq.ref_id                        1 
_struct_ref_seq.pdbx_PDB_id_code              2BSF 
_struct_ref_seq.pdbx_strand_id                A 
_struct_ref_seq.seq_align_beg                 1 
_struct_ref_seq.pdbx_seq_align_beg_ins_code   ? 
_struct_ref_seq.seq_align_end                 176 
_struct_ref_seq.pdbx_seq_align_end_ins_code   ? 
_struct_ref_seq.pdbx_db_accession             O12287 
_struct_ref_seq.db_align_beg                  151 
_struct_ref_seq.pdbx_db_align_beg_ins_code    ? 
_struct_ref_seq.db_align_end                  326 
_struct_ref_seq.pdbx_db_align_end_ins_code    ? 
_struct_ref_seq.pdbx_auth_seq_align_beg       151 
_struct_ref_seq.pdbx_auth_seq_align_end       326 
# 
_pdbx_struct_assembly.id                   1 
_pdbx_struct_assembly.details              author_and_software_defined_assembly 
_pdbx_struct_assembly.method_details       PQS 
_pdbx_struct_assembly.oligomeric_details   trimeric 
_pdbx_struct_assembly.oligomeric_count     3 
# 
_pdbx_struct_assembly_gen.assembly_id       1 
_pdbx_struct_assembly_gen.oper_expression   1,2,3 
_pdbx_struct_assembly_gen.asym_id_list      A,B,C,D,E,F 
# 
loop_
_pdbx_struct_oper_list.id 
_pdbx_struct_oper_list.type 
_pdbx_struct_oper_list.name 
_pdbx_struct_oper_list.symmetry_operation 
_pdbx_struct_oper_list.matrix[1][1] 
_pdbx_struct_oper_list.matrix[1][2] 
_pdbx_struct_oper_list.matrix[1][3] 
_pdbx_struct_oper_list.vector[1] 
_pdbx_struct_oper_list.matrix[2][1] 
_pdbx_struct_oper_list.matrix[2][2] 
_pdbx_struct_oper_list.matrix[2][3] 
_pdbx_struct_oper_list.vector[2] 
_pdbx_struct_oper_list.matrix[3][1] 
_pdbx_struct_oper_list.matrix[3][2] 
_pdbx_struct_oper_list.matrix[3][3] 
_pdbx_struct_oper_list.vector[3] 
1 'identity operation'         1_555 x,y,z         1.0000000000  0.0000000000  0.0000000000  0.0000000000   0.0000000000  1.0000000000  0.0000000000  0.0000000000  0.0000000000  0.0000000000  1.0000000000 0.0000000000  
2 'crystal symmetry operation' 2_655 -y+1,x-y,z    -0.2881053519 -0.9569452567 -0.0353706365 -12.2670005621 0.3549332534  -0.0724072606 -0.9320834589 11.7475181895 0.8893917539  -0.2810924480 0.3605126125 14.3682284255 
3 'crystal symmetry operation' 3_665 -x+y+1,-x+1,z -0.2881053519 0.3549332534  0.8893917539  -20.4827572439 -0.9569452567 -0.0724072606 -0.2810924480 -6.8494418894 -0.0353706365 -0.9320834589 0.3605126125 5.3358482017 
# 
loop_
_struct_conf.conf_type_id 
_struct_conf.id 
_struct_conf.pdbx_PDB_helix_id 
_struct_conf.beg_label_comp_id 
_struct_conf.beg_label_asym_id 
_struct_conf.beg_label_seq_id 
_struct_conf.pdbx_beg_PDB_ins_code 
_struct_conf.end_label_comp_id 
_struct_conf.end_label_asym_id 
_struct_conf.end_label_seq_id 
_struct_conf.pdbx_end_PDB_ins_code 
_struct_conf.beg_auth_comp_id 
_struct_conf.beg_auth_asym_id 
_struct_conf.beg_auth_seq_id 
_struct_conf.end_auth_comp_id 
_struct_conf.end_auth_asym_id 
_struct_conf.end_auth_seq_id 
_struct_conf.pdbx_PDB_helix_class 
_struct_conf.details 
_struct_conf.pdbx_PDB_helix_length 
HELX_P HELX_P1 1 ASP A 109 ? VAL A 114 ? ASP A 259 VAL A 264 5 ? 6 
HELX_P HELX_P2 2 SER A 116 ? ALA A 121 ? SER A 266 ALA A 271 1 ? 6 
# 
_struct_conf_type.id          HELX_P 
_struct_conf_type.criteria    ? 
_struct_conf_type.reference   ? 
# 
loop_
_struct_conn.id 
_struct_conn.conn_type_id 
_struct_conn.pdbx_leaving_atom_flag 
_struct_conn.pdbx_PDB_id 
_struct_conn.ptnr1_label_asym_id 
_struct_conn.ptnr1_label_comp_id 
_struct_conn.ptnr1_label_seq_id 
_struct_conn.ptnr1_label_atom_id 
_struct_conn.pdbx_ptnr1_label_alt_id 
_struct_conn.pdbx_ptnr1_PDB_ins_code 
_struct_conn.pdbx_ptnr1_standard_comp_id 
_struct_conn.ptnr1_symmetry 
_struct_conn.ptnr2_label_asym_id 
_struct_conn.ptnr2_label_comp_id 
_struct_conn.ptnr2_label_seq_id 
_struct_conn.ptnr2_label_atom_id 
_struct_conn.pdbx_ptnr2_label_alt_id 
_struct_conn.pdbx_ptnr2_PDB_ins_code 
_struct_conn.ptnr1_auth_asym_id 
_struct_conn.ptnr1_auth_comp_id 
_struct_conn.ptnr1_auth_seq_id 
_struct_conn.ptnr2_auth_asym_id 
_struct_conn.ptnr2_auth_comp_id 
_struct_conn.ptnr2_auth_seq_id 
_struct_conn.ptnr2_symmetry 
_struct_conn.pdbx_ptnr3_label_atom_id 
_struct_conn.pdbx_ptnr3_label_seq_id 
_struct_conn.pdbx_ptnr3_label_comp_id 
_struct_conn.pdbx_ptnr3_label_asym_id 
_struct_conn.pdbx_ptnr3_label_alt_id 
_struct_conn.pdbx_ptnr3_PDB_ins_code 
_struct_conn.details 
_struct_conn.pdbx_dist_value 
_struct_conn.pdbx_value_order 
_struct_conn.pdbx_role 
metalc1 metalc ? ? A GLU 3   OE2 ? ? ? 1_555 E ZN  . ZN ? ? A GLU 153  A ZN  1330 1_555 ? ? ? ? ? ? ? 1.976 ? ? 
metalc2 metalc ? ? A HIS 8   NE2 ? ? ? 1_555 E ZN  . ZN ? ? A HIS 158  A ZN  1330 1_555 ? ? ? ? ? ? ? 2.075 ? ? 
metalc3 metalc ? ? A HIS 137 ND1 ? ? ? 1_556 E ZN  . ZN ? ? A HIS 287  A ZN  1330 1_555 ? ? ? ? ? ? ? 2.248 ? ? 
metalc4 metalc ? ? E ZN  .   ZN  ? ? ? 1_555 F HOH . O  ? ? A ZN  1330 A HOH 2164 1_555 ? ? ? ? ? ? ? 2.644 ? ? 
# 
_struct_conn_type.id          metalc 
_struct_conn_type.criteria    ? 
_struct_conn_type.reference   ? 
# 
loop_
_pdbx_struct_conn_angle.id 
_pdbx_struct_conn_angle.ptnr1_label_atom_id 
_pdbx_struct_conn_angle.ptnr1_label_alt_id 
_pdbx_struct_conn_angle.ptnr1_label_asym_id 
_pdbx_struct_conn_angle.ptnr1_label_comp_id 
_pdbx_struct_conn_angle.ptnr1_label_seq_id 
_pdbx_struct_conn_angle.ptnr1_auth_atom_id 
_pdbx_struct_conn_angle.ptnr1_auth_asym_id 
_pdbx_struct_conn_angle.ptnr1_auth_comp_id 
_pdbx_struct_conn_angle.ptnr1_auth_seq_id 
_pdbx_struct_conn_angle.ptnr1_PDB_ins_code 
_pdbx_struct_conn_angle.ptnr1_symmetry 
_pdbx_struct_conn_angle.ptnr2_label_atom_id 
_pdbx_struct_conn_angle.ptnr2_label_alt_id 
_pdbx_struct_conn_angle.ptnr2_label_asym_id 
_pdbx_struct_conn_angle.ptnr2_label_comp_id 
_pdbx_struct_conn_angle.ptnr2_label_seq_id 
_pdbx_struct_conn_angle.ptnr2_auth_atom_id 
_pdbx_struct_conn_angle.ptnr2_auth_asym_id 
_pdbx_struct_conn_angle.ptnr2_auth_comp_id 
_pdbx_struct_conn_angle.ptnr2_auth_seq_id 
_pdbx_struct_conn_angle.ptnr2_PDB_ins_code 
_pdbx_struct_conn_angle.ptnr2_symmetry 
_pdbx_struct_conn_angle.ptnr3_label_atom_id 
_pdbx_struct_conn_angle.ptnr3_label_alt_id 
_pdbx_struct_conn_angle.ptnr3_label_asym_id 
_pdbx_struct_conn_angle.ptnr3_label_comp_id 
_pdbx_struct_conn_angle.ptnr3_label_seq_id 
_pdbx_struct_conn_angle.ptnr3_auth_atom_id 
_pdbx_struct_conn_angle.ptnr3_auth_asym_id 
_pdbx_struct_conn_angle.ptnr3_auth_comp_id 
_pdbx_struct_conn_angle.ptnr3_auth_seq_id 
_pdbx_struct_conn_angle.ptnr3_PDB_ins_code 
_pdbx_struct_conn_angle.ptnr3_symmetry 
_pdbx_struct_conn_angle.value 
_pdbx_struct_conn_angle.value_esd 
1 OE2 ? A GLU 3   ? A GLU 153 ? 1_555 ZN ? E ZN . ? A ZN 1330 ? 1_555 NE2 ? A HIS 8   ? A HIS 158  ? 1_555 116.4 ? 
2 OE2 ? A GLU 3   ? A GLU 153 ? 1_555 ZN ? E ZN . ? A ZN 1330 ? 1_555 ND1 ? A HIS 137 ? A HIS 287  ? 1_556 112.9 ? 
3 NE2 ? A HIS 8   ? A HIS 158 ? 1_555 ZN ? E ZN . ? A ZN 1330 ? 1_555 ND1 ? A HIS 137 ? A HIS 287  ? 1_556 95.3  ? 
4 OE2 ? A GLU 3   ? A GLU 153 ? 1_555 ZN ? E ZN . ? A ZN 1330 ? 1_555 O   ? F HOH .   ? A HOH 2164 ? 1_555 115.7 ? 
5 NE2 ? A HIS 8   ? A HIS 158 ? 1_555 ZN ? E ZN . ? A ZN 1330 ? 1_555 O   ? F HOH .   ? A HOH 2164 ? 1_555 108.7 ? 
6 ND1 ? A HIS 137 ? A HIS 287 ? 1_556 ZN ? E ZN . ? A ZN 1330 ? 1_555 O   ? F HOH .   ? A HOH 2164 ? 1_555 105.7 ? 
# 
_struct_mon_prot_cis.pdbx_id                1 
_struct_mon_prot_cis.label_comp_id          PRO 
_struct_mon_prot_cis.label_seq_id           14 
_struct_mon_prot_cis.label_asym_id          A 
_struct_mon_prot_cis.label_alt_id           . 
_struct_mon_prot_cis.pdbx_PDB_ins_code      ? 
_struct_mon_prot_cis.auth_comp_id           PRO 
_struct_mon_prot_cis.auth_seq_id            164 
_struct_mon_prot_cis.auth_asym_id           A 
_struct_mon_prot_cis.pdbx_label_comp_id_2   PRO 
_struct_mon_prot_cis.pdbx_label_seq_id_2    15 
_struct_mon_prot_cis.pdbx_label_asym_id_2   A 
_struct_mon_prot_cis.pdbx_PDB_ins_code_2    ? 
_struct_mon_prot_cis.pdbx_auth_comp_id_2    PRO 
_struct_mon_prot_cis.pdbx_auth_seq_id_2     165 
_struct_mon_prot_cis.pdbx_auth_asym_id_2    A 
_struct_mon_prot_cis.pdbx_PDB_model_num     1 
_struct_mon_prot_cis.pdbx_omega_angle       8.13 
# 
loop_
_struct_sheet.id 
_struct_sheet.type 
_struct_sheet.number_strands 
_struct_sheet.details 
AA ? 2 ? 
AB ? 2 ? 
AC ? 5 ? 
AD ? 7 ? 
# 
loop_
_struct_sheet_order.sheet_id 
_struct_sheet_order.range_id_1 
_struct_sheet_order.range_id_2 
_struct_sheet_order.offset 
_struct_sheet_order.sense 
AA 1 2 ? anti-parallel 
AB 1 2 ? anti-parallel 
AC 1 2 ? anti-parallel 
AC 2 3 ? anti-parallel 
AC 3 4 ? anti-parallel 
AC 4 5 ? anti-parallel 
AD 1 2 ? anti-parallel 
AD 2 3 ? anti-parallel 
AD 3 4 ? anti-parallel 
AD 4 5 ? anti-parallel 
AD 5 6 ? anti-parallel 
AD 6 7 ? anti-parallel 
# 
loop_
_struct_sheet_range.sheet_id 
_struct_sheet_range.id 
_struct_sheet_range.beg_label_comp_id 
_struct_sheet_range.beg_label_asym_id 
_struct_sheet_range.beg_label_seq_id 
_struct_sheet_range.pdbx_beg_PDB_ins_code 
_struct_sheet_range.end_label_comp_id 
_struct_sheet_range.end_label_asym_id 
_struct_sheet_range.end_label_seq_id 
_struct_sheet_range.pdbx_end_PDB_ins_code 
_struct_sheet_range.beg_auth_comp_id 
_struct_sheet_range.beg_auth_asym_id 
_struct_sheet_range.beg_auth_seq_id 
_struct_sheet_range.end_auth_comp_id 
_struct_sheet_range.end_auth_asym_id 
_struct_sheet_range.end_auth_seq_id 
AA 1 LEU A 16  ? ALA A 19  ? LEU A 166 ALA A 169 
AA 2 VAL A 22  ? LEU A 25  ? VAL A 172 LEU A 175 
AB 1 CYS A 32  ? GLN A 34  ? CYS A 182 GLN A 184 
AB 2 LEU A 38  ? SER A 40  ? LEU A 188 SER A 190 
AC 1 LEU A 87  ? VAL A 89  ? LEU A 237 VAL A 239 
AC 2 ALA A 163 ? ASP A 175 ? ALA A 313 ASP A 325 
AC 3 ARG A 76  ? THR A 84  ? ARG A 226 THR A 234 
AC 4 THR A 63  ? HIS A 73  ? THR A 213 HIS A 223 
AC 5 GLN A 46  ? ASN A 58  ? GLN A 196 ASN A 208 
AD 1 LEU A 87  ? VAL A 89  ? LEU A 237 VAL A 239 
AD 2 ALA A 163 ? ASP A 175 ? ALA A 313 ASP A 325 
AD 3 PHE A 124 ? ARG A 132 ? PHE A 274 ARG A 282 
AD 4 ALA A 135 ? SER A 147 ? ALA A 285 SER A 297 
AD 5 VAL A 150 ? PRO A 156 ? VAL A 300 PRO A 306 
AD 6 VAL A 93  ? ASP A 99  ? VAL A 243 ASP A 249 
AD 7 GLN A 46  ? ASN A 58  ? GLN A 196 ASN A 208 
# 
loop_
_pdbx_struct_sheet_hbond.sheet_id 
_pdbx_struct_sheet_hbond.range_id_1 
_pdbx_struct_sheet_hbond.range_id_2 
_pdbx_struct_sheet_hbond.range_1_label_atom_id 
_pdbx_struct_sheet_hbond.range_1_label_comp_id 
_pdbx_struct_sheet_hbond.range_1_label_asym_id 
_pdbx_struct_sheet_hbond.range_1_label_seq_id 
_pdbx_struct_sheet_hbond.range_1_PDB_ins_code 
_pdbx_struct_sheet_hbond.range_1_auth_atom_id 
_pdbx_struct_sheet_hbond.range_1_auth_comp_id 
_pdbx_struct_sheet_hbond.range_1_auth_asym_id 
_pdbx_struct_sheet_hbond.range_1_auth_seq_id 
_pdbx_struct_sheet_hbond.range_2_label_atom_id 
_pdbx_struct_sheet_hbond.range_2_label_comp_id 
_pdbx_struct_sheet_hbond.range_2_label_asym_id 
_pdbx_struct_sheet_hbond.range_2_label_seq_id 
_pdbx_struct_sheet_hbond.range_2_PDB_ins_code 
_pdbx_struct_sheet_hbond.range_2_auth_atom_id 
_pdbx_struct_sheet_hbond.range_2_auth_comp_id 
_pdbx_struct_sheet_hbond.range_2_auth_asym_id 
_pdbx_struct_sheet_hbond.range_2_auth_seq_id 
AA 1 2 N ALA A 19  ? N ALA A 169 O VAL A 22  ? O VAL A 172 
AB 1 2 N SER A 33  ? N SER A 183 O THR A 39  ? O THR A 189 
AC 1 2 N VAL A 89  ? N VAL A 239 O ALA A 163 ? O ALA A 313 
AC 2 3 N ILE A 174 ? N ILE A 324 O THR A 77  ? O THR A 227 
AC 3 4 N THR A 84  ? N THR A 234 O ASP A 65  ? O ASP A 215 
AC 4 5 N CYS A 72  ? N CYS A 222 O GLN A 46  ? O GLN A 196 
AD 1 2 N VAL A 89  ? N VAL A 239 O ALA A 163 ? O ALA A 313 
AD 2 3 N ARG A 171 ? N ARG A 321 O ASP A 127 ? O ASP A 277 
AD 3 4 N ARG A 132 ? N ARG A 282 O ALA A 135 ? O ALA A 285 
AD 4 5 N SER A 146 ? N SER A 296 O VAL A 150 ? O VAL A 300 
AD 5 6 N PHE A 155 ? N PHE A 305 O VAL A 94  ? O VAL A 244 
AD 6 7 N THR A 97  ? N THR A 247 O ARG A 55  ? O ARG A 205 
# 
loop_
_struct_site.id 
_struct_site.pdbx_evidence_code 
_struct_site.pdbx_auth_asym_id 
_struct_site.pdbx_auth_comp_id 
_struct_site.pdbx_auth_seq_id 
_struct_site.pdbx_auth_ins_code 
_struct_site.pdbx_num_residues 
_struct_site.details 
AC1 Software A SO4 1327 ? 6 'BINDING SITE FOR RESIDUE SO4 A 1327' 
AC2 Software A SO4 1328 ? 4 'BINDING SITE FOR RESIDUE SO4 A 1328' 
AC3 Software A SO4 1329 ? 3 'BINDING SITE FOR RESIDUE SO4 A 1329' 
AC4 Software A ZN  1330 ? 4 'BINDING SITE FOR RESIDUE ZN A 1330'  
# 
loop_
_struct_site_gen.id 
_struct_site_gen.site_id 
_struct_site_gen.pdbx_num_res 
_struct_site_gen.label_comp_id 
_struct_site_gen.label_asym_id 
_struct_site_gen.label_seq_id 
_struct_site_gen.pdbx_auth_ins_code 
_struct_site_gen.auth_comp_id 
_struct_site_gen.auth_asym_id 
_struct_site_gen.auth_seq_id 
_struct_site_gen.label_atom_id 
_struct_site_gen.label_alt_id 
_struct_site_gen.symmetry 
_struct_site_gen.details 
1  AC1 6 ARG A 51  ? ARG A 201  . ? 4_555 ? 
2  AC1 6 ASP A 133 ? ASP A 283  . ? 1_555 ? 
3  AC1 6 SER A 134 ? SER A 284  . ? 1_555 ? 
4  AC1 6 ARG A 166 ? ARG A 316  . ? 1_555 ? 
5  AC1 6 HOH F .   ? HOH A 2161 . ? 1_555 ? 
6  AC1 6 HOH F .   ? HOH A 2162 . ? 1_555 ? 
7  AC2 4 ARG A 75  ? ARG A 225  . ? 1_555 ? 
8  AC2 4 ALA A 111 ? ALA A 261  . ? 1_555 ? 
9  AC2 4 ARG A 112 ? ARG A 262  . ? 1_555 ? 
10 AC2 4 HOH F .   ? HOH A 2021 . ? 1_555 ? 
11 AC3 3 SER A 147 ? SER A 297  . ? 1_555 ? 
12 AC3 3 SER A 148 ? SER A 298  . ? 1_555 ? 
13 AC3 3 HOH F .   ? HOH A 2139 . ? 1_555 ? 
14 AC4 4 GLU A 3   ? GLU A 153  . ? 1_555 ? 
15 AC4 4 HIS A 8   ? HIS A 158  . ? 1_555 ? 
16 AC4 4 HIS A 137 ? HIS A 287  . ? 1_556 ? 
17 AC4 4 HOH F .   ? HOH A 2164 . ? 1_555 ? 
# 
loop_
_pdbx_validate_torsion.id 
_pdbx_validate_torsion.PDB_model_num 
_pdbx_validate_torsion.auth_comp_id 
_pdbx_validate_torsion.auth_asym_id 
_pdbx_validate_torsion.auth_seq_id 
_pdbx_validate_torsion.PDB_ins_code 
_pdbx_validate_torsion.label_alt_id 
_pdbx_validate_torsion.phi 
_pdbx_validate_torsion.psi 
1 1 LEU A 152 ? ? 46.90   -19.94  
2 1 VAL A 186 ? ? 67.48   -61.41  
3 1 ASN A 208 ? ? -171.64 137.15  
4 1 SER A 210 ? ? -173.44 139.74  
5 1 HIS A 255 ? ? 80.30   -153.98 
6 1 ILE A 256 ? ? 153.22  93.93   
# 
_pdbx_validate_peptide_omega.id               1 
_pdbx_validate_peptide_omega.PDB_model_num    1 
_pdbx_validate_peptide_omega.auth_comp_id_1   THR 
_pdbx_validate_peptide_omega.auth_asym_id_1   A 
_pdbx_validate_peptide_omega.auth_seq_id_1    254 
_pdbx_validate_peptide_omega.PDB_ins_code_1   ? 
_pdbx_validate_peptide_omega.label_alt_id_1   ? 
_pdbx_validate_peptide_omega.auth_comp_id_2   HIS 
_pdbx_validate_peptide_omega.auth_asym_id_2   A 
_pdbx_validate_peptide_omega.auth_seq_id_2    255 
_pdbx_validate_peptide_omega.PDB_ins_code_2   ? 
_pdbx_validate_peptide_omega.label_alt_id_2   ? 
_pdbx_validate_peptide_omega.omega            -127.60 
# 
_pdbx_struct_special_symmetry.id              1 
_pdbx_struct_special_symmetry.PDB_model_num   1 
_pdbx_struct_special_symmetry.auth_asym_id    A 
_pdbx_struct_special_symmetry.auth_comp_id    HOH 
_pdbx_struct_special_symmetry.auth_seq_id     2005 
_pdbx_struct_special_symmetry.PDB_ins_code    ? 
_pdbx_struct_special_symmetry.label_asym_id   F 
_pdbx_struct_special_symmetry.label_comp_id   HOH 
_pdbx_struct_special_symmetry.label_seq_id    . 
# 
_pdbx_database_remark.id     700 
_pdbx_database_remark.text   
;
SHEET
THE SHEET STRUCTURE OF THIS MOLECULE IS BIFURCATED. IN
ORDER TO REPRESENT THIS FEATURE IN THE SHEET RECORDS BELOW,
TWO SHEETS ARE DEFINED.
;
# 
loop_
_chem_comp_atom.comp_id 
_chem_comp_atom.atom_id 
_chem_comp_atom.type_symbol 
_chem_comp_atom.pdbx_aromatic_flag 
_chem_comp_atom.pdbx_stereo_config 
_chem_comp_atom.pdbx_ordinal 
ALA N    N  N N 1   
ALA CA   C  N S 2   
ALA C    C  N N 3   
ALA O    O  N N 4   
ALA CB   C  N N 5   
ALA OXT  O  N N 6   
ALA H    H  N N 7   
ALA H2   H  N N 8   
ALA HA   H  N N 9   
ALA HB1  H  N N 10  
ALA HB2  H  N N 11  
ALA HB3  H  N N 12  
ALA HXT  H  N N 13  
ARG N    N  N N 14  
ARG CA   C  N S 15  
ARG C    C  N N 16  
ARG O    O  N N 17  
ARG CB   C  N N 18  
ARG CG   C  N N 19  
ARG CD   C  N N 20  
ARG NE   N  N N 21  
ARG CZ   C  N N 22  
ARG NH1  N  N N 23  
ARG NH2  N  N N 24  
ARG OXT  O  N N 25  
ARG H    H  N N 26  
ARG H2   H  N N 27  
ARG HA   H  N N 28  
ARG HB2  H  N N 29  
ARG HB3  H  N N 30  
ARG HG2  H  N N 31  
ARG HG3  H  N N 32  
ARG HD2  H  N N 33  
ARG HD3  H  N N 34  
ARG HE   H  N N 35  
ARG HH11 H  N N 36  
ARG HH12 H  N N 37  
ARG HH21 H  N N 38  
ARG HH22 H  N N 39  
ARG HXT  H  N N 40  
ASN N    N  N N 41  
ASN CA   C  N S 42  
ASN C    C  N N 43  
ASN O    O  N N 44  
ASN CB   C  N N 45  
ASN CG   C  N N 46  
ASN OD1  O  N N 47  
ASN ND2  N  N N 48  
ASN OXT  O  N N 49  
ASN H    H  N N 50  
ASN H2   H  N N 51  
ASN HA   H  N N 52  
ASN HB2  H  N N 53  
ASN HB3  H  N N 54  
ASN HD21 H  N N 55  
ASN HD22 H  N N 56  
ASN HXT  H  N N 57  
ASP N    N  N N 58  
ASP CA   C  N S 59  
ASP C    C  N N 60  
ASP O    O  N N 61  
ASP CB   C  N N 62  
ASP CG   C  N N 63  
ASP OD1  O  N N 64  
ASP OD2  O  N N 65  
ASP OXT  O  N N 66  
ASP H    H  N N 67  
ASP H2   H  N N 68  
ASP HA   H  N N 69  
ASP HB2  H  N N 70  
ASP HB3  H  N N 71  
ASP HD2  H  N N 72  
ASP HXT  H  N N 73  
CYS N    N  N N 74  
CYS CA   C  N R 75  
CYS C    C  N N 76  
CYS O    O  N N 77  
CYS CB   C  N N 78  
CYS SG   S  N N 79  
CYS OXT  O  N N 80  
CYS H    H  N N 81  
CYS H2   H  N N 82  
CYS HA   H  N N 83  
CYS HB2  H  N N 84  
CYS HB3  H  N N 85  
CYS HG   H  N N 86  
CYS HXT  H  N N 87  
GLN N    N  N N 88  
GLN CA   C  N S 89  
GLN C    C  N N 90  
GLN O    O  N N 91  
GLN CB   C  N N 92  
GLN CG   C  N N 93  
GLN CD   C  N N 94  
GLN OE1  O  N N 95  
GLN NE2  N  N N 96  
GLN OXT  O  N N 97  
GLN H    H  N N 98  
GLN H2   H  N N 99  
GLN HA   H  N N 100 
GLN HB2  H  N N 101 
GLN HB3  H  N N 102 
GLN HG2  H  N N 103 
GLN HG3  H  N N 104 
GLN HE21 H  N N 105 
GLN HE22 H  N N 106 
GLN HXT  H  N N 107 
GLU N    N  N N 108 
GLU CA   C  N S 109 
GLU C    C  N N 110 
GLU O    O  N N 111 
GLU CB   C  N N 112 
GLU CG   C  N N 113 
GLU CD   C  N N 114 
GLU OE1  O  N N 115 
GLU OE2  O  N N 116 
GLU OXT  O  N N 117 
GLU H    H  N N 118 
GLU H2   H  N N 119 
GLU HA   H  N N 120 
GLU HB2  H  N N 121 
GLU HB3  H  N N 122 
GLU HG2  H  N N 123 
GLU HG3  H  N N 124 
GLU HE2  H  N N 125 
GLU HXT  H  N N 126 
GLY N    N  N N 127 
GLY CA   C  N N 128 
GLY C    C  N N 129 
GLY O    O  N N 130 
GLY OXT  O  N N 131 
GLY H    H  N N 132 
GLY H2   H  N N 133 
GLY HA2  H  N N 134 
GLY HA3  H  N N 135 
GLY HXT  H  N N 136 
HIS N    N  N N 137 
HIS CA   C  N S 138 
HIS C    C  N N 139 
HIS O    O  N N 140 
HIS CB   C  N N 141 
HIS CG   C  Y N 142 
HIS ND1  N  Y N 143 
HIS CD2  C  Y N 144 
HIS CE1  C  Y N 145 
HIS NE2  N  Y N 146 
HIS OXT  O  N N 147 
HIS H    H  N N 148 
HIS H2   H  N N 149 
HIS HA   H  N N 150 
HIS HB2  H  N N 151 
HIS HB3  H  N N 152 
HIS HD1  H  N N 153 
HIS HD2  H  N N 154 
HIS HE1  H  N N 155 
HIS HE2  H  N N 156 
HIS HXT  H  N N 157 
HOH O    O  N N 158 
HOH H1   H  N N 159 
HOH H2   H  N N 160 
ILE N    N  N N 161 
ILE CA   C  N S 162 
ILE C    C  N N 163 
ILE O    O  N N 164 
ILE CB   C  N S 165 
ILE CG1  C  N N 166 
ILE CG2  C  N N 167 
ILE CD1  C  N N 168 
ILE OXT  O  N N 169 
ILE H    H  N N 170 
ILE H2   H  N N 171 
ILE HA   H  N N 172 
ILE HB   H  N N 173 
ILE HG12 H  N N 174 
ILE HG13 H  N N 175 
ILE HG21 H  N N 176 
ILE HG22 H  N N 177 
ILE HG23 H  N N 178 
ILE HD11 H  N N 179 
ILE HD12 H  N N 180 
ILE HD13 H  N N 181 
ILE HXT  H  N N 182 
LEU N    N  N N 183 
LEU CA   C  N S 184 
LEU C    C  N N 185 
LEU O    O  N N 186 
LEU CB   C  N N 187 
LEU CG   C  N N 188 
LEU CD1  C  N N 189 
LEU CD2  C  N N 190 
LEU OXT  O  N N 191 
LEU H    H  N N 192 
LEU H2   H  N N 193 
LEU HA   H  N N 194 
LEU HB2  H  N N 195 
LEU HB3  H  N N 196 
LEU HG   H  N N 197 
LEU HD11 H  N N 198 
LEU HD12 H  N N 199 
LEU HD13 H  N N 200 
LEU HD21 H  N N 201 
LEU HD22 H  N N 202 
LEU HD23 H  N N 203 
LEU HXT  H  N N 204 
MET N    N  N N 205 
MET CA   C  N S 206 
MET C    C  N N 207 
MET O    O  N N 208 
MET CB   C  N N 209 
MET CG   C  N N 210 
MET SD   S  N N 211 
MET CE   C  N N 212 
MET OXT  O  N N 213 
MET H    H  N N 214 
MET H2   H  N N 215 
MET HA   H  N N 216 
MET HB2  H  N N 217 
MET HB3  H  N N 218 
MET HG2  H  N N 219 
MET HG3  H  N N 220 
MET HE1  H  N N 221 
MET HE2  H  N N 222 
MET HE3  H  N N 223 
MET HXT  H  N N 224 
PHE N    N  N N 225 
PHE CA   C  N S 226 
PHE C    C  N N 227 
PHE O    O  N N 228 
PHE CB   C  N N 229 
PHE CG   C  Y N 230 
PHE CD1  C  Y N 231 
PHE CD2  C  Y N 232 
PHE CE1  C  Y N 233 
PHE CE2  C  Y N 234 
PHE CZ   C  Y N 235 
PHE OXT  O  N N 236 
PHE H    H  N N 237 
PHE H2   H  N N 238 
PHE HA   H  N N 239 
PHE HB2  H  N N 240 
PHE HB3  H  N N 241 
PHE HD1  H  N N 242 
PHE HD2  H  N N 243 
PHE HE1  H  N N 244 
PHE HE2  H  N N 245 
PHE HZ   H  N N 246 
PHE HXT  H  N N 247 
PRO N    N  N N 248 
PRO CA   C  N S 249 
PRO C    C  N N 250 
PRO O    O  N N 251 
PRO CB   C  N N 252 
PRO CG   C  N N 253 
PRO CD   C  N N 254 
PRO OXT  O  N N 255 
PRO H    H  N N 256 
PRO HA   H  N N 257 
PRO HB2  H  N N 258 
PRO HB3  H  N N 259 
PRO HG2  H  N N 260 
PRO HG3  H  N N 261 
PRO HD2  H  N N 262 
PRO HD3  H  N N 263 
PRO HXT  H  N N 264 
SER N    N  N N 265 
SER CA   C  N S 266 
SER C    C  N N 267 
SER O    O  N N 268 
SER CB   C  N N 269 
SER OG   O  N N 270 
SER OXT  O  N N 271 
SER H    H  N N 272 
SER H2   H  N N 273 
SER HA   H  N N 274 
SER HB2  H  N N 275 
SER HB3  H  N N 276 
SER HG   H  N N 277 
SER HXT  H  N N 278 
SO4 S    S  N N 279 
SO4 O1   O  N N 280 
SO4 O2   O  N N 281 
SO4 O3   O  N N 282 
SO4 O4   O  N N 283 
THR N    N  N N 284 
THR CA   C  N S 285 
THR C    C  N N 286 
THR O    O  N N 287 
THR CB   C  N R 288 
THR OG1  O  N N 289 
THR CG2  C  N N 290 
THR OXT  O  N N 291 
THR H    H  N N 292 
THR H2   H  N N 293 
THR HA   H  N N 294 
THR HB   H  N N 295 
THR HG1  H  N N 296 
THR HG21 H  N N 297 
THR HG22 H  N N 298 
THR HG23 H  N N 299 
THR HXT  H  N N 300 
TRP N    N  N N 301 
TRP CA   C  N S 302 
TRP C    C  N N 303 
TRP O    O  N N 304 
TRP CB   C  N N 305 
TRP CG   C  Y N 306 
TRP CD1  C  Y N 307 
TRP CD2  C  Y N 308 
TRP NE1  N  Y N 309 
TRP CE2  C  Y N 310 
TRP CE3  C  Y N 311 
TRP CZ2  C  Y N 312 
TRP CZ3  C  Y N 313 
TRP CH2  C  Y N 314 
TRP OXT  O  N N 315 
TRP H    H  N N 316 
TRP H2   H  N N 317 
TRP HA   H  N N 318 
TRP HB2  H  N N 319 
TRP HB3  H  N N 320 
TRP HD1  H  N N 321 
TRP HE1  H  N N 322 
TRP HE3  H  N N 323 
TRP HZ2  H  N N 324 
TRP HZ3  H  N N 325 
TRP HH2  H  N N 326 
TRP HXT  H  N N 327 
TYR N    N  N N 328 
TYR CA   C  N S 329 
TYR C    C  N N 330 
TYR O    O  N N 331 
TYR CB   C  N N 332 
TYR CG   C  Y N 333 
TYR CD1  C  Y N 334 
TYR CD2  C  Y N 335 
TYR CE1  C  Y N 336 
TYR CE2  C  Y N 337 
TYR CZ   C  Y N 338 
TYR OH   O  N N 339 
TYR OXT  O  N N 340 
TYR H    H  N N 341 
TYR H2   H  N N 342 
TYR HA   H  N N 343 
TYR HB2  H  N N 344 
TYR HB3  H  N N 345 
TYR HD1  H  N N 346 
TYR HD2  H  N N 347 
TYR HE1  H  N N 348 
TYR HE2  H  N N 349 
TYR HH   H  N N 350 
TYR HXT  H  N N 351 
VAL N    N  N N 352 
VAL CA   C  N S 353 
VAL C    C  N N 354 
VAL O    O  N N 355 
VAL CB   C  N N 356 
VAL CG1  C  N N 357 
VAL CG2  C  N N 358 
VAL OXT  O  N N 359 
VAL H    H  N N 360 
VAL H2   H  N N 361 
VAL HA   H  N N 362 
VAL HB   H  N N 363 
VAL HG11 H  N N 364 
VAL HG12 H  N N 365 
VAL HG13 H  N N 366 
VAL HG21 H  N N 367 
VAL HG22 H  N N 368 
VAL HG23 H  N N 369 
VAL HXT  H  N N 370 
ZN  ZN   ZN N N 371 
# 
loop_
_chem_comp_bond.comp_id 
_chem_comp_bond.atom_id_1 
_chem_comp_bond.atom_id_2 
_chem_comp_bond.value_order 
_chem_comp_bond.pdbx_aromatic_flag 
_chem_comp_bond.pdbx_stereo_config 
_chem_comp_bond.pdbx_ordinal 
ALA N   CA   sing N N 1   
ALA N   H    sing N N 2   
ALA N   H2   sing N N 3   
ALA CA  C    sing N N 4   
ALA CA  CB   sing N N 5   
ALA CA  HA   sing N N 6   
ALA C   O    doub N N 7   
ALA C   OXT  sing N N 8   
ALA CB  HB1  sing N N 9   
ALA CB  HB2  sing N N 10  
ALA CB  HB3  sing N N 11  
ALA OXT HXT  sing N N 12  
ARG N   CA   sing N N 13  
ARG N   H    sing N N 14  
ARG N   H2   sing N N 15  
ARG CA  C    sing N N 16  
ARG CA  CB   sing N N 17  
ARG CA  HA   sing N N 18  
ARG C   O    doub N N 19  
ARG C   OXT  sing N N 20  
ARG CB  CG   sing N N 21  
ARG CB  HB2  sing N N 22  
ARG CB  HB3  sing N N 23  
ARG CG  CD   sing N N 24  
ARG CG  HG2  sing N N 25  
ARG CG  HG3  sing N N 26  
ARG CD  NE   sing N N 27  
ARG CD  HD2  sing N N 28  
ARG CD  HD3  sing N N 29  
ARG NE  CZ   sing N N 30  
ARG NE  HE   sing N N 31  
ARG CZ  NH1  sing N N 32  
ARG CZ  NH2  doub N N 33  
ARG NH1 HH11 sing N N 34  
ARG NH1 HH12 sing N N 35  
ARG NH2 HH21 sing N N 36  
ARG NH2 HH22 sing N N 37  
ARG OXT HXT  sing N N 38  
ASN N   CA   sing N N 39  
ASN N   H    sing N N 40  
ASN N   H2   sing N N 41  
ASN CA  C    sing N N 42  
ASN CA  CB   sing N N 43  
ASN CA  HA   sing N N 44  
ASN C   O    doub N N 45  
ASN C   OXT  sing N N 46  
ASN CB  CG   sing N N 47  
ASN CB  HB2  sing N N 48  
ASN CB  HB3  sing N N 49  
ASN CG  OD1  doub N N 50  
ASN CG  ND2  sing N N 51  
ASN ND2 HD21 sing N N 52  
ASN ND2 HD22 sing N N 53  
ASN OXT HXT  sing N N 54  
ASP N   CA   sing N N 55  
ASP N   H    sing N N 56  
ASP N   H2   sing N N 57  
ASP CA  C    sing N N 58  
ASP CA  CB   sing N N 59  
ASP CA  HA   sing N N 60  
ASP C   O    doub N N 61  
ASP C   OXT  sing N N 62  
ASP CB  CG   sing N N 63  
ASP CB  HB2  sing N N 64  
ASP CB  HB3  sing N N 65  
ASP CG  OD1  doub N N 66  
ASP CG  OD2  sing N N 67  
ASP OD2 HD2  sing N N 68  
ASP OXT HXT  sing N N 69  
CYS N   CA   sing N N 70  
CYS N   H    sing N N 71  
CYS N   H2   sing N N 72  
CYS CA  C    sing N N 73  
CYS CA  CB   sing N N 74  
CYS CA  HA   sing N N 75  
CYS C   O    doub N N 76  
CYS C   OXT  sing N N 77  
CYS CB  SG   sing N N 78  
CYS CB  HB2  sing N N 79  
CYS CB  HB3  sing N N 80  
CYS SG  HG   sing N N 81  
CYS OXT HXT  sing N N 82  
GLN N   CA   sing N N 83  
GLN N   H    sing N N 84  
GLN N   H2   sing N N 85  
GLN CA  C    sing N N 86  
GLN CA  CB   sing N N 87  
GLN CA  HA   sing N N 88  
GLN C   O    doub N N 89  
GLN C   OXT  sing N N 90  
GLN CB  CG   sing N N 91  
GLN CB  HB2  sing N N 92  
GLN CB  HB3  sing N N 93  
GLN CG  CD   sing N N 94  
GLN CG  HG2  sing N N 95  
GLN CG  HG3  sing N N 96  
GLN CD  OE1  doub N N 97  
GLN CD  NE2  sing N N 98  
GLN NE2 HE21 sing N N 99  
GLN NE2 HE22 sing N N 100 
GLN OXT HXT  sing N N 101 
GLU N   CA   sing N N 102 
GLU N   H    sing N N 103 
GLU N   H2   sing N N 104 
GLU CA  C    sing N N 105 
GLU CA  CB   sing N N 106 
GLU CA  HA   sing N N 107 
GLU C   O    doub N N 108 
GLU C   OXT  sing N N 109 
GLU CB  CG   sing N N 110 
GLU CB  HB2  sing N N 111 
GLU CB  HB3  sing N N 112 
GLU CG  CD   sing N N 113 
GLU CG  HG2  sing N N 114 
GLU CG  HG3  sing N N 115 
GLU CD  OE1  doub N N 116 
GLU CD  OE2  sing N N 117 
GLU OE2 HE2  sing N N 118 
GLU OXT HXT  sing N N 119 
GLY N   CA   sing N N 120 
GLY N   H    sing N N 121 
GLY N   H2   sing N N 122 
GLY CA  C    sing N N 123 
GLY CA  HA2  sing N N 124 
GLY CA  HA3  sing N N 125 
GLY C   O    doub N N 126 
GLY C   OXT  sing N N 127 
GLY OXT HXT  sing N N 128 
HIS N   CA   sing N N 129 
HIS N   H    sing N N 130 
HIS N   H2   sing N N 131 
HIS CA  C    sing N N 132 
HIS CA  CB   sing N N 133 
HIS CA  HA   sing N N 134 
HIS C   O    doub N N 135 
HIS C   OXT  sing N N 136 
HIS CB  CG   sing N N 137 
HIS CB  HB2  sing N N 138 
HIS CB  HB3  sing N N 139 
HIS CG  ND1  sing Y N 140 
HIS CG  CD2  doub Y N 141 
HIS ND1 CE1  doub Y N 142 
HIS ND1 HD1  sing N N 143 
HIS CD2 NE2  sing Y N 144 
HIS CD2 HD2  sing N N 145 
HIS CE1 NE2  sing Y N 146 
HIS CE1 HE1  sing N N 147 
HIS NE2 HE2  sing N N 148 
HIS OXT HXT  sing N N 149 
HOH O   H1   sing N N 150 
HOH O   H2   sing N N 151 
ILE N   CA   sing N N 152 
ILE N   H    sing N N 153 
ILE N   H2   sing N N 154 
ILE CA  C    sing N N 155 
ILE CA  CB   sing N N 156 
ILE CA  HA   sing N N 157 
ILE C   O    doub N N 158 
ILE C   OXT  sing N N 159 
ILE CB  CG1  sing N N 160 
ILE CB  CG2  sing N N 161 
ILE CB  HB   sing N N 162 
ILE CG1 CD1  sing N N 163 
ILE CG1 HG12 sing N N 164 
ILE CG1 HG13 sing N N 165 
ILE CG2 HG21 sing N N 166 
ILE CG2 HG22 sing N N 167 
ILE CG2 HG23 sing N N 168 
ILE CD1 HD11 sing N N 169 
ILE CD1 HD12 sing N N 170 
ILE CD1 HD13 sing N N 171 
ILE OXT HXT  sing N N 172 
LEU N   CA   sing N N 173 
LEU N   H    sing N N 174 
LEU N   H2   sing N N 175 
LEU CA  C    sing N N 176 
LEU CA  CB   sing N N 177 
LEU CA  HA   sing N N 178 
LEU C   O    doub N N 179 
LEU C   OXT  sing N N 180 
LEU CB  CG   sing N N 181 
LEU CB  HB2  sing N N 182 
LEU CB  HB3  sing N N 183 
LEU CG  CD1  sing N N 184 
LEU CG  CD2  sing N N 185 
LEU CG  HG   sing N N 186 
LEU CD1 HD11 sing N N 187 
LEU CD1 HD12 sing N N 188 
LEU CD1 HD13 sing N N 189 
LEU CD2 HD21 sing N N 190 
LEU CD2 HD22 sing N N 191 
LEU CD2 HD23 sing N N 192 
LEU OXT HXT  sing N N 193 
MET N   CA   sing N N 194 
MET N   H    sing N N 195 
MET N   H2   sing N N 196 
MET CA  C    sing N N 197 
MET CA  CB   sing N N 198 
MET CA  HA   sing N N 199 
MET C   O    doub N N 200 
MET C   OXT  sing N N 201 
MET CB  CG   sing N N 202 
MET CB  HB2  sing N N 203 
MET CB  HB3  sing N N 204 
MET CG  SD   sing N N 205 
MET CG  HG2  sing N N 206 
MET CG  HG3  sing N N 207 
MET SD  CE   sing N N 208 
MET CE  HE1  sing N N 209 
MET CE  HE2  sing N N 210 
MET CE  HE3  sing N N 211 
MET OXT HXT  sing N N 212 
PHE N   CA   sing N N 213 
PHE N   H    sing N N 214 
PHE N   H2   sing N N 215 
PHE CA  C    sing N N 216 
PHE CA  CB   sing N N 217 
PHE CA  HA   sing N N 218 
PHE C   O    doub N N 219 
PHE C   OXT  sing N N 220 
PHE CB  CG   sing N N 221 
PHE CB  HB2  sing N N 222 
PHE CB  HB3  sing N N 223 
PHE CG  CD1  doub Y N 224 
PHE CG  CD2  sing Y N 225 
PHE CD1 CE1  sing Y N 226 
PHE CD1 HD1  sing N N 227 
PHE CD2 CE2  doub Y N 228 
PHE CD2 HD2  sing N N 229 
PHE CE1 CZ   doub Y N 230 
PHE CE1 HE1  sing N N 231 
PHE CE2 CZ   sing Y N 232 
PHE CE2 HE2  sing N N 233 
PHE CZ  HZ   sing N N 234 
PHE OXT HXT  sing N N 235 
PRO N   CA   sing N N 236 
PRO N   CD   sing N N 237 
PRO N   H    sing N N 238 
PRO CA  C    sing N N 239 
PRO CA  CB   sing N N 240 
PRO CA  HA   sing N N 241 
PRO C   O    doub N N 242 
PRO C   OXT  sing N N 243 
PRO CB  CG   sing N N 244 
PRO CB  HB2  sing N N 245 
PRO CB  HB3  sing N N 246 
PRO CG  CD   sing N N 247 
PRO CG  HG2  sing N N 248 
PRO CG  HG3  sing N N 249 
PRO CD  HD2  sing N N 250 
PRO CD  HD3  sing N N 251 
PRO OXT HXT  sing N N 252 
SER N   CA   sing N N 253 
SER N   H    sing N N 254 
SER N   H2   sing N N 255 
SER CA  C    sing N N 256 
SER CA  CB   sing N N 257 
SER CA  HA   sing N N 258 
SER C   O    doub N N 259 
SER C   OXT  sing N N 260 
SER CB  OG   sing N N 261 
SER CB  HB2  sing N N 262 
SER CB  HB3  sing N N 263 
SER OG  HG   sing N N 264 
SER OXT HXT  sing N N 265 
SO4 S   O1   doub N N 266 
SO4 S   O2   doub N N 267 
SO4 S   O3   sing N N 268 
SO4 S   O4   sing N N 269 
THR N   CA   sing N N 270 
THR N   H    sing N N 271 
THR N   H2   sing N N 272 
THR CA  C    sing N N 273 
THR CA  CB   sing N N 274 
THR CA  HA   sing N N 275 
THR C   O    doub N N 276 
THR C   OXT  sing N N 277 
THR CB  OG1  sing N N 278 
THR CB  CG2  sing N N 279 
THR CB  HB   sing N N 280 
THR OG1 HG1  sing N N 281 
THR CG2 HG21 sing N N 282 
THR CG2 HG22 sing N N 283 
THR CG2 HG23 sing N N 284 
THR OXT HXT  sing N N 285 
TRP N   CA   sing N N 286 
TRP N   H    sing N N 287 
TRP N   H2   sing N N 288 
TRP CA  C    sing N N 289 
TRP CA  CB   sing N N 290 
TRP CA  HA   sing N N 291 
TRP C   O    doub N N 292 
TRP C   OXT  sing N N 293 
TRP CB  CG   sing N N 294 
TRP CB  HB2  sing N N 295 
TRP CB  HB3  sing N N 296 
TRP CG  CD1  doub Y N 297 
TRP CG  CD2  sing Y N 298 
TRP CD1 NE1  sing Y N 299 
TRP CD1 HD1  sing N N 300 
TRP CD2 CE2  doub Y N 301 
TRP CD2 CE3  sing Y N 302 
TRP NE1 CE2  sing Y N 303 
TRP NE1 HE1  sing N N 304 
TRP CE2 CZ2  sing Y N 305 
TRP CE3 CZ3  doub Y N 306 
TRP CE3 HE3  sing N N 307 
TRP CZ2 CH2  doub Y N 308 
TRP CZ2 HZ2  sing N N 309 
TRP CZ3 CH2  sing Y N 310 
TRP CZ3 HZ3  sing N N 311 
TRP CH2 HH2  sing N N 312 
TRP OXT HXT  sing N N 313 
TYR N   CA   sing N N 314 
TYR N   H    sing N N 315 
TYR N   H2   sing N N 316 
TYR CA  C    sing N N 317 
TYR CA  CB   sing N N 318 
TYR CA  HA   sing N N 319 
TYR C   O    doub N N 320 
TYR C   OXT  sing N N 321 
TYR CB  CG   sing N N 322 
TYR CB  HB2  sing N N 323 
TYR CB  HB3  sing N N 324 
TYR CG  CD1  doub Y N 325 
TYR CG  CD2  sing Y N 326 
TYR CD1 CE1  sing Y N 327 
TYR CD1 HD1  sing N N 328 
TYR CD2 CE2  doub Y N 329 
TYR CD2 HD2  sing N N 330 
TYR CE1 CZ   doub Y N 331 
TYR CE1 HE1  sing N N 332 
TYR CE2 CZ   sing Y N 333 
TYR CE2 HE2  sing N N 334 
TYR CZ  OH   sing N N 335 
TYR OH  HH   sing N N 336 
TYR OXT HXT  sing N N 337 
VAL N   CA   sing N N 338 
VAL N   H    sing N N 339 
VAL N   H2   sing N N 340 
VAL CA  C    sing N N 341 
VAL CA  CB   sing N N 342 
VAL CA  HA   sing N N 343 
VAL C   O    doub N N 344 
VAL C   OXT  sing N N 345 
VAL CB  CG1  sing N N 346 
VAL CB  CG2  sing N N 347 
VAL CB  HB   sing N N 348 
VAL CG1 HG11 sing N N 349 
VAL CG1 HG12 sing N N 350 
VAL CG1 HG13 sing N N 351 
VAL CG2 HG21 sing N N 352 
VAL CG2 HG22 sing N N 353 
VAL CG2 HG23 sing N N 354 
VAL OXT HXT  sing N N 355 
# 
_atom_sites.entry_id                    2BSF 
_atom_sites.fract_transf_matrix[1][1]   -0.00309265 
_atom_sites.fract_transf_matrix[1][2]   -0.01304566 
_atom_sites.fract_transf_matrix[1][3]   -0.00766142 
_atom_sites.fract_transf_matrix[2][1]   0.01055338 
_atom_sites.fract_transf_matrix[2][2]   -0.00605778 
_atom_sites.fract_transf_matrix[2][3]   -0.00950710 
_atom_sites.fract_transf_matrix[3][1]   0.00503564 
_atom_sites.fract_transf_matrix[3][2]   -0.00715335 
_atom_sites.fract_transf_matrix[3][3]   0.01014782 
_atom_sites.fract_transf_vector[1]      0.704523 
_atom_sites.fract_transf_vector[2]      0.520875 
_atom_sites.fract_transf_vector[3]      0.271075 
# 
loop_
_atom_type.symbol 
C  
N  
O  
S  
ZN 
# 
loop_
_atom_site.group_PDB 
_atom_site.id 
_atom_site.type_symbol 
_atom_site.label_atom_id 
_atom_site.label_alt_id 
_atom_site.label_comp_id 
_atom_site.label_asym_id 
_atom_site.label_entity_id 
_atom_site.label_seq_id 
_atom_site.pdbx_PDB_ins_code 
_atom_site.Cartn_x 
_atom_site.Cartn_y 
_atom_site.Cartn_z 
_atom_site.occupancy 
_atom_site.B_iso_or_equiv 
_atom_site.pdbx_formal_charge 
_atom_site.auth_seq_id 
_atom_site.auth_comp_id 
_atom_site.auth_asym_id 
_atom_site.auth_atom_id 
_atom_site.pdbx_PDB_model_num 
ATOM   1    N  N   . SER A 1 1   ? 8.161   -38.371 44.068  1.00 58.50 ? 151  SER A N   1 
ATOM   2    C  CA  . SER A 1 1   ? 9.482   -37.669 44.132  1.00 53.35 ? 151  SER A CA  1 
ATOM   3    C  C   . SER A 1 1   ? 9.446   -36.141 43.959  1.00 51.73 ? 151  SER A C   1 
ATOM   4    O  O   . SER A 1 1   ? 9.294   -35.609 42.831  1.00 55.22 ? 151  SER A O   1 
ATOM   5    C  CB  . SER A 1 1   ? 10.496  -38.304 43.172  1.00 56.55 ? 151  SER A CB  1 
ATOM   6    O  OG  . SER A 1 1   ? 11.490  -39.016 43.891  1.00 46.33 ? 151  SER A OG  1 
ATOM   7    N  N   . LEU A 1 2   ? 9.471   -35.493 45.126  1.00 44.47 ? 152  LEU A N   1 
ATOM   8    C  CA  . LEU A 1 2   ? 9.963   -34.122 45.456  1.00 39.11 ? 152  LEU A CA  1 
ATOM   9    C  C   . LEU A 1 2   ? 9.631   -32.852 44.653  1.00 38.46 ? 152  LEU A C   1 
ATOM   10   O  O   . LEU A 1 2   ? 9.760   -31.733 45.177  1.00 33.14 ? 152  LEU A O   1 
ATOM   11   C  CB  . LEU A 1 2   ? 11.432  -34.134 45.943  1.00 37.12 ? 152  LEU A CB  1 
ATOM   12   C  CG  . LEU A 1 2   ? 11.656  -34.525 47.419  1.00 43.84 ? 152  LEU A CG  1 
ATOM   13   C  CD1 . LEU A 1 2   ? 10.782  -35.733 47.891  1.00 28.90 ? 152  LEU A CD1 1 
ATOM   14   C  CD2 . LEU A 1 2   ? 13.128  -34.746 47.786  1.00 36.37 ? 152  LEU A CD2 1 
ATOM   15   N  N   . GLU A 1 3   ? 9.211   -33.020 43.401  1.00 37.23 ? 153  GLU A N   1 
ATOM   16   C  CA  . GLU A 1 3   ? 8.759   -31.891 42.604  1.00 35.83 ? 153  GLU A CA  1 
ATOM   17   C  C   . GLU A 1 3   ? 7.325   -31.538 42.948  1.00 37.20 ? 153  GLU A C   1 
ATOM   18   O  O   . GLU A 1 3   ? 6.561   -32.378 43.439  1.00 37.08 ? 153  GLU A O   1 
ATOM   19   C  CB  . GLU A 1 3   ? 8.837   -32.250 41.134  1.00 33.05 ? 153  GLU A CB  1 
ATOM   20   C  CG  . GLU A 1 3   ? 10.220  -32.070 40.596  1.00 28.61 ? 153  GLU A CG  1 
ATOM   21   C  CD  . GLU A 1 3   ? 10.411  -32.766 39.288  1.00 32.29 ? 153  GLU A CD  1 
ATOM   22   O  OE1 . GLU A 1 3   ? 9.423   -33.184 38.636  1.00 33.54 ? 153  GLU A OE1 1 
ATOM   23   O  OE2 . GLU A 1 3   ? 11.572  -32.890 38.903  1.00 34.39 ? 153  GLU A OE2 1 
ATOM   24   N  N   . SER A 1 4   ? 6.974   -30.286 42.691  1.00 36.96 ? 154  SER A N   1 
ATOM   25   C  CA  . SER A 1 4   ? 5.600   -29.859 42.691  1.00 36.77 ? 154  SER A CA  1 
ATOM   26   C  C   . SER A 1 4   ? 5.194   -29.615 41.229  1.00 36.55 ? 154  SER A C   1 
ATOM   27   O  O   . SER A 1 4   ? 6.018   -29.766 40.314  1.00 33.64 ? 154  SER A O   1 
ATOM   28   C  CB  . SER A 1 4   ? 5.419   -28.612 43.569  1.00 38.08 ? 154  SER A CB  1 
ATOM   29   O  OG  . SER A 1 4   ? 5.664   -27.418 42.855  1.00 41.21 ? 154  SER A OG  1 
ATOM   30   N  N   . THR A 1 5   ? 3.927   -29.269 41.011  1.00 34.79 ? 155  THR A N   1 
ATOM   31   C  CA  . THR A 1 5   ? 3.439   -28.956 39.672  1.00 36.68 ? 155  THR A CA  1 
ATOM   32   C  C   . THR A 1 5   ? 4.139   -27.699 39.132  1.00 35.24 ? 155  THR A C   1 
ATOM   33   O  O   . THR A 1 5   ? 4.124   -27.462 37.929  1.00 36.80 ? 155  THR A O   1 
ATOM   34   C  CB  . THR A 1 5   ? 1.886   -28.761 39.630  1.00 35.70 ? 155  THR A CB  1 
ATOM   35   O  OG1 . THR A 1 5   ? 1.512   -27.783 40.601  1.00 43.06 ? 155  THR A OG1 1 
ATOM   36   C  CG2 . THR A 1 5   ? 1.137   -30.051 39.910  1.00 34.93 ? 155  THR A CG2 1 
ATOM   37   N  N   . ALA A 1 6   ? 4.765   -26.924 40.025  1.00 34.43 ? 156  ALA A N   1 
ATOM   38   C  CA  . ALA A 1 6   ? 5.535   -25.719 39.658  1.00 36.40 ? 156  ALA A CA  1 
ATOM   39   C  C   . ALA A 1 6   ? 7.015   -25.910 39.260  1.00 37.43 ? 156  ALA A C   1 
ATOM   40   O  O   . ALA A 1 6   ? 7.605   -25.025 38.629  1.00 37.40 ? 156  ALA A O   1 
ATOM   41   C  CB  . ALA A 1 6   ? 5.451   -24.703 40.786  1.00 37.80 ? 156  ALA A CB  1 
ATOM   42   N  N   . SER A 1 7   ? 7.609   -27.037 39.661  1.00 36.25 ? 157  SER A N   1 
ATOM   43   C  CA  . SER A 1 7   ? 9.046   -27.306 39.470  1.00 35.63 ? 157  SER A CA  1 
ATOM   44   C  C   . SER A 1 7   ? 9.547   -27.108 38.032  1.00 34.47 ? 157  SER A C   1 
ATOM   45   O  O   . SER A 1 7   ? 10.548  -26.419 37.803  1.00 30.30 ? 157  SER A O   1 
ATOM   46   C  CB  . SER A 1 7   ? 9.388   -28.731 39.922  1.00 33.37 ? 157  SER A CB  1 
ATOM   47   O  OG  . SER A 1 7   ? 9.145   -28.859 41.300  1.00 32.81 ? 157  SER A OG  1 
ATOM   48   N  N   . HIS A 1 8   ? 8.862   -27.737 37.082  1.00 34.10 ? 158  HIS A N   1 
ATOM   49   C  CA  . HIS A 1 8   ? 9.287   -27.674 35.687  1.00 36.23 ? 158  HIS A CA  1 
ATOM   50   C  C   . HIS A 1 8   ? 9.152   -26.315 35.011  1.00 38.72 ? 158  HIS A C   1 
ATOM   51   O  O   . HIS A 1 8   ? 9.816   -26.068 33.999  1.00 41.24 ? 158  HIS A O   1 
ATOM   52   C  CB  . HIS A 1 8   ? 8.617   -28.756 34.884  1.00 35.33 ? 158  HIS A CB  1 
ATOM   53   C  CG  . HIS A 1 8   ? 9.187   -30.106 35.155  1.00 38.36 ? 158  HIS A CG  1 
ATOM   54   N  ND1 . HIS A 1 8   ? 8.820   -31.220 34.442  1.00 35.83 ? 158  HIS A ND1 1 
ATOM   55   C  CD2 . HIS A 1 8   ? 10.108  -30.518 36.060  1.00 29.17 ? 158  HIS A CD2 1 
ATOM   56   C  CE1 . HIS A 1 8   ? 9.476   -32.269 34.902  1.00 41.79 ? 158  HIS A CE1 1 
ATOM   57   N  NE2 . HIS A 1 8   ? 10.260  -31.868 35.889  1.00 43.04 ? 158  HIS A NE2 1 
ATOM   58   N  N   . GLY A 1 9   ? 8.312   -25.444 35.575  1.00 38.58 ? 159  GLY A N   1 
ATOM   59   C  CA  . GLY A 1 9   ? 8.211   -24.060 35.106  1.00 41.71 ? 159  GLY A CA  1 
ATOM   60   C  C   . GLY A 1 9   ? 7.425   -23.865 33.810  1.00 42.00 ? 159  GLY A C   1 
ATOM   61   O  O   . GLY A 1 9   ? 7.124   -24.827 33.074  1.00 43.07 ? 159  GLY A O   1 
ATOM   62   N  N   . LEU A 1 10  ? 7.096   -22.605 33.536  1.00 41.57 ? 160  LEU A N   1 
ATOM   63   C  CA  . LEU A 1 10  ? 6.330   -22.248 32.351  1.00 40.92 ? 160  LEU A CA  1 
ATOM   64   C  C   . LEU A 1 10  ? 7.232   -21.646 31.275  1.00 41.12 ? 160  LEU A C   1 
ATOM   65   O  O   . LEU A 1 10  ? 8.181   -20.888 31.549  1.00 41.87 ? 160  LEU A O   1 
ATOM   66   C  CB  . LEU A 1 10  ? 5.177   -21.301 32.684  1.00 39.94 ? 160  LEU A CB  1 
ATOM   67   C  CG  . LEU A 1 10  ? 4.211   -21.634 33.820  1.00 42.09 ? 160  LEU A CG  1 
ATOM   68   C  CD1 . LEU A 1 10  ? 4.742   -21.044 35.127  1.00 61.75 ? 160  LEU A CD1 1 
ATOM   69   C  CD2 . LEU A 1 10  ? 2.853   -21.075 33.561  1.00 38.88 ? 160  LEU A CD2 1 
ATOM   70   N  N   . SER A 1 11  ? 6.917   -22.022 30.049  1.00 38.93 ? 161  SER A N   1 
ATOM   71   C  CA  . SER A 1 11  ? 7.541   -21.486 28.869  1.00 40.60 ? 161  SER A CA  1 
ATOM   72   C  C   . SER A 1 11  ? 6.511   -20.493 28.231  1.00 38.49 ? 161  SER A C   1 
ATOM   73   O  O   . SER A 1 11  ? 5.291   -20.666 28.389  1.00 34.11 ? 161  SER A O   1 
ATOM   74   C  CB  . SER A 1 11  ? 7.879   -22.663 27.949  1.00 38.82 ? 161  SER A CB  1 
ATOM   75   O  OG  . SER A 1 11  ? 8.421   -22.259 26.708  1.00 52.18 ? 161  SER A OG  1 
ATOM   76   N  N   . PHE A 1 12  ? 7.006   -19.446 27.568  1.00 36.31 ? 162  PHE A N   1 
ATOM   77   C  CA  . PHE A 1 12  ? 6.137   -18.425 26.960  1.00 35.68 ? 162  PHE A CA  1 
ATOM   78   C  C   . PHE A 1 12  ? 6.422   -18.259 25.478  1.00 34.73 ? 162  PHE A C   1 
ATOM   79   O  O   . PHE A 1 12  ? 7.525   -17.876 25.081  1.00 34.60 ? 162  PHE A O   1 
ATOM   80   C  CB  . PHE A 1 12  ? 6.236   -17.101 27.713  1.00 34.92 ? 162  PHE A CB  1 
ATOM   81   C  CG  . PHE A 1 12  ? 5.667   -17.177 29.088  1.00 35.21 ? 162  PHE A CG  1 
ATOM   82   C  CD1 . PHE A 1 12  ? 4.315   -16.956 29.306  1.00 31.04 ? 162  PHE A CD1 1 
ATOM   83   C  CD2 . PHE A 1 12  ? 6.477   -17.539 30.170  1.00 37.52 ? 162  PHE A CD2 1 
ATOM   84   C  CE1 . PHE A 1 12  ? 3.775   -17.065 30.588  1.00 32.73 ? 162  PHE A CE1 1 
ATOM   85   C  CE2 . PHE A 1 12  ? 5.952   -17.651 31.441  1.00 27.68 ? 162  PHE A CE2 1 
ATOM   86   C  CZ  . PHE A 1 12  ? 4.602   -17.424 31.657  1.00 35.12 ? 162  PHE A CZ  1 
ATOM   87   N  N   . SER A 1 13  ? 5.418   -18.594 24.679  1.00 35.49 ? 163  SER A N   1 
ATOM   88   C  CA  . SER A 1 13  ? 5.475   -18.502 23.215  1.00 35.02 ? 163  SER A CA  1 
ATOM   89   C  C   . SER A 1 13  ? 5.164   -17.086 22.691  1.00 32.91 ? 163  SER A C   1 
ATOM   90   O  O   . SER A 1 13  ? 4.180   -16.476 23.117  1.00 33.12 ? 163  SER A O   1 
ATOM   91   C  CB  . SER A 1 13  ? 4.474   -19.471 22.606  1.00 33.03 ? 163  SER A CB  1 
ATOM   92   O  OG  . SER A 1 13  ? 4.957   -20.788 22.723  1.00 45.57 ? 163  SER A OG  1 
ATOM   93   N  N   . PRO A 1 14  ? 5.971   -16.591 21.728  1.00 32.39 ? 164  PRO A N   1 
ATOM   94   C  CA  . PRO A 1 14  ? 5.733   -15.271 21.084  1.00 30.22 ? 164  PRO A CA  1 
ATOM   95   C  C   . PRO A 1 14  ? 4.263   -15.112 20.612  1.00 26.32 ? 164  PRO A C   1 
ATOM   96   O  O   . PRO A 1 14  ? 3.685   -16.068 20.084  1.00 23.32 ? 164  PRO A O   1 
ATOM   97   C  CB  . PRO A 1 14  ? 6.695   -15.269 19.890  1.00 29.72 ? 164  PRO A CB  1 
ATOM   98   C  CG  . PRO A 1 14  ? 7.825   -16.191 20.317  1.00 35.63 ? 164  PRO A CG  1 
ATOM   99   C  CD  . PRO A 1 14  ? 7.158   -17.280 21.169  1.00 33.92 ? 164  PRO A CD  1 
ATOM   100  N  N   . PRO A 1 15  ? 3.653   -13.918 20.814  1.00 24.32 ? 165  PRO A N   1 
ATOM   101  C  CA  . PRO A 1 15  ? 4.182   -12.629 21.284  1.00 23.60 ? 165  PRO A CA  1 
ATOM   102  C  C   . PRO A 1 15  ? 4.271   -12.466 22.808  1.00 25.96 ? 165  PRO A C   1 
ATOM   103  O  O   . PRO A 1 15  ? 4.511   -11.352 23.277  1.00 27.82 ? 165  PRO A O   1 
ATOM   104  C  CB  . PRO A 1 15  ? 3.165   -11.632 20.725  1.00 23.38 ? 165  PRO A CB  1 
ATOM   105  C  CG  . PRO A 1 15  ? 1.885   -12.401 20.785  1.00 22.82 ? 165  PRO A CG  1 
ATOM   106  C  CD  . PRO A 1 15  ? 2.212   -13.830 20.515  1.00 24.19 ? 165  PRO A CD  1 
ATOM   107  N  N   . LEU A 1 16  ? 4.056   -13.548 23.564  1.00 24.18 ? 166  LEU A N   1 
ATOM   108  C  CA  . LEU A 1 16  ? 4.335   -13.538 25.013  1.00 27.32 ? 166  LEU A CA  1 
ATOM   109  C  C   . LEU A 1 16  ? 5.812   -13.817 25.231  1.00 25.08 ? 166  LEU A C   1 
ATOM   110  O  O   . LEU A 1 16  ? 6.406   -14.613 24.517  1.00 26.20 ? 166  LEU A O   1 
ATOM   111  C  CB  . LEU A 1 16  ? 3.512   -14.582 25.765  1.00 25.37 ? 166  LEU A CB  1 
ATOM   112  C  CG  . LEU A 1 16  ? 1.996   -14.531 25.612  1.00 25.20 ? 166  LEU A CG  1 
ATOM   113  C  CD1 . LEU A 1 16  ? 1.372   -15.739 26.286  1.00 32.42 ? 166  LEU A CD1 1 
ATOM   114  C  CD2 . LEU A 1 16  ? 1.444   -13.238 26.172  1.00 23.03 ? 166  LEU A CD2 1 
ATOM   115  N  N   . SER A 1 17  ? 6.412   -13.154 26.207  1.00 27.72 ? 167  SER A N   1 
ATOM   116  C  CA  . SER A 1 17  ? 7.810   -13.418 26.527  1.00 30.19 ? 167  SER A CA  1 
ATOM   117  C  C   . SER A 1 17  ? 8.026   -13.187 28.021  1.00 33.87 ? 167  SER A C   1 
ATOM   118  O  O   . SER A 1 17  ? 7.287   -12.410 28.634  1.00 33.89 ? 167  SER A O   1 
ATOM   119  C  CB  . SER A 1 17  ? 8.728   -12.519 25.704  1.00 30.91 ? 167  SER A CB  1 
ATOM   120  O  OG  . SER A 1 17  ? 8.448   -11.152 25.968  1.00 31.79 ? 167  SER A OG  1 
ATOM   121  N  N   . VAL A 1 18  ? 9.010   -13.883 28.609  1.00 35.19 ? 168  VAL A N   1 
ATOM   122  C  CA  . VAL A 1 18  ? 9.407   -13.652 30.018  1.00 35.63 ? 168  VAL A CA  1 
ATOM   123  C  C   . VAL A 1 18  ? 10.865  -13.149 30.091  1.00 35.46 ? 168  VAL A C   1 
ATOM   124  O  O   . VAL A 1 18  ? 11.721  -13.587 29.318  1.00 35.76 ? 168  VAL A O   1 
ATOM   125  C  CB  . VAL A 1 18  ? 9.125   -14.904 30.955  1.00 35.53 ? 168  VAL A CB  1 
ATOM   126  C  CG1 . VAL A 1 18  ? 9.880   -16.154 30.487  1.00 36.22 ? 168  VAL A CG1 1 
ATOM   127  C  CG2 . VAL A 1 18  ? 9.432   -14.584 32.466  1.00 31.21 ? 168  VAL A CG2 1 
ATOM   128  N  N   . ALA A 1 19  ? 11.126  -12.206 30.993  1.00 36.15 ? 169  ALA A N   1 
ATOM   129  C  CA  . ALA A 1 19  ? 12.474  -11.752 31.274  1.00 38.39 ? 169  ALA A CA  1 
ATOM   130  C  C   . ALA A 1 19  ? 12.538  -11.409 32.747  1.00 40.67 ? 169  ALA A C   1 
ATOM   131  O  O   . ALA A 1 19  ? 11.786  -10.552 33.204  1.00 40.36 ? 169  ALA A O   1 
ATOM   132  C  CB  . ALA A 1 19  ? 12.813  -10.520 30.435  1.00 42.15 ? 169  ALA A CB  1 
ATOM   133  N  N   . ASP A 1 20  ? 13.421  -12.078 33.496  1.00 41.67 ? 170  ASP A N   1 
ATOM   134  C  CA  . ASP A 1 20  ? 13.623  -11.763 34.923  1.00 42.39 ? 170  ASP A CA  1 
ATOM   135  C  C   . ASP A 1 20  ? 12.367  -12.000 35.738  1.00 40.14 ? 170  ASP A C   1 
ATOM   136  O  O   . ASP A 1 20  ? 12.076  -11.232 36.651  1.00 40.97 ? 170  ASP A O   1 
ATOM   137  C  CB  . ASP A 1 20  ? 14.017  -10.292 35.117  1.00 45.22 ? 170  ASP A CB  1 
ATOM   138  C  CG  . ASP A 1 20  ? 15.484  -10.017 34.840  1.00 56.21 ? 170  ASP A CG  1 
ATOM   139  O  OD1 . ASP A 1 20  ? 16.149  -10.807 34.129  1.00 66.84 ? 170  ASP A OD1 1 
ATOM   140  O  OD2 . ASP A 1 20  ? 15.968  -8.978  35.342  1.00 64.00 ? 170  ASP A OD2 1 
ATOM   141  N  N   . GLY A 1 21  ? 11.624  -13.049 35.399  1.00 39.52 ? 171  GLY A N   1 
ATOM   142  C  CA  . GLY A 1 21  ? 10.337  -13.350 36.034  1.00 38.02 ? 171  GLY A CA  1 
ATOM   143  C  C   . GLY A 1 21  ? 9.215   -12.364 35.714  1.00 37.80 ? 171  GLY A C   1 
ATOM   144  O  O   . GLY A 1 21  ? 8.174   -12.384 36.372  1.00 37.51 ? 171  GLY A O   1 
ATOM   145  N  N   . VAL A 1 22  ? 9.428   -11.485 34.733  1.00 35.98 ? 172  VAL A N   1 
ATOM   146  C  CA  . VAL A 1 22  ? 8.373   -10.550 34.321  1.00 35.69 ? 172  VAL A CA  1 
ATOM   147  C  C   . VAL A 1 22  ? 7.846   -10.966 32.941  1.00 33.97 ? 172  VAL A C   1 
ATOM   148  O  O   . VAL A 1 22  ? 8.594   -11.015 31.967  1.00 33.00 ? 172  VAL A O   1 
ATOM   149  C  CB  . VAL A 1 22  ? 8.838   -9.075  34.302  1.00 36.46 ? 172  VAL A CB  1 
ATOM   150  C  CG1 . VAL A 1 22  ? 7.719   -8.201  33.790  1.00 34.41 ? 172  VAL A CG1 1 
ATOM   151  C  CG2 . VAL A 1 22  ? 9.265   -8.610  35.701  1.00 35.91 ? 172  VAL A CG2 1 
ATOM   152  N  N   . VAL A 1 23  ? 6.565   -11.311 32.893  1.00 33.86 ? 173  VAL A N   1 
ATOM   153  C  CA  . VAL A 1 23  ? 5.932   -11.790 31.677  1.00 33.10 ? 173  VAL A CA  1 
ATOM   154  C  C   . VAL A 1 23  ? 5.256   -10.612 30.961  1.00 31.84 ? 173  VAL A C   1 
ATOM   155  O  O   . VAL A 1 23  ? 4.500   -9.849  31.574  1.00 27.60 ? 173  VAL A O   1 
ATOM   156  C  CB  . VAL A 1 23  ? 4.920   -12.890 31.974  1.00 34.26 ? 173  VAL A CB  1 
ATOM   157  C  CG1 . VAL A 1 23  ? 4.332   -13.445 30.662  1.00 31.83 ? 173  VAL A CG1 1 
ATOM   158  C  CG2 . VAL A 1 23  ? 5.579   -14.001 32.795  1.00 33.76 ? 173  VAL A CG2 1 
ATOM   159  N  N   . SER A 1 24  ? 5.567   -10.474 29.672  1.00 31.34 ? 174  SER A N   1 
ATOM   160  C  CA  . SER A 1 24  ? 5.094   -9.355  28.857  1.00 31.77 ? 174  SER A CA  1 
ATOM   161  C  C   . SER A 1 24  ? 4.395   -9.847  27.597  1.00 29.99 ? 174  SER A C   1 
ATOM   162  O  O   . SER A 1 24  ? 4.680   -10.937 27.125  1.00 28.50 ? 174  SER A O   1 
ATOM   163  C  CB  . SER A 1 24  ? 6.285   -8.502  28.445  1.00 30.80 ? 174  SER A CB  1 
ATOM   164  O  OG  . SER A 1 24  ? 6.681   -7.690  29.526  1.00 41.07 ? 174  SER A OG  1 
ATOM   165  N  N   . LEU A 1 25  ? 3.467   -9.037  27.069  1.00 30.41 ? 175  LEU A N   1 
ATOM   166  C  CA  . LEU A 1 25  ? 3.035   -9.161  25.665  1.00 26.64 ? 175  LEU A CA  1 
ATOM   167  C  C   . LEU A 1 25  ? 3.842   -8.156  24.837  1.00 26.65 ? 175  LEU A C   1 
ATOM   168  O  O   . LEU A 1 25  ? 3.775   -6.962  25.062  1.00 25.21 ? 175  LEU A O   1 
ATOM   169  C  CB  . LEU A 1 25  ? 1.527   -8.892  25.515  1.00 26.70 ? 175  LEU A CB  1 
ATOM   170  C  CG  . LEU A 1 25  ? 0.942   -8.843  24.094  1.00 29.56 ? 175  LEU A CG  1 
ATOM   171  C  CD1 . LEU A 1 25  ? 0.853   -10.255 23.529  1.00 24.14 ? 175  LEU A CD1 1 
ATOM   172  C  CD2 . LEU A 1 25  ? -0.424  -8.134  24.060  1.00 24.65 ? 175  LEU A CD2 1 
ATOM   173  N  N   . ASP A 1 26  ? 4.634   -8.661  23.900  1.00 25.39 ? 176  ASP A N   1 
ATOM   174  C  CA  . ASP A 1 26  ? 5.301   -7.826  22.916  1.00 24.07 ? 176  ASP A CA  1 
ATOM   175  C  C   . ASP A 1 26  ? 4.304   -7.280  21.861  1.00 22.00 ? 176  ASP A C   1 
ATOM   176  O  O   . ASP A 1 26  ? 3.626   -8.048  21.210  1.00 20.41 ? 176  ASP A O   1 
ATOM   177  C  CB  . ASP A 1 26  ? 6.401   -8.659  22.256  1.00 23.32 ? 176  ASP A CB  1 
ATOM   178  C  CG  . ASP A 1 26  ? 7.460   -9.097  23.268  1.00 32.76 ? 176  ASP A CG  1 
ATOM   179  O  OD1 . ASP A 1 26  ? 7.847   -8.249  24.102  1.00 32.79 ? 176  ASP A OD1 1 
ATOM   180  O  OD2 . ASP A 1 26  ? 7.898   -10.264 23.220  1.00 37.84 ? 176  ASP A OD2 1 
ATOM   181  N  N   . MET A 1 27  ? 4.249   -5.964  21.696  1.00 21.97 ? 177  MET A N   1 
ATOM   182  C  CA  . MET A 1 27  ? 3.238   -5.323  20.862  1.00 22.23 ? 177  MET A CA  1 
ATOM   183  C  C   . MET A 1 27  ? 3.902   -4.539  19.739  1.00 23.24 ? 177  MET A C   1 
ATOM   184  O  O   . MET A 1 27  ? 4.800   -3.742  19.987  1.00 22.99 ? 177  MET A O   1 
ATOM   185  C  CB  . MET A 1 27  ? 2.414   -4.411  21.732  1.00 24.01 ? 177  MET A CB  1 
ATOM   186  C  CG  . MET A 1 27  ? 1.527   -5.166  22.728  1.00 22.44 ? 177  MET A CG  1 
ATOM   187  S  SD  . MET A 1 27  ? 0.895   -4.044  23.982  1.00 25.61 ? 177  MET A SD  1 
ATOM   188  C  CE  . MET A 1 27  ? 2.369   -3.532  24.888  1.00 31.15 ? 177  MET A CE  1 
ATOM   189  N  N   . ASP A 1 28  ? 3.493   -4.794  18.494  1.00 21.96 ? 178  ASP A N   1 
ATOM   190  C  CA  . ASP A 1 28  ? 3.939   -3.982  17.366  1.00 20.90 ? 178  ASP A CA  1 
ATOM   191  C  C   . ASP A 1 28  ? 3.229   -2.613  17.514  1.00 20.48 ? 178  ASP A C   1 
ATOM   192  O  O   . ASP A 1 28  ? 2.022   -2.559  17.451  1.00 21.44 ? 178  ASP A O   1 
ATOM   193  C  CB  . ASP A 1 28  ? 3.556   -4.715  16.074  1.00 21.29 ? 178  ASP A CB  1 
ATOM   194  C  CG  . ASP A 1 28  ? 3.477   -3.790  14.833  1.00 22.12 ? 178  ASP A CG  1 
ATOM   195  O  OD1 . ASP A 1 28  ? 4.115   -2.720  14.814  1.00 22.93 ? 178  ASP A OD1 1 
ATOM   196  O  OD2 . ASP A 1 28  ? 2.809   -4.194  13.844  1.00 20.48 ? 178  ASP A OD2 1 
ATOM   197  N  N   . PRO A 1 29  ? 3.976   -1.513  17.722  1.00 18.73 ? 179  PRO A N   1 
ATOM   198  C  CA  . PRO A 1 29  ? 3.244   -0.306  18.047  1.00 19.11 ? 179  PRO A CA  1 
ATOM   199  C  C   . PRO A 1 29  ? 2.389   0.266   16.866  1.00 21.42 ? 179  PRO A C   1 
ATOM   200  O  O   . PRO A 1 29  ? 1.521   1.108   17.119  1.00 21.51 ? 179  PRO A O   1 
ATOM   201  C  CB  . PRO A 1 29  ? 4.346   0.668   18.461  1.00 19.21 ? 179  PRO A CB  1 
ATOM   202  C  CG  . PRO A 1 29  ? 5.562   0.214   17.687  1.00 20.36 ? 179  PRO A CG  1 
ATOM   203  C  CD  . PRO A 1 29  ? 5.435   -1.285  17.647  1.00 20.65 ? 179  PRO A CD  1 
ATOM   204  N  N   . TYR A 1 30  ? 2.637   -0.199  15.627  1.00 19.56 ? 180  TYR A N   1 
ATOM   205  C  CA  . TYR A 1 30  ? 1.782   0.149   14.450  1.00 20.08 ? 180  TYR A CA  1 
ATOM   206  C  C   . TYR A 1 30  ? 0.397   -0.550  14.466  1.00 20.75 ? 180  TYR A C   1 
ATOM   207  O  O   . TYR A 1 30  ? -0.517  -0.189  13.708  1.00 21.27 ? 180  TYR A O   1 
ATOM   208  C  CB  . TYR A 1 30  ? 2.537   -0.113  13.119  1.00 16.80 ? 180  TYR A CB  1 
ATOM   209  C  CG  . TYR A 1 30  ? 3.684   0.839   12.922  1.00 24.84 ? 180  TYR A CG  1 
ATOM   210  C  CD1 . TYR A 1 30  ? 3.472   2.107   12.368  1.00 19.92 ? 180  TYR A CD1 1 
ATOM   211  C  CD2 . TYR A 1 30  ? 4.995   0.497   13.320  1.00 27.58 ? 180  TYR A CD2 1 
ATOM   212  C  CE1 . TYR A 1 30  ? 4.502   3.004   12.245  1.00 27.81 ? 180  TYR A CE1 1 
ATOM   213  C  CE2 . TYR A 1 30  ? 6.046   1.404   13.183  1.00 26.59 ? 180  TYR A CE2 1 
ATOM   214  C  CZ  . TYR A 1 30  ? 5.792   2.649   12.636  1.00 26.10 ? 180  TYR A CZ  1 
ATOM   215  O  OH  . TYR A 1 30  ? 6.807   3.562   12.451  1.00 32.09 ? 180  TYR A OH  1 
ATOM   216  N  N   . PHE A 1 31  ? 0.232   -1.537  15.342  1.00 17.93 ? 181  PHE A N   1 
ATOM   217  C  CA  . PHE A 1 31  ? -0.987  -2.292  15.422  1.00 16.67 ? 181  PHE A CA  1 
ATOM   218  C  C   . PHE A 1 31  ? -1.688  -2.159  16.765  1.00 19.21 ? 181  PHE A C   1 
ATOM   219  O  O   . PHE A 1 31  ? -2.901  -2.015  16.802  1.00 19.34 ? 181  PHE A O   1 
ATOM   220  C  CB  . PHE A 1 31  ? -0.732  -3.783  15.097  1.00 17.80 ? 181  PHE A CB  1 
ATOM   221  C  CG  . PHE A 1 31  ? -1.954  -4.643  15.260  1.00 16.65 ? 181  PHE A CG  1 
ATOM   222  C  CD1 . PHE A 1 31  ? -3.046  -4.492  14.397  1.00 21.80 ? 181  PHE A CD1 1 
ATOM   223  C  CD2 . PHE A 1 31  ? -2.040  -5.566  16.290  1.00 19.88 ? 181  PHE A CD2 1 
ATOM   224  C  CE1 . PHE A 1 31  ? -4.194  -5.281  14.537  1.00 17.35 ? 181  PHE A CE1 1 
ATOM   225  C  CE2 . PHE A 1 31  ? -3.198  -6.370  16.448  1.00 19.12 ? 181  PHE A CE2 1 
ATOM   226  C  CZ  . PHE A 1 31  ? -4.265  -6.232  15.584  1.00 20.74 ? 181  PHE A CZ  1 
ATOM   227  N  N   . CYS A 1 32  ? -0.941  -2.198  17.872  1.00 17.29 ? 182  CYS A N   1 
ATOM   228  C  CA  . CYS A 1 32  ? -1.577  -2.242  19.190  1.00 21.12 ? 182  CYS A CA  1 
ATOM   229  C  C   . CYS A 1 32  ? -0.662  -1.651  20.236  1.00 21.88 ? 182  CYS A C   1 
ATOM   230  O  O   . CYS A 1 32  ? 0.486   -1.358  19.959  1.00 21.71 ? 182  CYS A O   1 
ATOM   231  C  CB  . CYS A 1 32  ? -1.984  -3.666  19.598  1.00 20.04 ? 182  CYS A CB  1 
ATOM   232  S  SG  . CYS A 1 32  ? -0.609  -4.870  19.738  1.00 22.74 ? 182  CYS A SG  1 
ATOM   233  N  N   . SER A 1 33  ? -1.208  -1.444  21.426  1.00 23.24 ? 183  SER A N   1 
ATOM   234  C  CA  . SER A 1 33  ? -0.485  -0.833  22.536  1.00 20.54 ? 183  SER A CA  1 
ATOM   235  C  C   . SER A 1 33  ? -1.280  -1.158  23.787  1.00 21.80 ? 183  SER A C   1 
ATOM   236  O  O   . SER A 1 33  ? -2.328  -1.816  23.712  1.00 22.73 ? 183  SER A O   1 
ATOM   237  C  CB  . SER A 1 33  ? -0.395  0.688   22.347  1.00 19.26 ? 183  SER A CB  1 
ATOM   238  O  OG  . SER A 1 33  ? -1.689  1.254   22.426  1.00 20.25 ? 183  SER A OG  1 
ATOM   239  N  N   . GLN A 1 34  ? -0.803  -0.711  24.941  1.00 22.72 ? 184  GLN A N   1 
ATOM   240  C  CA  . GLN A 1 34  ? -1.553  -0.940  26.162  1.00 23.77 ? 184  GLN A CA  1 
ATOM   241  C  C   . GLN A 1 34  ? -1.839  0.391   26.814  1.00 24.32 ? 184  GLN A C   1 
ATOM   242  O  O   . GLN A 1 34  ? -0.979  1.260   26.867  1.00 22.51 ? 184  GLN A O   1 
ATOM   243  C  CB  . GLN A 1 34  ? -0.874  -1.932  27.127  1.00 24.92 ? 184  GLN A CB  1 
ATOM   244  C  CG  . GLN A 1 34  ? 0.476   -1.511  27.783  1.00 24.39 ? 184  GLN A CG  1 
ATOM   245  C  CD  . GLN A 1 34  ? 0.338   -0.514  28.941  1.00 32.01 ? 184  GLN A CD  1 
ATOM   246  O  OE1 . GLN A 1 34  ? -0.718  -0.394  29.577  1.00 26.00 ? 184  GLN A OE1 1 
ATOM   247  N  NE2 . GLN A 1 34  ? 1.415   0.223   29.202  1.00 23.69 ? 184  GLN A NE2 1 
ATOM   248  N  N   . ARG A 1 35  ? -3.077  0.558   27.257  1.00 26.38 ? 185  ARG A N   1 
ATOM   249  C  CA  . ARG A 1 35  ? -3.425  1.638   28.169  1.00 31.38 ? 185  ARG A CA  1 
ATOM   250  C  C   . ARG A 1 35  ? -4.214  0.923   29.233  1.00 31.19 ? 185  ARG A C   1 
ATOM   251  O  O   . ARG A 1 35  ? -5.434  1.016   29.270  1.00 29.94 ? 185  ARG A O   1 
ATOM   252  C  CB  . ARG A 1 35  ? -4.247  2.743   27.488  1.00 32.57 ? 185  ARG A CB  1 
ATOM   253  C  CG  . ARG A 1 35  ? -3.606  3.266   26.194  1.00 44.26 ? 185  ARG A CG  1 
ATOM   254  C  CD  . ARG A 1 35  ? -3.820  4.751   25.929  1.00 67.26 ? 185  ARG A CD  1 
ATOM   255  N  NE  . ARG A 1 35  ? -3.108  5.132   24.703  1.00 84.44 ? 185  ARG A NE  1 
ATOM   256  C  CZ  . ARG A 1 35  ? -2.484  6.297   24.498  1.00 92.55 ? 185  ARG A CZ  1 
ATOM   257  N  NH1 . ARG A 1 35  ? -2.470  7.232   25.448  1.00 92.31 ? 185  ARG A NH1 1 
ATOM   258  N  NH2 . ARG A 1 35  ? -1.869  6.529   23.332  1.00 90.95 ? 185  ARG A NH2 1 
ATOM   259  N  N   . VAL A 1 36  ? -3.478  0.207   30.095  1.00 32.54 ? 186  VAL A N   1 
ATOM   260  C  CA  . VAL A 1 36  ? -4.006  -0.854  30.988  1.00 30.96 ? 186  VAL A CA  1 
ATOM   261  C  C   . VAL A 1 36  ? -4.476  -2.052  30.165  1.00 31.41 ? 186  VAL A C   1 
ATOM   262  O  O   . VAL A 1 36  ? -3.927  -3.149  30.303  1.00 30.13 ? 186  VAL A O   1 
ATOM   263  C  CB  . VAL A 1 36  ? -5.110  -0.400  31.983  1.00 32.77 ? 186  VAL A CB  1 
ATOM   264  C  CG1 . VAL A 1 36  ? -5.421  -1.539  33.006  1.00 33.39 ? 186  VAL A CG1 1 
ATOM   265  C  CG2 . VAL A 1 36  ? -4.726  0.910   32.703  1.00 33.60 ? 186  VAL A CG2 1 
ATOM   266  N  N   . SER A 1 37  ? -5.469  -1.839  29.290  1.00 27.32 ? 187  SER A N   1 
ATOM   267  C  CA  . SER A 1 37  ? -5.951  -2.891  28.415  1.00 26.37 ? 187  SER A CA  1 
ATOM   268  C  C   . SER A 1 37  ? -5.277  -2.837  27.043  1.00 24.65 ? 187  SER A C   1 
ATOM   269  O  O   . SER A 1 37  ? -4.687  -1.816  26.669  1.00 23.95 ? 187  SER A O   1 
ATOM   270  C  CB  . SER A 1 37  ? -7.474  -2.786  28.273  1.00 29.65 ? 187  SER A CB  1 
ATOM   271  O  OG  . SER A 1 37  ? -7.819  -1.514  27.755  1.00 29.79 ? 187  SER A OG  1 
ATOM   272  N  N   . LEU A 1 38  ? -5.358  -3.940  26.302  1.00 19.45 ? 188  LEU A N   1 
ATOM   273  C  CA  . LEU A 1 38  ? -4.794  -4.019  24.975  1.00 21.39 ? 188  LEU A CA  1 
ATOM   274  C  C   . LEU A 1 38  ? -5.707  -3.213  24.032  1.00 20.53 ? 188  LEU A C   1 
ATOM   275  O  O   . LEU A 1 38  ? -6.875  -3.512  23.902  1.00 20.55 ? 188  LEU A O   1 
ATOM   276  C  CB  . LEU A 1 38  ? -4.705  -5.479  24.476  1.00 21.98 ? 188  LEU A CB  1 
ATOM   277  C  CG  . LEU A 1 38  ? -4.098  -5.692  23.064  1.00 14.39 ? 188  LEU A CG  1 
ATOM   278  C  CD1 . LEU A 1 38  ? -2.604  -5.304  22.990  1.00 16.32 ? 188  LEU A CD1 1 
ATOM   279  C  CD2 . LEU A 1 38  ? -4.283  -7.119  22.605  1.00 20.27 ? 188  LEU A CD2 1 
ATOM   280  N  N   . THR A 1 39  ? -5.139  -2.216  23.375  1.00 22.44 ? 189  THR A N   1 
ATOM   281  C  CA  . THR A 1 39  ? -5.878  -1.324  22.472  1.00 21.27 ? 189  THR A CA  1 
ATOM   282  C  C   . THR A 1 39  ? -5.086  -1.098  21.155  1.00 20.78 ? 189  THR A C   1 
ATOM   283  O  O   . THR A 1 39  ? -4.081  -1.773  20.881  1.00 17.08 ? 189  THR A O   1 
ATOM   284  C  CB  . THR A 1 39  ? -6.228  0.008   23.205  1.00 21.24 ? 189  THR A CB  1 
ATOM   285  O  OG1 . THR A 1 39  ? -7.111  0.809   22.400  1.00 22.92 ? 189  THR A OG1 1 
ATOM   286  C  CG2 . THR A 1 39  ? -4.955  0.778   23.581  1.00 20.43 ? 189  THR A CG2 1 
ATOM   287  N  N   . SER A 1 40  ? -5.541  -0.139  20.355  1.00 22.01 ? 190  SER A N   1 
ATOM   288  C  CA  . SER A 1 40  ? -5.033  0.055   18.997  1.00 19.64 ? 190  SER A CA  1 
ATOM   289  C  C   . SER A 1 40  ? -3.704  0.776   18.983  1.00 20.63 ? 190  SER A C   1 
ATOM   290  O  O   . SER A 1 40  ? -3.123  1.044   20.038  1.00 23.74 ? 190  SER A O   1 
ATOM   291  C  CB  . SER A 1 40  ? -6.076  0.769   18.123  1.00 16.50 ? 190  SER A CB  1 
ATOM   292  O  OG  . SER A 1 40  ? -6.438  1.977   18.733  1.00 21.47 ? 190  SER A OG  1 
ATOM   293  N  N   . TYR A 1 41  ? -3.219  1.089   17.782  1.00 17.55 ? 191  TYR A N   1 
ATOM   294  C  CA  . TYR A 1 41  ? -1.841  1.488   17.601  1.00 18.19 ? 191  TYR A CA  1 
ATOM   295  C  C   . TYR A 1 41  ? -1.428  2.743   18.363  1.00 18.00 ? 191  TYR A C   1 
ATOM   296  O  O   . TYR A 1 41  ? -2.209  3.683   18.540  1.00 18.02 ? 191  TYR A O   1 
ATOM   297  C  CB  . TYR A 1 41  ? -1.530  1.652   16.116  1.00 16.09 ? 191  TYR A CB  1 
ATOM   298  C  CG  . TYR A 1 41  ? -2.243  2.834   15.441  1.00 20.31 ? 191  TYR A CG  1 
ATOM   299  C  CD1 . TYR A 1 41  ? -1.634  4.103   15.389  1.00 16.96 ? 191  TYR A CD1 1 
ATOM   300  C  CD2 . TYR A 1 41  ? -3.488  2.660   14.805  1.00 18.23 ? 191  TYR A CD2 1 
ATOM   301  C  CE1 . TYR A 1 41  ? -2.264  5.183   14.750  1.00 18.17 ? 191  TYR A CE1 1 
ATOM   302  C  CE2 . TYR A 1 41  ? -4.135  3.725   14.153  1.00 13.33 ? 191  TYR A CE2 1 
ATOM   303  C  CZ  . TYR A 1 41  ? -3.514  4.970   14.136  1.00 16.85 ? 191  TYR A CZ  1 
ATOM   304  O  OH  . TYR A 1 41  ? -4.104  6.013   13.517  1.00 18.88 ? 191  TYR A OH  1 
ATOM   305  N  N   . SER A 1 42  ? -0.151  2.787   18.738  1.00 18.55 ? 192  SER A N   1 
ATOM   306  C  CA  . SER A 1 42  ? 0.394   3.980   19.370  1.00 17.15 ? 192  SER A CA  1 
ATOM   307  C  C   . SER A 1 42  ? 1.374   4.724   18.447  1.00 17.84 ? 192  SER A C   1 
ATOM   308  O  O   . SER A 1 42  ? 1.705   5.882   18.693  1.00 18.10 ? 192  SER A O   1 
ATOM   309  C  CB  . SER A 1 42  ? 1.125   3.594   20.682  1.00 21.95 ? 192  SER A CB  1 
ATOM   310  O  OG  . SER A 1 42  ? 2.167   2.677   20.388  1.00 19.46 ? 192  SER A OG  1 
ATOM   311  N  N   . ALA A 1 43  ? 1.874   4.062   17.408  1.00 17.24 ? 193  ALA A N   1 
ATOM   312  C  CA  . ALA A 1 43  ? 2.816   4.717   16.504  1.00 17.74 ? 193  ALA A CA  1 
ATOM   313  C  C   . ALA A 1 43  ? 2.181   5.939   15.848  1.00 20.28 ? 193  ALA A C   1 
ATOM   314  O  O   . ALA A 1 43  ? 0.988   5.947   15.534  1.00 18.27 ? 193  ALA A O   1 
ATOM   315  C  CB  . ALA A 1 43  ? 3.297   3.754   15.431  1.00 17.10 ? 193  ALA A CB  1 
ATOM   316  N  N   . GLU A 1 44  ? 2.989   6.976   15.670  1.00 17.60 ? 194  GLU A N   1 
ATOM   317  C  CA  . GLU A 1 44  ? 2.577   8.197   15.027  1.00 20.04 ? 194  GLU A CA  1 
ATOM   318  C  C   . GLU A 1 44  ? 2.213   7.958   13.562  1.00 18.00 ? 194  GLU A C   1 
ATOM   319  O  O   . GLU A 1 44  ? 2.968   7.324   12.803  1.00 19.97 ? 194  GLU A O   1 
ATOM   320  C  CB  . GLU A 1 44  ? 3.698   9.215   15.142  1.00 17.87 ? 194  GLU A CB  1 
ATOM   321  C  CG  . GLU A 1 44  ? 3.795   9.786   16.525  1.00 26.53 ? 194  GLU A CG  1 
ATOM   322  C  CD  . GLU A 1 44  ? 4.733   10.970  16.589  1.00 42.21 ? 194  GLU A CD  1 
ATOM   323  O  OE1 . GLU A 1 44  ? 5.437   11.246  15.594  1.00 44.84 ? 194  GLU A OE1 1 
ATOM   324  O  OE2 . GLU A 1 44  ? 4.751   11.636  17.639  1.00 47.47 ? 194  GLU A OE2 1 
ATOM   325  N  N   . ALA A 1 45  ? 1.044   8.457   13.184  1.00 19.04 ? 195  ALA A N   1 
ATOM   326  C  CA  . ALA A 1 45  ? 0.634   8.492   11.774  1.00 15.71 ? 195  ALA A CA  1 
ATOM   327  C  C   . ALA A 1 45  ? 1.555   9.441   11.026  1.00 18.23 ? 195  ALA A C   1 
ATOM   328  O  O   . ALA A 1 45  ? 2.290   10.267  11.634  1.00 15.47 ? 195  ALA A O   1 
ATOM   329  C  CB  . ALA A 1 45  ? -0.812  8.940   11.677  1.00 17.92 ? 195  ALA A CB  1 
ATOM   330  N  N   . GLN A 1 46  ? 1.624   9.275   9.714   1.00 17.50 ? 196  GLN A N   1 
ATOM   331  C  CA  . GLN A 1 46  ? 2.350   10.221  8.891   1.00 22.69 ? 196  GLN A CA  1 
ATOM   332  C  C   . GLN A 1 46  ? 1.678   10.382  7.544   1.00 22.45 ? 196  GLN A C   1 
ATOM   333  O  O   . GLN A 1 46  ? 0.963   9.485   7.088   1.00 20.17 ? 196  GLN A O   1 
ATOM   334  C  CB  . GLN A 1 46  ? 3.844   9.865   8.745   1.00 25.13 ? 196  GLN A CB  1 
ATOM   335  C  CG  . GLN A 1 46  ? 4.166   8.521   8.285   1.00 31.56 ? 196  GLN A CG  1 
ATOM   336  C  CD  . GLN A 1 46  ? 5.669   8.205   8.421   1.00 34.75 ? 196  GLN A CD  1 
ATOM   337  O  OE1 . GLN A 1 46  ? 6.528   8.952   7.901   1.00 37.56 ? 196  GLN A OE1 1 
ATOM   338  N  NE2 . GLN A 1 46  ? 5.981   7.071   9.087   1.00 32.70 ? 196  GLN A NE2 1 
ATOM   339  N  N   . LEU A 1 47  ? 1.909   11.543  6.936   1.00 22.01 ? 197  LEU A N   1 
ATOM   340  C  CA  . LEU A 1 47  ? 1.414   11.872  5.614   1.00 20.17 ? 197  LEU A CA  1 
ATOM   341  C  C   . LEU A 1 47  ? 2.664   12.116  4.783   1.00 20.76 ? 197  LEU A C   1 
ATOM   342  O  O   . LEU A 1 47  ? 3.339   13.122  4.950   1.00 18.37 ? 197  LEU A O   1 
ATOM   343  C  CB  . LEU A 1 47  ? 0.492   13.108  5.646   1.00 18.45 ? 197  LEU A CB  1 
ATOM   344  C  CG  . LEU A 1 47  ? -0.131  13.529  4.298   1.00 24.22 ? 197  LEU A CG  1 
ATOM   345  C  CD1 . LEU A 1 47  ? -1.124  12.450  3.834   1.00 15.05 ? 197  LEU A CD1 1 
ATOM   346  C  CD2 . LEU A 1 47  ? -0.837  14.878  4.430   1.00 20.03 ? 197  LEU A CD2 1 
ATOM   347  N  N   . MET A 1 48  ? 2.997   11.142  3.944   1.00 20.53 ? 198  MET A N   1 
ATOM   348  C  CA  . MET A 1 48  ? 4.186   11.187  3.082   1.00 23.30 ? 198  MET A CA  1 
ATOM   349  C  C   . MET A 1 48  ? 3.744   11.799  1.760   1.00 20.56 ? 198  MET A C   1 
ATOM   350  O  O   . MET A 1 48  ? 2.622   11.577  1.322   1.00 17.58 ? 198  MET A O   1 
ATOM   351  C  CB  . MET A 1 48  ? 4.716   9.773   2.832   1.00 22.88 ? 198  MET A CB  1 
ATOM   352  C  CG  . MET A 1 48  ? 5.044   8.940   4.061   1.00 26.36 ? 198  MET A CG  1 
ATOM   353  S  SD  . MET A 1 48  ? 5.491   7.240   3.574   1.00 34.18 ? 198  MET A SD  1 
ATOM   354  C  CE  . MET A 1 48  ? 5.865   6.553   5.178   1.00 29.54 ? 198  MET A CE  1 
ATOM   355  N  N   . GLN A 1 49  ? 4.611   12.607  1.156   1.00 19.16 ? 199  GLN A N   1 
ATOM   356  C  CA  . GLN A 1 49  ? 4.331   13.248  -0.112  1.00 20.79 ? 199  GLN A CA  1 
ATOM   357  C  C   . GLN A 1 49  ? 5.521   12.997  -0.991  1.00 19.15 ? 199  GLN A C   1 
ATOM   358  O  O   . GLN A 1 49  ? 6.644   13.274  -0.615  1.00 19.36 ? 199  GLN A O   1 
ATOM   359  C  CB  . GLN A 1 49  ? 4.173   14.753  0.059   1.00 23.12 ? 199  GLN A CB  1 
ATOM   360  C  CG  . GLN A 1 49  ? 3.108   15.153  1.081   1.00 32.71 ? 199  GLN A CG  1 
ATOM   361  C  CD  . GLN A 1 49  ? 2.907   16.648  1.136   1.00 41.86 ? 199  GLN A CD  1 
ATOM   362  O  OE1 . GLN A 1 49  ? 3.188   17.282  2.147   1.00 47.94 ? 199  GLN A OE1 1 
ATOM   363  N  NE2 . GLN A 1 49  ? 2.450   17.225  0.032   1.00 44.34 ? 199  GLN A NE2 1 
ATOM   364  N  N   . PHE A 1 50  ? 5.284   12.492  -2.180  1.00 16.96 ? 200  PHE A N   1 
ATOM   365  C  CA  . PHE A 1 50  ? 6.410   12.163  -3.039  1.00 18.96 ? 200  PHE A CA  1 
ATOM   366  C  C   . PHE A 1 50  ? 5.897   12.059  -4.450  1.00 18.07 ? 200  PHE A C   1 
ATOM   367  O  O   . PHE A 1 50  ? 4.689   12.076  -4.694  1.00 17.71 ? 200  PHE A O   1 
ATOM   368  C  CB  . PHE A 1 50  ? 7.146   10.859  -2.570  1.00 16.03 ? 200  PHE A CB  1 
ATOM   369  C  CG  . PHE A 1 50  ? 6.229   9.659   -2.363  1.00 18.94 ? 200  PHE A CG  1 
ATOM   370  C  CD1 . PHE A 1 50  ? 5.841   8.853   -3.457  1.00 12.18 ? 200  PHE A CD1 1 
ATOM   371  C  CD2 . PHE A 1 50  ? 5.761   9.334   -1.091  1.00 26.66 ? 200  PHE A CD2 1 
ATOM   372  C  CE1 . PHE A 1 50  ? 5.001   7.763   -3.272  1.00 16.04 ? 200  PHE A CE1 1 
ATOM   373  C  CE2 . PHE A 1 50  ? 4.918   8.234   -0.893  1.00 24.82 ? 200  PHE A CE2 1 
ATOM   374  C  CZ  . PHE A 1 50  ? 4.531   7.456   -1.992  1.00 13.54 ? 200  PHE A CZ  1 
ATOM   375  N  N   . ARG A 1 51  ? 6.822   11.969  -5.392  1.00 21.13 ? 201  ARG A N   1 
ATOM   376  C  CA  . ARG A 1 51  ? 6.464   11.760  -6.753  1.00 19.36 ? 201  ARG A CA  1 
ATOM   377  C  C   . ARG A 1 51  ? 6.707   10.292  -7.100  1.00 20.36 ? 201  ARG A C   1 
ATOM   378  O  O   . ARG A 1 51  ? 7.720   9.719   -6.735  1.00 20.33 ? 201  ARG A O   1 
ATOM   379  C  CB  . ARG A 1 51  ? 7.258   12.680  -7.640  1.00 19.29 ? 201  ARG A CB  1 
ATOM   380  C  CG  . ARG A 1 51  ? 6.883   12.578  -9.112  1.00 22.97 ? 201  ARG A CG  1 
ATOM   381  C  CD  . ARG A 1 51  ? 7.935   13.312  -9.915  1.00 28.99 ? 201  ARG A CD  1 
ATOM   382  N  NE  . ARG A 1 51  ? 9.207   12.576  -9.956  1.00 36.22 ? 201  ARG A NE  1 
ATOM   383  C  CZ  . ARG A 1 51  ? 10.414  13.158  -9.941  1.00 43.55 ? 201  ARG A CZ  1 
ATOM   384  N  NH1 . ARG A 1 51  ? 10.527  14.486  -9.847  1.00 31.24 ? 201  ARG A NH1 1 
ATOM   385  N  NH2 . ARG A 1 51  ? 11.518  12.413  -10.004 1.00 36.26 ? 201  ARG A NH2 1 
ATOM   386  N  N   . TRP A 1 52  ? 5.757   9.691   -7.798  1.00 16.81 ? 202  TRP A N   1 
ATOM   387  C  CA  . TRP A 1 52  ? 5.887   8.310   -8.190  1.00 18.80 ? 202  TRP A CA  1 
ATOM   388  C  C   . TRP A 1 52  ? 5.786   8.288   -9.703  1.00 18.65 ? 202  TRP A C   1 
ATOM   389  O  O   . TRP A 1 52  ? 4.754   8.643   -10.238 1.00 18.11 ? 202  TRP A O   1 
ATOM   390  C  CB  . TRP A 1 52  ? 4.728   7.465   -7.590  1.00 16.19 ? 202  TRP A CB  1 
ATOM   391  C  CG  . TRP A 1 52  ? 5.092   5.987   -7.435  1.00 16.32 ? 202  TRP A CG  1 
ATOM   392  C  CD1 . TRP A 1 52  ? 5.989   5.257   -8.200  1.00 18.08 ? 202  TRP A CD1 1 
ATOM   393  C  CD2 . TRP A 1 52  ? 4.555   5.077   -6.478  1.00 12.07 ? 202  TRP A CD2 1 
ATOM   394  N  NE1 . TRP A 1 52  ? 6.050   3.958   -7.748  1.00 17.01 ? 202  TRP A NE1 1 
ATOM   395  C  CE2 . TRP A 1 52  ? 5.196   3.822   -6.681  1.00 17.50 ? 202  TRP A CE2 1 
ATOM   396  C  CE3 . TRP A 1 52  ? 3.613   5.202   -5.442  1.00 13.92 ? 202  TRP A CE3 1 
ATOM   397  C  CZ2 . TRP A 1 52  ? 4.902   2.690   -5.901  1.00 14.82 ? 202  TRP A CZ2 1 
ATOM   398  C  CZ3 . TRP A 1 52  ? 3.331   4.096   -4.665  1.00 14.95 ? 202  TRP A CZ3 1 
ATOM   399  C  CH2 . TRP A 1 52  ? 3.980   2.837   -4.899  1.00 13.73 ? 202  TRP A CH2 1 
ATOM   400  N  N   . MET A 1 53  ? 6.832   7.866   -10.405 1.00 16.84 ? 203  MET A N   1 
ATOM   401  C  CA  . MET A 1 53  ? 6.685   7.712   -11.832 1.00 18.66 ? 203  MET A CA  1 
ATOM   402  C  C   . MET A 1 53  ? 6.125   6.298   -12.110 1.00 20.25 ? 203  MET A C   1 
ATOM   403  O  O   . MET A 1 53  ? 6.797   5.303   -11.888 1.00 22.01 ? 203  MET A O   1 
ATOM   404  C  CB  . MET A 1 53  ? 8.025   7.979   -12.563 1.00 19.19 ? 203  MET A CB  1 
ATOM   405  C  CG  . MET A 1 53  ? 7.874   8.052   -14.099 1.00 20.11 ? 203  MET A CG  1 
ATOM   406  S  SD  . MET A 1 53  ? 9.441   8.208   -14.964 1.00 24.08 ? 203  MET A SD  1 
ATOM   407  C  CE  . MET A 1 53  ? 10.264  6.676   -14.511 1.00 21.41 ? 203  MET A CE  1 
ATOM   408  N  N   . ALA A 1 54  ? 4.882   6.231   -12.575 1.00 18.50 ? 204  ALA A N   1 
ATOM   409  C  CA  . ALA A 1 54  ? 4.212   4.979   -12.885 1.00 18.13 ? 204  ALA A CA  1 
ATOM   410  C  C   . ALA A 1 54  ? 4.584   4.593   -14.321 1.00 20.10 ? 204  ALA A C   1 
ATOM   411  O  O   . ALA A 1 54  ? 4.780   5.467   -15.141 1.00 19.07 ? 204  ALA A O   1 
ATOM   412  C  CB  . ALA A 1 54  ? 2.685   5.182   -12.767 1.00 15.99 ? 204  ALA A CB  1 
ATOM   413  N  N   . ARG A 1 55  ? 4.627   3.295   -14.630 1.00 18.06 ? 205  ARG A N   1 
ATOM   414  C  CA  . ARG A 1 55  ? 4.997   2.836   -15.973 1.00 19.12 ? 205  ARG A CA  1 
ATOM   415  C  C   . ARG A 1 55  ? 3.881   2.041   -16.651 1.00 18.37 ? 205  ARG A C   1 
ATOM   416  O  O   . ARG A 1 55  ? 3.344   1.109   -16.060 1.00 18.57 ? 205  ARG A O   1 
ATOM   417  C  CB  . ARG A 1 55  ? 6.251   1.944   -15.904 1.00 20.12 ? 205  ARG A CB  1 
ATOM   418  C  CG  . ARG A 1 55  ? 7.436   2.550   -15.229 1.00 22.78 ? 205  ARG A CG  1 
ATOM   419  C  CD  . ARG A 1 55  ? 8.676   1.613   -15.310 1.00 25.63 ? 205  ARG A CD  1 
ATOM   420  N  NE  . ARG A 1 55  ? 9.823   2.250   -14.684 1.00 28.30 ? 205  ARG A NE  1 
ATOM   421  C  CZ  . ARG A 1 55  ? 10.735  3.000   -15.311 1.00 34.27 ? 205  ARG A CZ  1 
ATOM   422  N  NH1 . ARG A 1 55  ? 10.664  3.205   -16.626 1.00 27.56 ? 205  ARG A NH1 1 
ATOM   423  N  NH2 . ARG A 1 55  ? 11.719  3.562   -14.603 1.00 24.27 ? 205  ARG A NH2 1 
ATOM   424  N  N   . GLY A 1 56  ? 3.526   2.422   -17.876 1.00 17.88 ? 206  GLY A N   1 
ATOM   425  C  CA  . GLY A 1 56  ? 2.627   1.648   -18.704 1.00 21.76 ? 206  GLY A CA  1 
ATOM   426  C  C   . GLY A 1 56  ? 3.333   0.344   -19.030 1.00 26.58 ? 206  GLY A C   1 
ATOM   427  O  O   . GLY A 1 56  ? 4.496   0.365   -19.438 1.00 23.87 ? 206  GLY A O   1 
ATOM   428  N  N   . THR A 1 57  ? 2.646   -0.780  -18.778 1.00 29.69 ? 207  THR A N   1 
ATOM   429  C  CA  . THR A 1 57  ? 3.221   -2.135  -18.924 1.00 29.53 ? 207  THR A CA  1 
ATOM   430  C  C   . THR A 1 57  ? 2.396   -3.021  -19.856 1.00 29.78 ? 207  THR A C   1 
ATOM   431  O  O   . THR A 1 57  ? 2.812   -4.150  -20.137 1.00 32.91 ? 207  THR A O   1 
ATOM   432  C  CB  . THR A 1 57  ? 3.493   -2.853  -17.554 1.00 31.98 ? 207  THR A CB  1 
ATOM   433  O  OG1 . THR A 1 57  ? 2.353   -2.756  -16.690 1.00 34.56 ? 207  THR A OG1 1 
ATOM   434  C  CG2 . THR A 1 57  ? 4.698   -2.211  -16.821 1.00 33.24 ? 207  THR A CG2 1 
ATOM   435  N  N   . ASN A 1 58  ? 1.268   -2.496  -20.356 1.00 25.60 ? 208  ASN A N   1 
ATOM   436  C  CA  . ASN A 1 58  ? 0.416   -3.118  -21.394 1.00 28.23 ? 208  ASN A CA  1 
ATOM   437  C  C   . ASN A 1 58  ? -0.619  -2.080  -21.789 1.00 26.99 ? 208  ASN A C   1 
ATOM   438  O  O   . ASN A 1 58  ? -1.145  -1.392  -20.905 1.00 29.10 ? 208  ASN A O   1 
ATOM   439  C  CB  . ASN A 1 58  ? -0.334  -4.357  -20.874 1.00 30.32 ? 208  ASN A CB  1 
ATOM   440  C  CG  . ASN A 1 58  ? -1.119  -5.063  -21.980 1.00 42.50 ? 208  ASN A CG  1 
ATOM   441  O  OD1 . ASN A 1 58  ? -0.559  -5.874  -22.722 1.00 53.35 ? 208  ASN A OD1 1 
ATOM   442  N  ND2 . ASN A 1 58  ? -2.415  -4.736  -22.115 1.00 48.82 ? 208  ASN A ND2 1 
ATOM   443  N  N   . GLY A 1 59  ? -0.893  -1.936  -23.087 1.00 20.33 ? 209  GLY A N   1 
ATOM   444  C  CA  . GLY A 1 59  ? -1.761  -0.855  -23.579 1.00 20.59 ? 209  GLY A CA  1 
ATOM   445  C  C   . GLY A 1 59  ? -1.123  0.546   -23.470 1.00 22.42 ? 209  GLY A C   1 
ATOM   446  O  O   . GLY A 1 59  ? -1.788  1.575   -23.697 1.00 24.56 ? 209  GLY A O   1 
ATOM   447  N  N   . SER A 1 60  ? 0.167   0.566   -23.136 1.00 23.74 ? 210  SER A N   1 
ATOM   448  C  CA  . SER A 1 60  ? 0.995   1.777   -23.041 1.00 23.31 ? 210  SER A CA  1 
ATOM   449  C  C   . SER A 1 60  ? 2.447   1.377   -22.795 1.00 24.47 ? 210  SER A C   1 
ATOM   450  O  O   . SER A 1 60  ? 2.725   0.437   -22.020 1.00 25.19 ? 210  SER A O   1 
ATOM   451  C  CB  . SER A 1 60  ? 0.499   2.677   -21.891 1.00 21.32 ? 210  SER A CB  1 
ATOM   452  O  OG  . SER A 1 60  ? 1.325   3.803   -21.757 1.00 22.65 ? 210  SER A OG  1 
ATOM   453  N  N   . SER A 1 61  ? 3.386   2.073   -23.447 1.00 23.07 ? 211  SER A N   1 
ATOM   454  C  CA  . SER A 1 61  ? 4.795   1.928   -23.097 1.00 23.08 ? 211  SER A CA  1 
ATOM   455  C  C   . SER A 1 61  ? 5.324   3.245   -22.507 1.00 24.61 ? 211  SER A C   1 
ATOM   456  O  O   . SER A 1 61  ? 6.548   3.460   -22.382 1.00 24.25 ? 211  SER A O   1 
ATOM   457  C  CB  . SER A 1 61  ? 5.625   1.522   -24.325 1.00 24.29 ? 211  SER A CB  1 
ATOM   458  O  OG  . SER A 1 61  ? 5.352   2.387   -25.411 1.00 28.56 ? 211  SER A OG  1 
ATOM   459  N  N   . ASP A 1 62  ? 4.394   4.116   -22.128 1.00 21.80 ? 212  ASP A N   1 
ATOM   460  C  CA  . ASP A 1 62  ? 4.736   5.441   -21.620 1.00 20.42 ? 212  ASP A CA  1 
ATOM   461  C  C   . ASP A 1 62  ? 4.875   5.414   -20.091 1.00 21.35 ? 212  ASP A C   1 
ATOM   462  O  O   . ASP A 1 62  ? 4.641   4.373   -19.460 1.00 21.31 ? 212  ASP A O   1 
ATOM   463  C  CB  . ASP A 1 62  ? 3.647   6.418   -22.084 1.00 16.95 ? 212  ASP A CB  1 
ATOM   464  C  CG  . ASP A 1 62  ? 4.025   7.877   -21.889 1.00 19.78 ? 212  ASP A CG  1 
ATOM   465  O  OD1 . ASP A 1 62  ? 5.220   8.194   -21.586 1.00 17.91 ? 212  ASP A OD1 1 
ATOM   466  O  OD2 . ASP A 1 62  ? 3.097   8.704   -22.016 1.00 17.19 ? 212  ASP A OD2 1 
ATOM   467  N  N   . THR A 1 63  ? 5.314   6.530   -19.501 1.00 19.94 ? 213  THR A N   1 
ATOM   468  C  CA  . THR A 1 63  ? 5.355   6.660   -18.061 1.00 20.31 ? 213  THR A CA  1 
ATOM   469  C  C   . THR A 1 63  ? 4.553   7.911   -17.721 1.00 19.36 ? 213  THR A C   1 
ATOM   470  O  O   . THR A 1 63  ? 4.303   8.738   -18.595 1.00 19.93 ? 213  THR A O   1 
ATOM   471  C  CB  . THR A 1 63  ? 6.823   6.846   -17.487 1.00 18.24 ? 213  THR A CB  1 
ATOM   472  O  OG1 . THR A 1 63  ? 7.391   8.069   -17.997 1.00 19.03 ? 213  THR A OG1 1 
ATOM   473  C  CG2 . THR A 1 63  ? 7.736   5.636   -17.743 1.00 20.90 ? 213  THR A CG2 1 
ATOM   474  N  N   . ILE A 1 64  ? 4.170   8.061   -16.452 1.00 19.08 ? 214  ILE A N   1 
ATOM   475  C  CA  . ILE A 1 64  ? 3.425   9.268   -16.031 1.00 16.49 ? 214  ILE A CA  1 
ATOM   476  C  C   . ILE A 1 64  ? 3.794   9.572   -14.601 1.00 15.18 ? 214  ILE A C   1 
ATOM   477  O  O   . ILE A 1 64  ? 3.850   8.667   -13.754 1.00 16.77 ? 214  ILE A O   1 
ATOM   478  C  CB  . ILE A 1 64  ? 1.871   9.138   -16.266 1.00 18.55 ? 214  ILE A CB  1 
ATOM   479  C  CG1 . ILE A 1 64  ? 1.160   10.423  -15.845 1.00 18.24 ? 214  ILE A CG1 1 
ATOM   480  C  CG2 . ILE A 1 64  ? 1.285   7.921   -15.499 1.00 16.75 ? 214  ILE A CG2 1 
ATOM   481  C  CD1 . ILE A 1 64  ? 0.128   10.909  -16.760 1.00 23.63 ? 214  ILE A CD1 1 
ATOM   482  N  N   . ASP A 1 65  ? 4.129   10.825  -14.337 1.00 13.76 ? 215  ASP A N   1 
ATOM   483  C  CA  . ASP A 1 65  ? 4.485   11.267  -12.992 1.00 15.73 ? 215  ASP A CA  1 
ATOM   484  C  C   . ASP A 1 65  ? 3.232   11.425  -12.184 1.00 15.39 ? 215  ASP A C   1 
ATOM   485  O  O   . ASP A 1 65  ? 2.291   12.097  -12.628 1.00 13.93 ? 215  ASP A O   1 
ATOM   486  C  CB  . ASP A 1 65  ? 5.113   12.667  -13.034 1.00 19.49 ? 215  ASP A CB  1 
ATOM   487  C  CG  . ASP A 1 65  ? 6.535   12.671  -13.591 1.00 22.31 ? 215  ASP A CG  1 
ATOM   488  O  OD1 . ASP A 1 65  ? 7.132   11.584  -13.809 1.00 22.41 ? 215  ASP A OD1 1 
ATOM   489  O  OD2 . ASP A 1 65  ? 7.049   13.791  -13.780 1.00 20.61 ? 215  ASP A OD2 1 
ATOM   490  N  N   . MET A 1 66  ? 3.242   10.864  -10.980 1.00 14.22 ? 216  MET A N   1 
ATOM   491  C  CA  . MET A 1 66  ? 2.091   10.959  -10.077 1.00 15.54 ? 216  MET A CA  1 
ATOM   492  C  C   . MET A 1 66  ? 2.557   11.691  -8.853  1.00 16.11 ? 216  MET A C   1 
ATOM   493  O  O   . MET A 1 66  ? 3.610   11.389  -8.329  1.00 16.99 ? 216  MET A O   1 
ATOM   494  C  CB  . MET A 1 66  ? 1.560   9.547   -9.677  1.00 14.90 ? 216  MET A CB  1 
ATOM   495  C  CG  . MET A 1 66  ? 1.165   8.624   -10.882 1.00 13.09 ? 216  MET A CG  1 
ATOM   496  S  SD  . MET A 1 66  ? -0.150  9.314   -11.906 1.00 16.51 ? 216  MET A SD  1 
ATOM   497  C  CE  . MET A 1 66  ? -1.589  9.211   -10.836 1.00 15.98 ? 216  MET A CE  1 
ATOM   498  N  N   . THR A 1 67  ? 1.766   12.660  -8.413  1.00 15.91 ? 217  THR A N   1 
ATOM   499  C  CA  . THR A 1 67  ? 1.985   13.303  -7.136  1.00 16.19 ? 217  THR A CA  1 
ATOM   500  C  C   . THR A 1 67  ? 1.182   12.489  -6.123  1.00 17.91 ? 217  THR A C   1 
ATOM   501  O  O   . THR A 1 67  ? -0.041  12.339  -6.264  1.00 15.49 ? 217  THR A O   1 
ATOM   502  C  CB  . THR A 1 67  ? 1.466   14.752  -7.168  1.00 18.95 ? 217  THR A CB  1 
ATOM   503  O  OG1 . THR A 1 67  ? 2.283   15.495  -8.079  1.00 22.92 ? 217  THR A OG1 1 
ATOM   504  C  CG2 . THR A 1 67  ? 1.532   15.388  -5.773  1.00 20.66 ? 217  THR A CG2 1 
ATOM   505  N  N   . VAL A 1 68  ? 1.891   11.941  -5.133  1.00 16.15 ? 218  VAL A N   1 
ATOM   506  C  CA  . VAL A 1 68  ? 1.309   10.989  -4.194  1.00 13.70 ? 218  VAL A CA  1 
ATOM   507  C  C   . VAL A 1 68  ? 1.322   11.561  -2.785  1.00 15.36 ? 218  VAL A C   1 
ATOM   508  O  O   . VAL A 1 68  ? 2.327   12.087  -2.309  1.00 17.41 ? 218  VAL A O   1 
ATOM   509  C  CB  . VAL A 1 68  ? 2.029   9.596   -4.245  1.00 14.74 ? 218  VAL A CB  1 
ATOM   510  C  CG1 . VAL A 1 68  ? 1.368   8.564   -3.342  1.00 13.30 ? 218  VAL A CG1 1 
ATOM   511  C  CG2 . VAL A 1 68  ? 2.064   9.039   -5.643  1.00 10.12 ? 218  VAL A CG2 1 
ATOM   512  N  N   . ASN A 1 69  ? 0.191   11.451  -2.119  1.00 14.65 ? 219  ASN A N   1 
ATOM   513  C  CA  . ASN A 1 69  ? 0.147   11.558  -0.683  1.00 16.96 ? 219  ASN A CA  1 
ATOM   514  C  C   . ASN A 1 69  ? -0.219  10.195  -0.155  1.00 17.12 ? 219  ASN A C   1 
ATOM   515  O  O   . ASN A 1 69  ? -1.221  9.613   -0.581  1.00 17.02 ? 219  ASN A O   1 
ATOM   516  C  CB  . ASN A 1 69  ? -0.905  12.579  -0.260  1.00 18.45 ? 219  ASN A CB  1 
ATOM   517  C  CG  . ASN A 1 69  ? -0.365  14.012  -0.313  1.00 27.93 ? 219  ASN A CG  1 
ATOM   518  O  OD1 . ASN A 1 69  ? 0.258   14.487  0.622   1.00 35.05 ? 219  ASN A OD1 1 
ATOM   519  N  ND2 . ASN A 1 69  ? -0.598  14.677  -1.405  1.00 21.08 ? 219  ASN A ND2 1 
ATOM   520  N  N   . ALA A 1 70  ? 0.588   9.706   0.769   1.00 16.52 ? 220  ALA A N   1 
ATOM   521  C  CA  . ALA A 1 70  ? 0.353   8.423   1.413   1.00 15.48 ? 220  ALA A CA  1 
ATOM   522  C  C   . ALA A 1 70  ? 0.089   8.706   2.865   1.00 16.08 ? 220  ALA A C   1 
ATOM   523  O  O   . ALA A 1 70  ? 0.976   9.168   3.581   1.00 17.03 ? 220  ALA A O   1 
ATOM   524  C  CB  . ALA A 1 70  ? 1.561   7.496   1.227   1.00 13.91 ? 220  ALA A CB  1 
ATOM   525  N  N   . HIS A 1 71  ? -1.157  8.502   3.291   1.00 15.29 ? 221  HIS A N   1 
ATOM   526  C  CA  . HIS A 1 71  ? -1.517  8.687   4.695   1.00 15.95 ? 221  HIS A CA  1 
ATOM   527  C  C   . HIS A 1 71  ? -1.390  7.341   5.406   1.00 17.21 ? 221  HIS A C   1 
ATOM   528  O  O   . HIS A 1 71  ? -2.163  6.408   5.131   1.00 9.97  ? 221  HIS A O   1 
ATOM   529  C  CB  . HIS A 1 71  ? -2.944  9.241   4.817   1.00 13.09 ? 221  HIS A CB  1 
ATOM   530  C  CG  . HIS A 1 71  ? -3.375  9.467   6.234   1.00 17.61 ? 221  HIS A CG  1 
ATOM   531  N  ND1 . HIS A 1 71  ? -4.535  8.928   6.767   1.00 13.75 ? 221  HIS A ND1 1 
ATOM   532  C  CD2 . HIS A 1 71  ? -2.803  10.183  7.230   1.00 12.52 ? 221  HIS A CD2 1 
ATOM   533  C  CE1 . HIS A 1 71  ? -4.665  9.323   8.020   1.00 14.59 ? 221  HIS A CE1 1 
ATOM   534  N  NE2 . HIS A 1 71  ? -3.621  10.078  8.329   1.00 16.68 ? 221  HIS A NE2 1 
ATOM   535  N  N   . CYS A 1 72  ? -0.401  7.246   6.303   1.00 16.59 ? 222  CYS A N   1 
ATOM   536  C  CA  . CYS A 1 72  ? -0.055  5.990   6.981   1.00 17.35 ? 222  CYS A CA  1 
ATOM   537  C  C   . CYS A 1 72  ? -0.560  6.099   8.412   1.00 19.59 ? 222  CYS A C   1 
ATOM   538  O  O   . CYS A 1 72  ? -0.131  6.986   9.138   1.00 18.79 ? 222  CYS A O   1 
ATOM   539  C  CB  . CYS A 1 72  ? 1.476   5.818   6.998   1.00 17.01 ? 222  CYS A CB  1 
ATOM   540  S  SG  . CYS A 1 72  ? 2.225   5.979   5.379   1.00 20.63 ? 222  CYS A SG  1 
ATOM   541  N  N   . HIS A 1 73  ? -1.475  5.223   8.819   1.00 14.97 ? 223  HIS A N   1 
ATOM   542  C  CA  . HIS A 1 73  ? -2.113  5.397   10.114  1.00 13.75 ? 223  HIS A CA  1 
ATOM   543  C  C   . HIS A 1 73  ? -2.303  3.987   10.599  1.00 15.39 ? 223  HIS A C   1 
ATOM   544  O  O   . HIS A 1 73  ? -3.094  3.215   10.055  1.00 14.85 ? 223  HIS A O   1 
ATOM   545  C  CB  . HIS A 1 73  ? -3.436  6.228   10.018  1.00 16.82 ? 223  HIS A CB  1 
ATOM   546  C  CG  . HIS A 1 73  ? -4.457  5.703   9.037   1.00 17.00 ? 223  HIS A CG  1 
ATOM   547  N  ND1 . HIS A 1 73  ? -5.657  5.140   9.435   1.00 14.74 ? 223  HIS A ND1 1 
ATOM   548  C  CD2 . HIS A 1 73  ? -4.469  5.687   7.676   1.00 19.68 ? 223  HIS A CD2 1 
ATOM   549  C  CE1 . HIS A 1 73  ? -6.358  4.798   8.365   1.00 16.03 ? 223  HIS A CE1 1 
ATOM   550  N  NE2 . HIS A 1 73  ? -5.660  5.125   7.282   1.00 16.47 ? 223  HIS A NE2 1 
ATOM   551  N  N   . GLY A 1 74  ? -1.503  3.609   11.589  1.00 15.24 ? 224  GLY A N   1 
ATOM   552  C  CA  . GLY A 1 74  ? -1.464  2.212   11.992  1.00 15.23 ? 224  GLY A CA  1 
ATOM   553  C  C   . GLY A 1 74  ? -0.835  1.419   10.849  1.00 16.27 ? 224  GLY A C   1 
ATOM   554  O  O   . GLY A 1 74  ? 0.062   1.904   10.128  1.00 16.51 ? 224  GLY A O   1 
ATOM   555  N  N   . ARG A 1 75  ? -1.356  0.233   10.618  1.00 17.67 ? 225  ARG A N   1 
ATOM   556  C  CA  . ARG A 1 75  ? -0.863  -0.551  9.494   1.00 18.63 ? 225  ARG A CA  1 
ATOM   557  C  C   . ARG A 1 75  ? -1.723  -0.354  8.239   1.00 21.42 ? 225  ARG A C   1 
ATOM   558  O  O   . ARG A 1 75  ? -1.715  -1.173  7.335   1.00 25.92 ? 225  ARG A O   1 
ATOM   559  C  CB  . ARG A 1 75  ? -0.729  -2.000  9.884   1.00 17.99 ? 225  ARG A CB  1 
ATOM   560  C  CG  . ARG A 1 75  ? 0.118   -2.180  11.166  1.00 19.55 ? 225  ARG A CG  1 
ATOM   561  C  CD  . ARG A 1 75  ? 0.677   -3.599  11.247  1.00 22.32 ? 225  ARG A CD  1 
ATOM   562  N  NE  . ARG A 1 75  ? 1.675   -3.803  10.205  1.00 28.31 ? 225  ARG A NE  1 
ATOM   563  C  CZ  . ARG A 1 75  ? 2.993   -3.605  10.317  1.00 27.08 ? 225  ARG A CZ  1 
ATOM   564  N  NH1 . ARG A 1 75  ? 3.549   -3.204  11.448  1.00 22.18 ? 225  ARG A NH1 1 
ATOM   565  N  NH2 . ARG A 1 75  ? 3.769   -3.807  9.261   1.00 22.63 ? 225  ARG A NH2 1 
ATOM   566  N  N   . ARG A 1 76  ? -2.447  0.754   8.179   1.00 17.97 ? 226  ARG A N   1 
ATOM   567  C  CA  . ARG A 1 76  ? -3.167  1.096   6.959   1.00 17.12 ? 226  ARG A CA  1 
ATOM   568  C  C   . ARG A 1 76  ? -2.427  2.233   6.253   1.00 16.28 ? 226  ARG A C   1 
ATOM   569  O  O   . ARG A 1 76  ? -2.045  3.214   6.891   1.00 13.90 ? 226  ARG A O   1 
ATOM   570  C  CB  . ARG A 1 76  ? -4.594  1.503   7.286   1.00 15.70 ? 226  ARG A CB  1 
ATOM   571  C  CG  . ARG A 1 76  ? -5.438  1.947   6.028   1.00 15.75 ? 226  ARG A CG  1 
ATOM   572  C  CD  . ARG A 1 76  ? -5.776  0.717   5.181   1.00 14.67 ? 226  ARG A CD  1 
ATOM   573  N  NE  . ARG A 1 76  ? -6.569  1.072   4.003   1.00 14.71 ? 226  ARG A NE  1 
ATOM   574  C  CZ  . ARG A 1 76  ? -7.078  0.187   3.151   1.00 18.34 ? 226  ARG A CZ  1 
ATOM   575  N  NH1 . ARG A 1 76  ? -6.862  -1.113  3.329   1.00 11.99 ? 226  ARG A NH1 1 
ATOM   576  N  NH2 . ARG A 1 76  ? -7.794  0.599   2.116   1.00 14.65 ? 226  ARG A NH2 1 
ATOM   577  N  N   . THR A 1 77  ? -2.188  2.086   4.955   1.00 13.78 ? 227  THR A N   1 
ATOM   578  C  CA  . THR A 1 77  ? -1.620  3.184   4.181   1.00 13.50 ? 227  THR A CA  1 
ATOM   579  C  C   . THR A 1 77  ? -2.573  3.503   3.048   1.00 16.16 ? 227  THR A C   1 
ATOM   580  O  O   . THR A 1 77  ? -2.841  2.633   2.206   1.00 14.06 ? 227  THR A O   1 
ATOM   581  C  CB  . THR A 1 77  ? -0.223  2.815   3.640   1.00 14.93 ? 227  THR A CB  1 
ATOM   582  O  OG1 . THR A 1 77  ? 0.672   2.712   4.766   1.00 16.97 ? 227  THR A OG1 1 
ATOM   583  C  CG2 . THR A 1 77  ? 0.311   3.877   2.654   1.00 14.05 ? 227  THR A CG2 1 
ATOM   584  N  N   . ASP A 1 78  ? -3.103  4.727   3.052   1.00 15.64 ? 228  ASP A N   1 
ATOM   585  C  CA  . ASP A 1 78  ? -4.016  5.176   1.977   1.00 15.89 ? 228  ASP A CA  1 
ATOM   586  C  C   . ASP A 1 78  ? -3.316  6.099   0.996   1.00 13.49 ? 228  ASP A C   1 
ATOM   587  O  O   . ASP A 1 78  ? -2.640  7.025   1.416   1.00 15.07 ? 228  ASP A O   1 
ATOM   588  C  CB  . ASP A 1 78  ? -5.217  5.845   2.587   1.00 11.88 ? 228  ASP A CB  1 
ATOM   589  C  CG  . ASP A 1 78  ? -6.003  4.892   3.469   1.00 15.72 ? 228  ASP A CG  1 
ATOM   590  O  OD1 . ASP A 1 78  ? -6.395  3.843   2.947   1.00 17.76 ? 228  ASP A OD1 1 
ATOM   591  O  OD2 . ASP A 1 78  ? -6.242  5.186   4.665   1.00 15.61 ? 228  ASP A OD2 1 
ATOM   592  N  N   . TYR A 1 79  ? -3.483  5.829   -0.302  1.00 14.26 ? 229  TYR A N   1 
ATOM   593  C  CA  . TYR A 1 79  ? -2.844  6.607   -1.365  1.00 16.44 ? 229  TYR A CA  1 
ATOM   594  C  C   . TYR A 1 79  ? -3.829  7.509   -2.055  1.00 16.37 ? 229  TYR A C   1 
ATOM   595  O  O   . TYR A 1 79  ? -4.946  7.090   -2.390  1.00 11.84 ? 229  TYR A O   1 
ATOM   596  C  CB  . TYR A 1 79  ? -2.307  5.704   -2.458  1.00 17.50 ? 229  TYR A CB  1 
ATOM   597  C  CG  . TYR A 1 79  ? -1.095  4.875   -2.122  1.00 19.51 ? 229  TYR A CG  1 
ATOM   598  C  CD1 . TYR A 1 79  ? 0.088   5.462   -1.630  1.00 21.18 ? 229  TYR A CD1 1 
ATOM   599  C  CD2 . TYR A 1 79  ? -1.088  3.501   -2.404  1.00 20.37 ? 229  TYR A CD2 1 
ATOM   600  C  CE1 . TYR A 1 79  ? 1.236   4.674   -1.375  1.00 21.64 ? 229  TYR A CE1 1 
ATOM   601  C  CE2 . TYR A 1 79  ? 0.041   2.719   -2.163  1.00 16.90 ? 229  TYR A CE2 1 
ATOM   602  C  CZ  . TYR A 1 79  ? 1.202   3.309   -1.662  1.00 18.50 ? 229  TYR A CZ  1 
ATOM   603  O  OH  . TYR A 1 79  ? 2.309   2.503   -1.435  1.00 21.29 ? 229  TYR A OH  1 
ATOM   604  N  N   . MET A 1 80  ? -3.405  8.755   -2.254  1.00 14.33 ? 230  MET A N   1 
ATOM   605  C  CA  . MET A 1 80  ? -4.148  9.707   -3.028  1.00 17.42 ? 230  MET A CA  1 
ATOM   606  C  C   . MET A 1 80  ? -3.142  10.184  -4.072  1.00 16.56 ? 230  MET A C   1 
ATOM   607  O  O   . MET A 1 80  ? -2.139  10.788  -3.724  1.00 15.48 ? 230  MET A O   1 
ATOM   608  C  CB  . MET A 1 80  ? -4.548  10.873  -2.132  1.00 18.49 ? 230  MET A CB  1 
ATOM   609  C  CG  . MET A 1 80  ? -5.618  10.594  -1.019  1.00 30.55 ? 230  MET A CG  1 
ATOM   610  S  SD  . MET A 1 80  ? -5.190  9.529   0.420   1.00 34.78 ? 230  MET A SD  1 
ATOM   611  C  CE  . MET A 1 80  ? -3.954  10.512  1.298   1.00 16.91 ? 230  MET A CE  1 
ATOM   612  N  N   . MET A 1 81  ? -3.408  9.925   -5.346  1.00 17.02 ? 231  MET A N   1 
ATOM   613  C  CA  . MET A 1 81  ? -2.457  10.280  -6.417  1.00 16.68 ? 231  MET A CA  1 
ATOM   614  C  C   . MET A 1 81  ? -3.106  11.077  -7.525  1.00 18.33 ? 231  MET A C   1 
ATOM   615  O  O   . MET A 1 81  ? -4.217  10.806  -7.933  1.00 14.80 ? 231  MET A O   1 
ATOM   616  C  CB  . MET A 1 81  ? -1.839  9.042   -7.060  1.00 14.49 ? 231  MET A CB  1 
ATOM   617  C  CG  . MET A 1 81  ? -1.548  7.860   -6.072  1.00 11.72 ? 231  MET A CG  1 
ATOM   618  S  SD  . MET A 1 81  ? -0.597  6.692   -7.049  1.00 16.85 ? 231  MET A SD  1 
ATOM   619  C  CE  . MET A 1 81  ? -0.342  5.365   -5.872  1.00 9.91  ? 231  MET A CE  1 
ATOM   620  N  N   . SER A 1 82  ? -2.364  12.043  -8.037  1.00 17.08 ? 232  SER A N   1 
ATOM   621  C  CA  . SER A 1 82  ? -2.845  12.889  -9.108  1.00 17.23 ? 232  SER A CA  1 
ATOM   622  C  C   . SER A 1 82  ? -1.706  13.041  -10.121 1.00 16.95 ? 232  SER A C   1 
ATOM   623  O  O   . SER A 1 82  ? -0.564  13.275  -9.725  1.00 14.42 ? 232  SER A O   1 
ATOM   624  C  CB  . SER A 1 82  ? -3.149  14.262  -8.498  1.00 20.12 ? 232  SER A CB  1 
ATOM   625  O  OG  . SER A 1 82  ? -3.930  14.993  -9.389  1.00 28.15 ? 232  SER A OG  1 
ATOM   626  N  N   . SER A 1 83  ? -1.996  12.903  -11.415 1.00 18.24 ? 233  SER A N   1 
ATOM   627  C  CA  . SER A 1 83  ? -0.935  12.974  -12.437 1.00 18.18 ? 233  SER A CA  1 
ATOM   628  C  C   . SER A 1 83  ? -0.530  14.406  -12.805 1.00 19.63 ? 233  SER A C   1 
ATOM   629  O  O   . SER A 1 83  ? -1.307  15.351  -12.725 1.00 14.69 ? 233  SER A O   1 
ATOM   630  C  CB  . SER A 1 83  ? -1.368  12.238  -13.719 1.00 16.01 ? 233  SER A CB  1 
ATOM   631  O  OG  . SER A 1 83  ? -2.457  12.905  -14.374 1.00 17.63 ? 233  SER A OG  1 
ATOM   632  N  N   . THR A 1 84  ? 0.683   14.545  -13.303 1.00 21.70 ? 234  THR A N   1 
ATOM   633  C  CA  . THR A 1 84  ? 1.038   15.740  -14.061 1.00 19.86 ? 234  THR A CA  1 
ATOM   634  C  C   . THR A 1 84  ? 1.470   15.234  -15.441 1.00 22.19 ? 234  THR A C   1 
ATOM   635  O  O   . THR A 1 84  ? 2.226   14.240  -15.556 1.00 21.64 ? 234  THR A O   1 
ATOM   636  C  CB  . THR A 1 84  ? 2.199   16.511  -13.377 1.00 22.89 ? 234  THR A CB  1 
ATOM   637  O  OG1 . THR A 1 84  ? 3.247   15.576  -13.094 1.00 23.93 ? 234  THR A OG1 1 
ATOM   638  C  CG2 . THR A 1 84  ? 1.738   17.145  -12.033 1.00 21.24 ? 234  THR A CG2 1 
ATOM   639  N  N   . GLY A 1 85  ? 0.980   15.887  -16.489 1.00 19.14 ? 235  GLY A N   1 
ATOM   640  C  CA  . GLY A 1 85  ? 1.344   15.495  -17.838 1.00 17.71 ? 235  GLY A CA  1 
ATOM   641  C  C   . GLY A 1 85  ? 0.308   14.575  -18.466 1.00 20.48 ? 235  GLY A C   1 
ATOM   642  O  O   . GLY A 1 85  ? -0.764  14.332  -17.897 1.00 18.25 ? 235  GLY A O   1 
ATOM   643  N  N   . ASN A 1 86  ? 0.620   14.081  -19.655 1.00 17.53 ? 236  ASN A N   1 
ATOM   644  C  CA  . ASN A 1 86  ? -0.275  13.149  -20.334 1.00 17.99 ? 236  ASN A CA  1 
ATOM   645  C  C   . ASN A 1 86  ? 0.354   11.744  -20.305 1.00 16.96 ? 236  ASN A C   1 
ATOM   646  O  O   . ASN A 1 86  ? 1.586   11.588  -20.210 1.00 17.70 ? 236  ASN A O   1 
ATOM   647  C  CB  . ASN A 1 86  ? -0.593  13.640  -21.765 1.00 16.06 ? 236  ASN A CB  1 
ATOM   648  C  CG  . ASN A 1 86  ? 0.519   13.325  -22.746 1.00 21.03 ? 236  ASN A CG  1 
ATOM   649  O  OD1 . ASN A 1 86  ? 0.688   12.179  -23.149 1.00 24.08 ? 236  ASN A OD1 1 
ATOM   650  N  ND2 . ASN A 1 86  ? 1.296   14.329  -23.106 1.00 16.60 ? 236  ASN A ND2 1 
ATOM   651  N  N   . LEU A 1 87  ? -0.495  10.733  -20.295 1.00 15.52 ? 237  LEU A N   1 
ATOM   652  C  CA  . LEU A 1 87  ? -0.050  9.361   -20.528 1.00 17.67 ? 237  LEU A CA  1 
ATOM   653  C  C   . LEU A 1 87  ? -0.538  8.908   -21.906 1.00 17.15 ? 237  LEU A C   1 
ATOM   654  O  O   . LEU A 1 87  ? -1.724  9.008   -22.225 1.00 18.82 ? 237  LEU A O   1 
ATOM   655  C  CB  . LEU A 1 87  ? -0.617  8.397   -19.472 1.00 16.02 ? 237  LEU A CB  1 
ATOM   656  C  CG  . LEU A 1 87  ? -0.316  6.911   -19.683 1.00 16.69 ? 237  LEU A CG  1 
ATOM   657  C  CD1 . LEU A 1 87  ? 1.159   6.602   -19.295 1.00 12.74 ? 237  LEU A CD1 1 
ATOM   658  C  CD2 . LEU A 1 87  ? -1.332  6.075   -18.883 1.00 18.42 ? 237  LEU A CD2 1 
ATOM   659  N  N   . THR A 1 88  ? 0.376   8.379   -22.702 1.00 16.17 ? 238  THR A N   1 
ATOM   660  C  CA  . THR A 1 88  ? 0.013   7.901   -24.024 1.00 20.77 ? 238  THR A CA  1 
ATOM   661  C  C   . THR A 1 88  ? -0.438  6.437   -23.892 1.00 21.39 ? 238  THR A C   1 
ATOM   662  O  O   . THR A 1 88  ? 0.282   5.585   -23.330 1.00 22.26 ? 238  THR A O   1 
ATOM   663  C  CB  . THR A 1 88  ? 1.226   7.998   -25.014 1.00 24.47 ? 238  THR A CB  1 
ATOM   664  O  OG1 . THR A 1 88  ? 1.748   9.338   -25.026 1.00 26.79 ? 238  THR A OG1 1 
ATOM   665  C  CG2 . THR A 1 88  ? 0.798   7.604   -26.449 1.00 16.96 ? 238  THR A CG2 1 
ATOM   666  N  N   . VAL A 1 89  ? -1.648  6.180   -24.361 1.00 20.88 ? 239  VAL A N   1 
ATOM   667  C  CA  . VAL A 1 89  ? -2.234  4.840   -24.340 1.00 22.91 ? 239  VAL A CA  1 
ATOM   668  C  C   . VAL A 1 89  ? -2.520  4.420   -25.794 1.00 23.61 ? 239  VAL A C   1 
ATOM   669  O  O   . VAL A 1 89  ? -2.656  5.262   -26.682 1.00 19.62 ? 239  VAL A O   1 
ATOM   670  C  CB  . VAL A 1 89  ? -3.524  4.766   -23.480 1.00 23.19 ? 239  VAL A CB  1 
ATOM   671  C  CG1 . VAL A 1 89  ? -3.224  5.081   -21.980 1.00 18.55 ? 239  VAL A CG1 1 
ATOM   672  C  CG2 . VAL A 1 89  ? -4.624  5.654   -24.025 1.00 20.92 ? 239  VAL A CG2 1 
ATOM   673  N  N   . THR A 1 90  ? -2.589  3.116   -26.015 1.00 25.35 ? 240  THR A N   1 
ATOM   674  C  CA  . THR A 1 90  ? -2.594  2.564   -27.365 1.00 25.76 ? 240  THR A CA  1 
ATOM   675  C  C   . THR A 1 90  ? -3.778  1.597   -27.543 1.00 26.72 ? 240  THR A C   1 
ATOM   676  O  O   . THR A 1 90  ? -4.034  1.129   -28.648 1.00 29.13 ? 240  THR A O   1 
ATOM   677  C  CB  . THR A 1 90  ? -1.197  1.941   -27.738 1.00 25.92 ? 240  THR A CB  1 
ATOM   678  O  OG1 . THR A 1 90  ? -0.862  0.878   -26.841 1.00 28.58 ? 240  THR A OG1 1 
ATOM   679  C  CG2 . THR A 1 90  ? -0.086  2.981   -27.626 1.00 26.79 ? 240  THR A CG2 1 
ATOM   680  N  N   . SER A 1 91  ? -4.533  1.349   -26.470 1.00 25.52 ? 241  SER A N   1 
ATOM   681  C  CA  . SER A 1 91  ? -5.560  0.291   -26.488 1.00 24.97 ? 241  SER A CA  1 
ATOM   682  C  C   . SER A 1 91  ? -6.765  0.689   -25.632 1.00 22.52 ? 241  SER A C   1 
ATOM   683  O  O   . SER A 1 91  ? -6.809  1.794   -25.076 1.00 24.23 ? 241  SER A O   1 
ATOM   684  C  CB  . SER A 1 91  ? -4.927  -1.036  -26.018 1.00 26.12 ? 241  SER A CB  1 
ATOM   685  O  OG  . SER A 1 91  ? -5.881  -2.082  -26.013 1.00 34.82 ? 241  SER A OG  1 
ATOM   686  N  N   . ASN A 1 92  ? -7.747  -0.192  -25.493 1.00 20.33 ? 242  ASN A N   1 
ATOM   687  C  CA  . ASN A 1 92  ? -8.915  0.160   -24.687 1.00 20.99 ? 242  ASN A CA  1 
ATOM   688  C  C   . ASN A 1 92  ? -8.721  -0.167  -23.210 1.00 19.44 ? 242  ASN A C   1 
ATOM   689  O  O   . ASN A 1 92  ? -9.576  0.146   -22.388 1.00 17.65 ? 242  ASN A O   1 
ATOM   690  C  CB  . ASN A 1 92  ? -10.229 -0.442  -25.249 1.00 22.24 ? 242  ASN A CB  1 
ATOM   691  C  CG  . ASN A 1 92  ? -10.196 -1.961  -25.315 1.00 28.78 ? 242  ASN A CG  1 
ATOM   692  O  OD1 . ASN A 1 92  ? -9.161  -2.558  -25.178 1.00 26.94 ? 242  ASN A OD1 1 
ATOM   693  N  ND2 . ASN A 1 92  ? -11.343 -2.575  -25.541 1.00 39.15 ? 242  ASN A ND2 1 
ATOM   694  N  N   . VAL A 1 93  ? -7.590  -0.790  -22.873 1.00 20.46 ? 243  VAL A N   1 
ATOM   695  C  CA  . VAL A 1 93  ? -7.303  -1.094  -21.484 1.00 21.85 ? 243  VAL A CA  1 
ATOM   696  C  C   . VAL A 1 93  ? -5.845  -0.788  -21.262 1.00 23.23 ? 243  VAL A C   1 
ATOM   697  O  O   . VAL A 1 93  ? -5.040  -1.040  -22.138 1.00 22.83 ? 243  VAL A O   1 
ATOM   698  C  CB  . VAL A 1 93  ? -7.574  -2.582  -21.130 1.00 23.85 ? 243  VAL A CB  1 
ATOM   699  C  CG1 . VAL A 1 93  ? -7.284  -2.835  -19.645 1.00 16.86 ? 243  VAL A CG1 1 
ATOM   700  C  CG2 . VAL A 1 93  ? -9.018  -2.941  -21.427 1.00 30.35 ? 243  VAL A CG2 1 
ATOM   701  N  N   . VAL A 1 94  ? -5.497  -0.228  -20.103 1.00 21.13 ? 244  VAL A N   1 
ATOM   702  C  CA  . VAL A 1 94  ? -4.078  0.018   -19.810 1.00 17.67 ? 244  VAL A CA  1 
ATOM   703  C  C   . VAL A 1 94  ? -3.729  -0.603  -18.460 1.00 17.10 ? 244  VAL A C   1 
ATOM   704  O  O   . VAL A 1 94  ? -4.589  -0.698  -17.559 1.00 15.13 ? 244  VAL A O   1 
ATOM   705  C  CB  . VAL A 1 94  ? -3.728  1.549   -19.902 1.00 18.42 ? 244  VAL A CB  1 
ATOM   706  C  CG1 . VAL A 1 94  ? -4.543  2.314   -18.876 1.00 16.98 ? 244  VAL A CG1 1 
ATOM   707  C  CG2 . VAL A 1 94  ? -2.209  1.799   -19.754 1.00 16.03 ? 244  VAL A CG2 1 
ATOM   708  N  N   . LEU A 1 95  ? -2.487  -1.086  -18.361 1.00 16.83 ? 245  LEU A N   1 
ATOM   709  C  CA  . LEU A 1 95  ? -1.903  -1.567  -17.107 1.00 19.15 ? 245  LEU A CA  1 
ATOM   710  C  C   . LEU A 1 95  ? -0.828  -0.593  -16.700 1.00 18.45 ? 245  LEU A C   1 
ATOM   711  O  O   . LEU A 1 95  ? 0.073   -0.288  -17.497 1.00 18.01 ? 245  LEU A O   1 
ATOM   712  C  CB  . LEU A 1 95  ? -1.315  -2.975  -17.256 1.00 20.58 ? 245  LEU A CB  1 
ATOM   713  C  CG  . LEU A 1 95  ? -2.290  -4.148  -17.084 1.00 22.81 ? 245  LEU A CG  1 
ATOM   714  C  CD1 . LEU A 1 95  ? -3.344  -4.180  -18.211 1.00 23.08 ? 245  LEU A CD1 1 
ATOM   715  C  CD2 . LEU A 1 95  ? -1.524  -5.509  -17.012 1.00 24.05 ? 245  LEU A CD2 1 
ATOM   716  N  N   . LEU A 1 96  ? -0.955  -0.082  -15.473 1.00 19.12 ? 246  LEU A N   1 
ATOM   717  C  CA  . LEU A 1 96  ? -0.053  0.933   -14.930 1.00 19.49 ? 246  LEU A CA  1 
ATOM   718  C  C   . LEU A 1 96  ? 0.569   0.430   -13.650 1.00 16.82 ? 246  LEU A C   1 
ATOM   719  O  O   . LEU A 1 96  ? -0.118  0.096   -12.691 1.00 17.82 ? 246  LEU A O   1 
ATOM   720  C  CB  . LEU A 1 96  ? -0.804  2.242   -14.699 1.00 18.57 ? 246  LEU A CB  1 
ATOM   721  C  CG  . LEU A 1 96  ? -0.023  3.540   -14.575 1.00 25.69 ? 246  LEU A CG  1 
ATOM   722  C  CD1 . LEU A 1 96  ? 0.799   3.915   -15.864 1.00 18.52 ? 246  LEU A CD1 1 
ATOM   723  C  CD2 . LEU A 1 96  ? -1.066  4.613   -14.205 1.00 18.31 ? 246  LEU A CD2 1 
ATOM   724  N  N   . THR A 1 97  ? 1.894   0.368   -13.679 1.00 15.51 ? 247  THR A N   1 
ATOM   725  C  CA  . THR A 1 97  ? 2.681   -0.311  -12.686 1.00 16.60 ? 247  THR A CA  1 
ATOM   726  C  C   . THR A 1 97  ? 3.331   0.683   -11.742 1.00 17.45 ? 247  THR A C   1 
ATOM   727  O  O   . THR A 1 97  ? 3.878   1.696   -12.171 1.00 18.35 ? 247  THR A O   1 
ATOM   728  C  CB  . THR A 1 97  ? 3.722   -1.185  -13.397 1.00 15.94 ? 247  THR A CB  1 
ATOM   729  O  OG1 . THR A 1 97  ? 3.011   -2.207  -14.081 1.00 16.65 ? 247  THR A OG1 1 
ATOM   730  C  CG2 . THR A 1 97  ? 4.693   -1.839  -12.379 1.00 17.72 ? 247  THR A CG2 1 
ATOM   731  N  N   . PHE A 1 98  ? 3.252   0.371   -10.456 1.00 18.06 ? 248  PHE A N   1 
ATOM   732  C  CA  . PHE A 1 98  ? 3.771   1.213   -9.390  1.00 17.68 ? 248  PHE A CA  1 
ATOM   733  C  C   . PHE A 1 98  ? 4.847   0.407   -8.628  1.00 19.29 ? 248  PHE A C   1 
ATOM   734  O  O   . PHE A 1 98  ? 4.547   -0.439  -7.773  1.00 14.94 ? 248  PHE A O   1 
ATOM   735  C  CB  . PHE A 1 98  ? 2.613   1.638   -8.487  1.00 15.85 ? 248  PHE A CB  1 
ATOM   736  C  CG  . PHE A 1 98  ? 1.691   2.631   -9.131  1.00 16.81 ? 248  PHE A CG  1 
ATOM   737  C  CD1 . PHE A 1 98  ? 0.636   2.206   -9.963  1.00 18.08 ? 248  PHE A CD1 1 
ATOM   738  C  CD2 . PHE A 1 98  ? 1.868   3.997   -8.905  1.00 13.59 ? 248  PHE A CD2 1 
ATOM   739  C  CE1 . PHE A 1 98  ? -0.209  3.137   -10.572 1.00 17.60 ? 248  PHE A CE1 1 
ATOM   740  C  CE2 . PHE A 1 98  ? 1.024   4.924   -9.518  1.00 19.61 ? 248  PHE A CE2 1 
ATOM   741  C  CZ  . PHE A 1 98  ? 0.016   4.502   -10.360 1.00 13.37 ? 248  PHE A CZ  1 
ATOM   742  N  N   . ASP A 1 99  ? 6.105   0.638   -8.996  1.00 17.46 ? 249  ASP A N   1 
ATOM   743  C  CA  . ASP A 1 99  ? 7.226   -0.065  -8.359  1.00 19.36 ? 249  ASP A CA  1 
ATOM   744  C  C   . ASP A 1 99  ? 7.927   0.891   -7.387  1.00 18.39 ? 249  ASP A C   1 
ATOM   745  O  O   . ASP A 1 99  ? 8.236   2.018   -7.795  1.00 17.22 ? 249  ASP A O   1 
ATOM   746  C  CB  . ASP A 1 99  ? 8.186   -0.443  -9.494  1.00 22.86 ? 249  ASP A CB  1 
ATOM   747  C  CG  . ASP A 1 99  ? 9.434   -1.135  -9.014  1.00 21.42 ? 249  ASP A CG  1 
ATOM   748  O  OD1 . ASP A 1 99  ? 9.809   -1.029  -7.822  1.00 22.76 ? 249  ASP A OD1 1 
ATOM   749  O  OD2 . ASP A 1 99  ? 10.011  -1.806  -9.860  1.00 25.28 ? 249  ASP A OD2 1 
ATOM   750  N  N   . LEU A 1 100 ? 8.193   0.467   -6.136  1.00 16.03 ? 250  LEU A N   1 
ATOM   751  C  CA  . LEU A 1 100 ? 8.839   1.374   -5.164  1.00 17.57 ? 250  LEU A CA  1 
ATOM   752  C  C   . LEU A 1 100 ? 10.121  2.042   -5.683  1.00 20.07 ? 250  LEU A C   1 
ATOM   753  O  O   . LEU A 1 100 ? 10.425  3.186   -5.313  1.00 21.65 ? 250  LEU A O   1 
ATOM   754  C  CB  . LEU A 1 100 ? 9.132   0.674   -3.819  1.00 21.56 ? 250  LEU A CB  1 
ATOM   755  C  CG  . LEU A 1 100 ? 7.935   0.208   -2.981  1.00 23.46 ? 250  LEU A CG  1 
ATOM   756  C  CD1 . LEU A 1 100 ? 8.462   -0.419  -1.696  1.00 28.83 ? 250  LEU A CD1 1 
ATOM   757  C  CD2 . LEU A 1 100 ? 6.949   1.396   -2.712  1.00 18.56 ? 250  LEU A CD2 1 
ATOM   758  N  N   . SER A 1 101 ? 10.871  1.351   -6.537  1.00 20.39 ? 251  SER A N   1 
ATOM   759  C  CA  . SER A 1 101 ? 12.104  1.924   -7.130  1.00 23.85 ? 251  SER A CA  1 
ATOM   760  C  C   . SER A 1 101 ? 11.862  3.207   -7.933  1.00 25.82 ? 251  SER A C   1 
ATOM   761  O  O   . SER A 1 101 ? 12.788  4.006   -8.145  1.00 23.43 ? 251  SER A O   1 
ATOM   762  C  CB  . SER A 1 101 ? 12.832  0.872   -7.989  1.00 22.12 ? 251  SER A CB  1 
ATOM   763  O  OG  . SER A 1 101 ? 13.233  -0.207  -7.148  1.00 27.06 ? 251  SER A OG  1 
ATOM   764  N  N   . ASP A 1 102 ? 10.620  3.428   -8.361  1.00 25.23 ? 252  ASP A N   1 
ATOM   765  C  CA  . ASP A 1 102 ? 10.321  4.630   -9.150  1.00 25.07 ? 252  ASP A CA  1 
ATOM   766  C  C   . ASP A 1 102 ? 9.759   5.796   -8.353  1.00 22.83 ? 252  ASP A C   1 
ATOM   767  O  O   . ASP A 1 102 ? 9.238   6.737   -8.932  1.00 23.59 ? 252  ASP A O   1 
ATOM   768  C  CB  . ASP A 1 102 ? 9.403   4.284   -10.325 1.00 23.93 ? 252  ASP A CB  1 
ATOM   769  C  CG  . ASP A 1 102 ? 10.055  3.317   -11.288 1.00 28.69 ? 252  ASP A CG  1 
ATOM   770  O  OD1 . ASP A 1 102 ? 11.202  3.577   -11.699 1.00 23.83 ? 252  ASP A OD1 1 
ATOM   771  O  OD2 . ASP A 1 102 ? 9.420   2.301   -11.631 1.00 28.82 ? 252  ASP A OD2 1 
ATOM   772  N  N   . ILE A 1 103 ? 9.857   5.737   -7.034  1.00 24.31 ? 253  ILE A N   1 
ATOM   773  C  CA  . ILE A 1 103 ? 9.491   6.867   -6.191  1.00 26.22 ? 253  ILE A CA  1 
ATOM   774  C  C   . ILE A 1 103 ? 10.716  7.768   -6.052  1.00 34.88 ? 253  ILE A C   1 
ATOM   775  O  O   . ILE A 1 103 ? 11.829  7.275   -5.807  1.00 32.75 ? 253  ILE A O   1 
ATOM   776  C  CB  . ILE A 1 103 ? 9.102   6.408   -4.797  1.00 26.09 ? 253  ILE A CB  1 
ATOM   777  C  CG1 . ILE A 1 103 ? 7.771   5.673   -4.831  1.00 18.66 ? 253  ILE A CG1 1 
ATOM   778  C  CG2 . ILE A 1 103 ? 9.183   7.560   -3.786  1.00 22.81 ? 253  ILE A CG2 1 
ATOM   779  C  CD1 . ILE A 1 103 ? 7.450   4.993   -3.533  1.00 22.97 ? 253  ILE A CD1 1 
ATOM   780  N  N   . THR A 1 104 ? 10.510  9.081   -6.208  1.00 42.83 ? 254  THR A N   1 
ATOM   781  C  CA  . THR A 1 104 ? 11.526  10.080  -5.822  1.00 47.59 ? 254  THR A CA  1 
ATOM   782  C  C   . THR A 1 104 ? 11.054  11.017  -4.706  1.00 51.84 ? 254  THR A C   1 
ATOM   783  O  O   . THR A 1 104 ? 9.901   11.510  -4.686  1.00 49.48 ? 254  THR A O   1 
ATOM   784  C  CB  . THR A 1 104 ? 12.130  10.853  -7.004  1.00 47.66 ? 254  THR A CB  1 
ATOM   785  O  OG1 . THR A 1 104 ? 11.086  11.282  -7.877  1.00 46.66 ? 254  THR A OG1 1 
ATOM   786  C  CG2 . THR A 1 104 ? 13.107  9.966   -7.768  1.00 53.27 ? 254  THR A CG2 1 
ATOM   787  N  N   . HIS A 1 105 ? 12.041  11.351  -3.878  1.00 58.29 ? 255  HIS A N   1 
ATOM   788  C  CA  . HIS A 1 105 ? 11.987  11.215  -2.428  1.00 64.06 ? 255  HIS A CA  1 
ATOM   789  C  C   . HIS A 1 105 ? 12.300  9.722   -2.332  1.00 65.20 ? 255  HIS A C   1 
ATOM   790  O  O   . HIS A 1 105 ? 12.962  9.176   -3.213  1.00 67.41 ? 255  HIS A O   1 
ATOM   791  C  CB  . HIS A 1 105 ? 10.629  11.593  -1.791  1.00 65.74 ? 255  HIS A CB  1 
ATOM   792  C  CG  . HIS A 1 105 ? 10.532  13.033  -1.369  1.00 72.61 ? 255  HIS A CG  1 
ATOM   793  N  ND1 . HIS A 1 105 ? 10.455  14.076  -2.271  1.00 76.74 ? 255  HIS A ND1 1 
ATOM   794  C  CD2 . HIS A 1 105 ? 10.507  13.603  -0.137  1.00 79.02 ? 255  HIS A CD2 1 
ATOM   795  C  CE1 . HIS A 1 105 ? 10.394  15.222  -1.614  1.00 80.64 ? 255  HIS A CE1 1 
ATOM   796  N  NE2 . HIS A 1 105 ? 10.422  14.964  -0.319  1.00 81.61 ? 255  HIS A NE2 1 
ATOM   797  N  N   . ILE A 1 106 ? 11.839  9.097   -1.261  1.00 66.51 ? 256  ILE A N   1 
ATOM   798  C  CA  . ILE A 1 106 ? 11.917  7.661   -0.934  1.00 66.74 ? 256  ILE A CA  1 
ATOM   799  C  C   . ILE A 1 106 ? 11.865  7.798   0.557   1.00 65.06 ? 256  ILE A C   1 
ATOM   800  O  O   . ILE A 1 106 ? 12.890  8.081   1.190   1.00 64.99 ? 256  ILE A O   1 
ATOM   801  C  CB  . ILE A 1 106 ? 13.175  6.799   -1.404  1.00 67.79 ? 256  ILE A CB  1 
ATOM   802  C  CG1 . ILE A 1 106 ? 14.514  7.570   -1.399  1.00 74.46 ? 256  ILE A CG1 1 
ATOM   803  C  CG2 . ILE A 1 106 ? 12.892  6.082   -2.738  1.00 71.12 ? 256  ILE A CG2 1 
ATOM   804  C  CD1 . ILE A 1 106 ? 15.590  6.994   -0.450  1.00 74.85 ? 256  ILE A CD1 1 
ATOM   805  N  N   . PRO A 1 107 ? 10.645  7.696   1.116   1.00 63.74 ? 257  PRO A N   1 
ATOM   806  C  CA  . PRO A 1 107 ? 10.462  7.954   2.545   1.00 62.50 ? 257  PRO A CA  1 
ATOM   807  C  C   . PRO A 1 107 ? 11.363  7.032   3.370   1.00 60.26 ? 257  PRO A C   1 
ATOM   808  O  O   . PRO A 1 107 ? 11.701  5.936   2.918   1.00 59.39 ? 257  PRO A O   1 
ATOM   809  C  CB  . PRO A 1 107 ? 8.976   7.645   2.760   1.00 62.97 ? 257  PRO A CB  1 
ATOM   810  C  CG  . PRO A 1 107 ? 8.358   7.836   1.387   1.00 62.01 ? 257  PRO A CG  1 
ATOM   811  C  CD  . PRO A 1 107 ? 9.380   7.329   0.450   1.00 61.42 ? 257  PRO A CD  1 
ATOM   812  N  N   . SER A 1 108 ? 11.779  7.487   4.550   1.00 59.01 ? 258  SER A N   1 
ATOM   813  C  CA  . SER A 1 108 ? 12.626  6.664   5.420   1.00 57.39 ? 258  SER A CA  1 
ATOM   814  C  C   . SER A 1 108 ? 11.903  5.378   5.853   1.00 54.67 ? 258  SER A C   1 
ATOM   815  O  O   . SER A 1 108 ? 12.499  4.293   5.859   1.00 53.03 ? 258  SER A O   1 
ATOM   816  C  CB  . SER A 1 108 ? 13.125  7.460   6.639   1.00 58.07 ? 258  SER A CB  1 
ATOM   817  O  OG  . SER A 1 108 ? 12.083  8.216   7.240   1.00 57.49 ? 258  SER A OG  1 
ATOM   818  N  N   . ASP A 1 109 ? 10.615  5.509   6.183   1.00 52.41 ? 259  ASP A N   1 
ATOM   819  C  CA  . ASP A 1 109 ? 9.807   4.375   6.645   1.00 50.27 ? 259  ASP A CA  1 
ATOM   820  C  C   . ASP A 1 109 ? 9.112   3.737   5.439   1.00 48.19 ? 259  ASP A C   1 
ATOM   821  O  O   . ASP A 1 109 ? 7.879   3.763   5.311   1.00 45.72 ? 259  ASP A O   1 
ATOM   822  C  CB  . ASP A 1 109 ? 8.825   4.799   7.753   1.00 50.74 ? 259  ASP A CB  1 
ATOM   823  C  CG  . ASP A 1 109 ? 9.536   5.451   8.966   1.00 59.68 ? 259  ASP A CG  1 
ATOM   824  O  OD1 . ASP A 1 109 ? 10.598  4.935   9.406   1.00 68.08 ? 259  ASP A OD1 1 
ATOM   825  O  OD2 . ASP A 1 109 ? 9.041   6.480   9.487   1.00 58.85 ? 259  ASP A OD2 1 
ATOM   826  N  N   . LEU A 1 110 ? 9.941   3.161   4.561   1.00 44.40 ? 260  LEU A N   1 
ATOM   827  C  CA  . LEU A 1 110 ? 9.482   2.544   3.322   1.00 41.37 ? 260  LEU A CA  1 
ATOM   828  C  C   . LEU A 1 110 ? 8.615   1.299   3.583   1.00 33.39 ? 260  LEU A C   1 
ATOM   829  O  O   . LEU A 1 110 ? 7.796   0.925   2.734   1.00 29.34 ? 260  LEU A O   1 
ATOM   830  C  CB  . LEU A 1 110 ? 10.668  2.225   2.411   1.00 41.62 ? 260  LEU A CB  1 
ATOM   831  C  CG  . LEU A 1 110 ? 10.420  2.041   0.912   1.00 45.35 ? 260  LEU A CG  1 
ATOM   832  C  CD1 . LEU A 1 110 ? 9.838   3.299   0.267   1.00 50.07 ? 260  LEU A CD1 1 
ATOM   833  C  CD2 . LEU A 1 110 ? 11.736  1.650   0.216   1.00 45.24 ? 260  LEU A CD2 1 
ATOM   834  N  N   . ALA A 1 111 ? 8.801   0.687   4.756   1.00 26.83 ? 261  ALA A N   1 
ATOM   835  C  CA  . ALA A 1 111 ? 7.916   -0.346  5.267   1.00 26.76 ? 261  ALA A CA  1 
ATOM   836  C  C   . ALA A 1 111 ? 6.420   0.042   5.201   1.00 23.04 ? 261  ALA A C   1 
ATOM   837  O  O   . ALA A 1 111 ? 5.580   -0.831  5.129   1.00 21.60 ? 261  ALA A O   1 
ATOM   838  C  CB  . ALA A 1 111 ? 8.302   -0.717  6.713   1.00 28.81 ? 261  ALA A CB  1 
ATOM   839  N  N   . ARG A 1 112 ? 6.093   1.340   5.216   1.00 21.38 ? 262  ARG A N   1 
ATOM   840  C  CA  . ARG A 1 112 ? 4.662   1.767   5.172   1.00 23.39 ? 262  ARG A CA  1 
ATOM   841  C  C   . ARG A 1 112 ? 4.041   1.682   3.758   1.00 20.86 ? 262  ARG A C   1 
ATOM   842  O  O   . ARG A 1 112 ? 2.835   1.862   3.580   1.00 19.38 ? 262  ARG A O   1 
ATOM   843  C  CB  . ARG A 1 112 ? 4.476   3.181   5.747   1.00 20.39 ? 262  ARG A CB  1 
ATOM   844  C  CG  . ARG A 1 112 ? 5.071   3.432   7.153   1.00 24.69 ? 262  ARG A CG  1 
ATOM   845  C  CD  . ARG A 1 112 ? 4.123   3.031   8.284   1.00 21.92 ? 262  ARG A CD  1 
ATOM   846  N  NE  . ARG A 1 112 ? 3.658   1.636   8.199   1.00 19.75 ? 262  ARG A NE  1 
ATOM   847  C  CZ  . ARG A 1 112 ? 4.320   0.588   8.683   1.00 28.91 ? 262  ARG A CZ  1 
ATOM   848  N  NH1 . ARG A 1 112 ? 5.512   0.755   9.265   1.00 26.61 ? 262  ARG A NH1 1 
ATOM   849  N  NH2 . ARG A 1 112 ? 3.812   -0.640  8.561   1.00 29.28 ? 262  ARG A NH2 1 
ATOM   850  N  N   . LEU A 1 113 ? 4.879   1.418   2.762   1.00 19.73 ? 263  LEU A N   1 
ATOM   851  C  CA  . LEU A 1 113 ? 4.444   1.350   1.348   1.00 19.40 ? 263  LEU A CA  1 
ATOM   852  C  C   . LEU A 1 113 ? 4.513   -0.080  0.859   1.00 19.46 ? 263  LEU A C   1 
ATOM   853  O  O   . LEU A 1 113 ? 4.399   -0.362  -0.347  1.00 18.66 ? 263  LEU A O   1 
ATOM   854  C  CB  . LEU A 1 113 ? 5.357   2.234   0.481   1.00 17.90 ? 263  LEU A CB  1 
ATOM   855  C  CG  . LEU A 1 113 ? 5.584   3.679   0.951   1.00 24.58 ? 263  LEU A CG  1 
ATOM   856  C  CD1 . LEU A 1 113 ? 6.385   4.457   -0.095  1.00 25.45 ? 263  LEU A CD1 1 
ATOM   857  C  CD2 . LEU A 1 113 ? 4.242   4.374   1.250   1.00 22.54 ? 263  LEU A CD2 1 
ATOM   858  N  N   . VAL A 1 114 ? 4.703   -0.992  1.807   1.00 18.59 ? 264  VAL A N   1 
ATOM   859  C  CA  . VAL A 1 114 ? 4.793   -2.426  1.482   1.00 19.10 ? 264  VAL A CA  1 
ATOM   860  C  C   . VAL A 1 114 ? 3.614   -3.183  2.101   1.00 16.60 ? 264  VAL A C   1 
ATOM   861  O  O   . VAL A 1 114 ? 3.454   -3.168  3.315   1.00 18.21 ? 264  VAL A O   1 
ATOM   862  C  CB  . VAL A 1 114 ? 6.170   -3.019  1.943   1.00 20.33 ? 264  VAL A CB  1 
ATOM   863  C  CG1 . VAL A 1 114 ? 6.224   -4.558  1.761   1.00 16.97 ? 264  VAL A CG1 1 
ATOM   864  C  CG2 . VAL A 1 114 ? 7.320   -2.321  1.195   1.00 22.26 ? 264  VAL A CG2 1 
ATOM   865  N  N   . PRO A 1 115 ? 2.791   -3.846  1.273   1.00 15.59 ? 265  PRO A N   1 
ATOM   866  C  CA  . PRO A 1 115 ? 1.610   -4.529  1.782   1.00 17.16 ? 265  PRO A CA  1 
ATOM   867  C  C   . PRO A 1 115 ? 2.009   -5.768  2.587   1.00 20.10 ? 265  PRO A C   1 
ATOM   868  O  O   . PRO A 1 115 ? 3.110   -6.298  2.385   1.00 18.94 ? 265  PRO A O   1 
ATOM   869  C  CB  . PRO A 1 115 ? 0.921   -4.988  0.512   1.00 15.92 ? 265  PRO A CB  1 
ATOM   870  C  CG  . PRO A 1 115 ? 2.082   -5.206  -0.445  1.00 18.42 ? 265  PRO A CG  1 
ATOM   871  C  CD  . PRO A 1 115 ? 2.957   -4.045  -0.180  1.00 11.89 ? 265  PRO A CD  1 
ATOM   872  N  N   . SER A 1 116 ? 1.125   -6.233  3.463   1.00 18.40 ? 266  SER A N   1 
ATOM   873  C  CA  . SER A 1 116 ? 1.381   -7.461  4.225   1.00 18.53 ? 266  SER A CA  1 
ATOM   874  C  C   . SER A 1 116 ? 1.300   -8.662  3.279   1.00 17.71 ? 266  SER A C   1 
ATOM   875  O  O   . SER A 1 116 ? 0.710   -8.575  2.217   1.00 17.38 ? 266  SER A O   1 
ATOM   876  C  CB  . SER A 1 116 ? 0.381   -7.589  5.370   1.00 16.84 ? 266  SER A CB  1 
ATOM   877  O  OG  . SER A 1 116 ? -0.955  -7.805  4.870   1.00 18.91 ? 266  SER A OG  1 
ATOM   878  N  N   . ALA A 1 117 ? 1.898   -9.791  3.653   1.00 21.53 ? 267  ALA A N   1 
ATOM   879  C  CA  . ALA A 1 117 ? 1.709   -11.011 2.879   1.00 20.55 ? 267  ALA A CA  1 
ATOM   880  C  C   . ALA A 1 117 ? 0.213   -11.321 2.701   1.00 19.66 ? 267  ALA A C   1 
ATOM   881  O  O   . ALA A 1 117 ? -0.219  -11.702 1.620   1.00 17.44 ? 267  ALA A O   1 
ATOM   882  C  CB  . ALA A 1 117 ? 2.432   -12.177 3.546   1.00 23.19 ? 267  ALA A CB  1 
ATOM   883  N  N   . GLY A 1 118 ? -0.579  -11.181 3.769   1.00 20.39 ? 268  GLY A N   1 
ATOM   884  C  CA  . GLY A 1 118 ? -2.007  -11.437 3.659   1.00 18.34 ? 268  GLY A CA  1 
ATOM   885  C  C   . GLY A 1 118 ? -2.693  -10.569 2.594   1.00 17.09 ? 268  GLY A C   1 
ATOM   886  O  O   . GLY A 1 118 ? -3.436  -11.073 1.752   1.00 17.07 ? 268  GLY A O   1 
ATOM   887  N  N   . PHE A 1 119 ? -2.437  -9.262  2.634   1.00 17.21 ? 269  PHE A N   1 
ATOM   888  C  CA  . PHE A 1 119 ? -3.068  -8.311  1.710   1.00 16.83 ? 269  PHE A CA  1 
ATOM   889  C  C   . PHE A 1 119 ? -2.626  -8.591  0.269   1.00 17.26 ? 269  PHE A C   1 
ATOM   890  O  O   . PHE A 1 119 ? -3.428  -8.525  -0.665  1.00 15.15 ? 269  PHE A O   1 
ATOM   891  C  CB  . PHE A 1 119 ? -2.749  -6.853  2.124   1.00 15.13 ? 269  PHE A CB  1 
ATOM   892  C  CG  . PHE A 1 119 ? -3.492  -5.818  1.322   1.00 16.44 ? 269  PHE A CG  1 
ATOM   893  C  CD1 . PHE A 1 119 ? -2.978  -5.351  0.109   1.00 16.52 ? 269  PHE A CD1 1 
ATOM   894  C  CD2 . PHE A 1 119 ? -4.721  -5.320  1.771   1.00 17.85 ? 269  PHE A CD2 1 
ATOM   895  C  CE1 . PHE A 1 119 ? -3.680  -4.402  -0.661  1.00 16.65 ? 269  PHE A CE1 1 
ATOM   896  C  CE2 . PHE A 1 119 ? -5.398  -4.332  1.019   1.00 9.87  ? 269  PHE A CE2 1 
ATOM   897  C  CZ  . PHE A 1 119 ? -4.859  -3.890  -0.191  1.00 12.62 ? 269  PHE A CZ  1 
ATOM   898  N  N   . GLN A 1 120 ? -1.358  -8.938  0.095   1.00 16.72 ? 270  GLN A N   1 
ATOM   899  C  CA  . GLN A 1 120 ? -0.813  -9.218  -1.234  1.00 19.08 ? 270  GLN A CA  1 
ATOM   900  C  C   . GLN A 1 120 ? -1.504  -10.342 -1.971  1.00 21.58 ? 270  GLN A C   1 
ATOM   901  O  O   . GLN A 1 120 ? -1.422  -10.410 -3.194  1.00 20.20 ? 270  GLN A O   1 
ATOM   902  C  CB  . GLN A 1 120 ? 0.648   -9.614  -1.121  1.00 21.67 ? 270  GLN A CB  1 
ATOM   903  C  CG  . GLN A 1 120 ? 1.590   -8.467  -0.933  1.00 26.66 ? 270  GLN A CG  1 
ATOM   904  C  CD  . GLN A 1 120 ? 3.028   -8.959  -0.872  1.00 26.84 ? 270  GLN A CD  1 
ATOM   905  O  OE1 . GLN A 1 120 ? 3.477   -9.636  -1.780  1.00 23.93 ? 270  GLN A OE1 1 
ATOM   906  N  NE2 . GLN A 1 120 ? 3.737   -8.624  0.204   1.00 22.19 ? 270  GLN A NE2 1 
ATOM   907  N  N   . ALA A 1 121 ? -2.138  -11.238 -1.219  1.00 19.81 ? 271  ALA A N   1 
ATOM   908  C  CA  . ALA A 1 121 ? -2.778  -12.425 -1.751  1.00 19.77 ? 271  ALA A CA  1 
ATOM   909  C  C   . ALA A 1 121 ? -3.931  -12.172 -2.723  1.00 20.84 ? 271  ALA A C   1 
ATOM   910  O  O   . ALA A 1 121 ? -4.358  -13.083 -3.443  1.00 19.08 ? 271  ALA A O   1 
ATOM   911  C  CB  . ALA A 1 121 ? -3.267  -13.314 -0.594  1.00 14.61 ? 271  ALA A CB  1 
ATOM   912  N  N   . ALA A 1 122 ? -4.489  -10.967 -2.726  1.00 18.73 ? 272  ALA A N   1 
ATOM   913  C  CA  . ALA A 1 122 ? -5.633  -10.716 -3.591  1.00 17.96 ? 272  ALA A CA  1 
ATOM   914  C  C   . ALA A 1 122 ? -5.567  -9.352  -4.291  1.00 19.12 ? 272  ALA A C   1 
ATOM   915  O  O   . ALA A 1 122 ? -4.872  -8.439  -3.840  1.00 16.54 ? 272  ALA A O   1 
ATOM   916  C  CB  . ALA A 1 122 ? -6.938  -10.840 -2.778  1.00 17.42 ? 272  ALA A CB  1 
ATOM   917  N  N   . SER A 1 123 ? -6.286  -9.260  -5.413  1.00 17.59 ? 273  SER A N   1 
ATOM   918  C  CA  . SER A 1 123 ? -6.583  -8.003  -6.067  1.00 15.70 ? 273  SER A CA  1 
ATOM   919  C  C   . SER A 1 123 ? -7.313  -7.090  -5.082  1.00 15.53 ? 273  SER A C   1 
ATOM   920  O  O   . SER A 1 123 ? -8.009  -7.548  -4.170  1.00 16.08 ? 273  SER A O   1 
ATOM   921  C  CB  . SER A 1 123 ? -7.412  -8.239  -7.339  1.00 15.82 ? 273  SER A CB  1 
ATOM   922  O  OG  . SER A 1 123 ? -6.627  -8.887  -8.341  1.00 20.29 ? 273  SER A OG  1 
ATOM   923  N  N   . PHE A 1 124 ? -7.108  -5.792  -5.239  1.00 16.24 ? 274  PHE A N   1 
ATOM   924  C  CA  . PHE A 1 124 ? -7.661  -4.801  -4.306  1.00 14.87 ? 274  PHE A CA  1 
ATOM   925  C  C   . PHE A 1 124 ? -8.283  -3.645  -5.085  1.00 14.97 ? 274  PHE A C   1 
ATOM   926  O  O   . PHE A 1 124 ? -7.821  -3.334  -6.186  1.00 17.61 ? 274  PHE A O   1 
ATOM   927  C  CB  . PHE A 1 124 ? -6.577  -4.322  -3.300  1.00 8.83  ? 274  PHE A CB  1 
ATOM   928  C  CG  . PHE A 1 124 ? -5.334  -3.748  -3.942  1.00 9.52  ? 274  PHE A CG  1 
ATOM   929  C  CD1 . PHE A 1 124 ? -4.286  -4.577  -4.327  1.00 11.61 ? 274  PHE A CD1 1 
ATOM   930  C  CD2 . PHE A 1 124 ? -5.219  -2.375  -4.153  1.00 11.19 ? 274  PHE A CD2 1 
ATOM   931  C  CE1 . PHE A 1 124 ? -3.137  -4.042  -4.925  1.00 15.12 ? 274  PHE A CE1 1 
ATOM   932  C  CE2 . PHE A 1 124 ? -4.081  -1.823  -4.723  1.00 13.64 ? 274  PHE A CE2 1 
ATOM   933  C  CZ  . PHE A 1 124 ? -3.034  -2.669  -5.128  1.00 14.16 ? 274  PHE A CZ  1 
ATOM   934  N  N   . PRO A 1 125 ? -9.345  -3.027  -4.543  1.00 16.02 ? 275  PRO A N   1 
ATOM   935  C  CA  . PRO A 1 125 ? -9.992  -1.947  -5.325  1.00 16.28 ? 275  PRO A CA  1 
ATOM   936  C  C   . PRO A 1 125 ? -9.206  -0.647  -5.377  1.00 15.60 ? 275  PRO A C   1 
ATOM   937  O  O   . PRO A 1 125 ? -8.503  -0.266  -4.425  1.00 13.68 ? 275  PRO A O   1 
ATOM   938  C  CB  . PRO A 1 125 ? -11.387 -1.778  -4.680  1.00 15.57 ? 275  PRO A CB  1 
ATOM   939  C  CG  . PRO A 1 125 ? -11.306 -2.448  -3.326  1.00 16.42 ? 275  PRO A CG  1 
ATOM   940  C  CD  . PRO A 1 125 ? -10.042 -3.320  -3.275  1.00 13.19 ? 275  PRO A CD  1 
ATOM   941  N  N   . VAL A 1 126 ? -9.289  -0.015  -6.543  1.00 15.31 ? 276  VAL A N   1 
ATOM   942  C  CA  . VAL A 1 126 ? -8.617  1.225   -6.840  1.00 15.68 ? 276  VAL A CA  1 
ATOM   943  C  C   . VAL A 1 126 ? -9.611  2.123   -7.590  1.00 17.71 ? 276  VAL A C   1 
ATOM   944  O  O   . VAL A 1 126 ? -10.191 1.676   -8.567  1.00 16.01 ? 276  VAL A O   1 
ATOM   945  C  CB  . VAL A 1 126 ? -7.389  0.946   -7.752  1.00 15.89 ? 276  VAL A CB  1 
ATOM   946  C  CG1 . VAL A 1 126 ? -6.715  2.249   -8.155  1.00 15.07 ? 276  VAL A CG1 1 
ATOM   947  C  CG2 . VAL A 1 126 ? -6.380  0.022   -7.023  1.00 16.56 ? 276  VAL A CG2 1 
ATOM   948  N  N   . ASP A 1 127 ? -9.811  3.356   -7.122  1.00 13.23 ? 277  ASP A N   1 
ATOM   949  C  CA  . ASP A 1 127 ? -10.667 4.295   -7.833  1.00 15.69 ? 277  ASP A CA  1 
ATOM   950  C  C   . ASP A 1 127 ? -9.779  5.038   -8.809  1.00 17.63 ? 277  ASP A C   1 
ATOM   951  O  O   . ASP A 1 127 ? -8.732  5.606   -8.415  1.00 14.68 ? 277  ASP A O   1 
ATOM   952  C  CB  . ASP A 1 127 ? -11.304 5.310   -6.888  1.00 14.75 ? 277  ASP A CB  1 
ATOM   953  C  CG  . ASP A 1 127 ? -12.466 4.699   -6.057  1.00 20.65 ? 277  ASP A CG  1 
ATOM   954  O  OD1 . ASP A 1 127 ? -12.829 3.523   -6.267  1.00 18.34 ? 277  ASP A OD1 1 
ATOM   955  O  OD2 . ASP A 1 127 ? -13.044 5.408   -5.228  1.00 28.13 ? 277  ASP A OD2 1 
ATOM   956  N  N   . VAL A 1 128 ? -10.186 5.046   -10.075 1.00 14.15 ? 278  VAL A N   1 
ATOM   957  C  CA  . VAL A 1 128 ? -9.381  5.726   -11.111 1.00 18.26 ? 278  VAL A CA  1 
ATOM   958  C  C   . VAL A 1 128 ? -10.273 6.738   -11.856 1.00 18.30 ? 278  VAL A C   1 
ATOM   959  O  O   . VAL A 1 128 ? -11.422 6.452   -12.113 1.00 19.96 ? 278  VAL A O   1 
ATOM   960  C  CB  . VAL A 1 128 ? -8.874  4.670   -12.112 1.00 18.26 ? 278  VAL A CB  1 
ATOM   961  C  CG1 . VAL A 1 128 ? -8.166  5.335   -13.284 1.00 26.08 ? 278  VAL A CG1 1 
ATOM   962  C  CG2 . VAL A 1 128 ? -7.910  3.724   -11.408 1.00 19.62 ? 278  VAL A CG2 1 
ATOM   963  N  N   . SER A 1 129 ? -9.764  7.905   -12.209 1.00 16.93 ? 279  SER A N   1 
ATOM   964  C  CA  . SER A 1 129 ? -10.492 8.764   -13.131 1.00 16.11 ? 279  SER A CA  1 
ATOM   965  C  C   . SER A 1 129 ? -9.463  9.561   -13.923 1.00 14.75 ? 279  SER A C   1 
ATOM   966  O  O   . SER A 1 129 ? -8.337  9.738   -13.477 1.00 14.31 ? 279  SER A O   1 
ATOM   967  C  CB  . SER A 1 129 ? -11.473 9.691   -12.386 1.00 16.16 ? 279  SER A CB  1 
ATOM   968  O  OG  . SER A 1 129 ? -10.784 10.795  -11.907 1.00 25.94 ? 279  SER A OG  1 
ATOM   969  N  N   . PHE A 1 130 ? -9.846  10.033  -15.099 1.00 13.74 ? 280  PHE A N   1 
ATOM   970  C  CA  . PHE A 1 130 ? -8.935  10.789  -15.942 1.00 14.08 ? 280  PHE A CA  1 
ATOM   971  C  C   . PHE A 1 130 ? -9.794  11.474  -16.999 1.00 18.34 ? 280  PHE A C   1 
ATOM   972  O  O   . PHE A 1 130 ? -10.978 11.147  -17.178 1.00 18.00 ? 280  PHE A O   1 
ATOM   973  C  CB  . PHE A 1 130 ? -7.890  9.859   -16.596 1.00 9.84  ? 280  PHE A CB  1 
ATOM   974  C  CG  . PHE A 1 130 ? -8.508  8.738   -17.388 1.00 17.21 ? 280  PHE A CG  1 
ATOM   975  C  CD1 . PHE A 1 130 ? -8.866  8.925   -18.725 1.00 15.68 ? 280  PHE A CD1 1 
ATOM   976  C  CD2 . PHE A 1 130 ? -8.778  7.500   -16.789 1.00 15.05 ? 280  PHE A CD2 1 
ATOM   977  C  CE1 . PHE A 1 130 ? -9.478  7.884   -19.467 1.00 18.87 ? 280  PHE A CE1 1 
ATOM   978  C  CE2 . PHE A 1 130 ? -9.403  6.457   -17.515 1.00 11.87 ? 280  PHE A CE2 1 
ATOM   979  C  CZ  . PHE A 1 130 ? -9.743  6.647   -18.844 1.00 18.70 ? 280  PHE A CZ  1 
ATOM   980  N  N   . THR A 1 131 ? -9.196  12.420  -17.709 1.00 19.36 ? 281  THR A N   1 
ATOM   981  C  CA  . THR A 1 131 ? -9.908  13.102  -18.785 1.00 18.15 ? 281  THR A CA  1 
ATOM   982  C  C   . THR A 1 131 ? -9.309  12.629  -20.096 1.00 16.26 ? 281  THR A C   1 
ATOM   983  O  O   . THR A 1 131 ? -8.079  12.461  -20.230 1.00 15.56 ? 281  THR A O   1 
ATOM   984  C  CB  . THR A 1 131 ? -9.747  14.626  -18.694 1.00 21.15 ? 281  THR A CB  1 
ATOM   985  O  OG1 . THR A 1 131 ? -8.383  14.945  -18.924 1.00 32.55 ? 281  THR A OG1 1 
ATOM   986  C  CG2 . THR A 1 131 ? -10.090 15.122  -17.349 1.00 11.25 ? 281  THR A CG2 1 
ATOM   987  N  N   . ARG A 1 132 ? -10.165 12.403  -21.078 1.00 19.36 ? 282  ARG A N   1 
ATOM   988  C  CA  . ARG A 1 132 ? -9.693  12.054  -22.417 1.00 21.03 ? 282  ARG A CA  1 
ATOM   989  C  C   . ARG A 1 132 ? -10.607 12.761  -23.432 1.00 22.00 ? 282  ARG A C   1 
ATOM   990  O  O   . ARG A 1 132 ? -11.816 12.607  -23.359 1.00 21.03 ? 282  ARG A O   1 
ATOM   991  C  CB  . ARG A 1 132 ? -9.727  10.552  -22.608 1.00 18.81 ? 282  ARG A CB  1 
ATOM   992  C  CG  . ARG A 1 132 ? -9.414  10.064  -24.052 1.00 26.77 ? 282  ARG A CG  1 
ATOM   993  C  CD  . ARG A 1 132 ? -9.860  8.611   -24.238 1.00 24.31 ? 282  ARG A CD  1 
ATOM   994  N  NE  . ARG A 1 132 ? -9.691  8.133   -25.617 1.00 21.29 ? 282  ARG A NE  1 
ATOM   995  C  CZ  . ARG A 1 132 ? -9.105  6.991   -25.978 1.00 24.27 ? 282  ARG A CZ  1 
ATOM   996  N  NH1 . ARG A 1 132 ? -8.621  6.120   -25.067 1.00 15.75 ? 282  ARG A NH1 1 
ATOM   997  N  NH2 . ARG A 1 132 ? -9.020  6.706   -27.268 1.00 23.31 ? 282  ARG A NH2 1 
ATOM   998  N  N   . ASP A 1 133 ? -10.029 13.508  -24.375 1.00 25.32 ? 283  ASP A N   1 
ATOM   999  C  CA  . ASP A 1 133 ? -10.831 14.365  -25.316 1.00 30.65 ? 283  ASP A CA  1 
ATOM   1000 C  C   . ASP A 1 133 ? -11.926 15.139  -24.604 1.00 28.93 ? 283  ASP A C   1 
ATOM   1001 O  O   . ASP A 1 133 ? -13.095 15.074  -25.017 1.00 29.34 ? 283  ASP A O   1 
ATOM   1002 C  CB  . ASP A 1 133 ? -11.484 13.546  -26.445 1.00 32.20 ? 283  ASP A CB  1 
ATOM   1003 C  CG  . ASP A 1 133 ? -10.486 12.688  -27.193 1.00 44.10 ? 283  ASP A CG  1 
ATOM   1004 O  OD1 . ASP A 1 133 ? -9.375  13.205  -27.496 1.00 50.46 ? 283  ASP A OD1 1 
ATOM   1005 O  OD2 . ASP A 1 133 ? -10.804 11.500  -27.468 1.00 51.12 ? 283  ASP A OD2 1 
ATOM   1006 N  N   . SER A 1 134 ? -11.552 15.826  -23.522 1.00 28.02 ? 284  SER A N   1 
ATOM   1007 C  CA  . SER A 1 134 ? -12.466 16.679  -22.751 1.00 30.06 ? 284  SER A CA  1 
ATOM   1008 C  C   . SER A 1 134 ? -13.623 15.957  -22.028 1.00 30.07 ? 284  SER A C   1 
ATOM   1009 O  O   . SER A 1 134 ? -14.532 16.608  -21.522 1.00 30.53 ? 284  SER A O   1 
ATOM   1010 C  CB  . SER A 1 134 ? -13.030 17.820  -23.622 1.00 32.84 ? 284  SER A CB  1 
ATOM   1011 O  OG  . SER A 1 134 ? -12.026 18.353  -24.473 1.00 37.74 ? 284  SER A OG  1 
ATOM   1012 N  N   . ALA A 1 135 ? -13.611 14.624  -21.991 1.00 27.61 ? 285  ALA A N   1 
ATOM   1013 C  CA  . ALA A 1 135 ? -14.578 13.908  -21.153 1.00 25.44 ? 285  ALA A CA  1 
ATOM   1014 C  C   . ALA A 1 135 ? -13.846 13.260  -19.979 1.00 24.11 ? 285  ALA A C   1 
ATOM   1015 O  O   . ALA A 1 135 ? -12.683 12.826  -20.120 1.00 22.26 ? 285  ALA A O   1 
ATOM   1016 C  CB  . ALA A 1 135 ? -15.299 12.853  -21.958 1.00 22.85 ? 285  ALA A CB  1 
ATOM   1017 N  N   . THR A 1 136 ? -14.529 13.180  -18.843 1.00 20.94 ? 286  THR A N   1 
ATOM   1018 C  CA  . THR A 1 136 ? -14.036 12.425  -17.679 1.00 20.90 ? 286  THR A CA  1 
ATOM   1019 C  C   . THR A 1 136 ? -14.512 10.988  -17.754 1.00 21.52 ? 286  THR A C   1 
ATOM   1020 O  O   . THR A 1 136 ? -15.688 10.727  -18.079 1.00 24.02 ? 286  THR A O   1 
ATOM   1021 C  CB  . THR A 1 136 ? -14.550 13.071  -16.393 1.00 19.96 ? 286  THR A CB  1 
ATOM   1022 O  OG1 . THR A 1 136 ? -14.017 14.380  -16.338 1.00 21.76 ? 286  THR A OG1 1 
ATOM   1023 C  CG2 . THR A 1 136 ? -14.108 12.296  -15.104 1.00 22.87 ? 286  THR A CG2 1 
ATOM   1024 N  N   . HIS A 1 137 ? -13.592 10.056  -17.503 1.00 19.15 ? 287  HIS A N   1 
ATOM   1025 C  CA  . HIS A 1 137 ? -13.939 8.655   -17.332 1.00 19.51 ? 287  HIS A CA  1 
ATOM   1026 C  C   . HIS A 1 137 ? -13.528 8.292   -15.922 1.00 20.24 ? 287  HIS A C   1 
ATOM   1027 O  O   . HIS A 1 137 ? -12.504 8.756   -15.451 1.00 18.90 ? 287  HIS A O   1 
ATOM   1028 C  CB  . HIS A 1 137 ? -13.247 7.785   -18.381 1.00 21.56 ? 287  HIS A CB  1 
ATOM   1029 C  CG  . HIS A 1 137 ? -13.538 8.217   -19.786 1.00 24.04 ? 287  HIS A CG  1 
ATOM   1030 N  ND1 . HIS A 1 137 ? -14.608 7.736   -20.512 1.00 22.81 ? 287  HIS A ND1 1 
ATOM   1031 C  CD2 . HIS A 1 137 ? -12.908 9.101   -20.589 1.00 25.72 ? 287  HIS A CD2 1 
ATOM   1032 C  CE1 . HIS A 1 137 ? -14.623 8.303   -21.702 1.00 24.56 ? 287  HIS A CE1 1 
ATOM   1033 N  NE2 . HIS A 1 137 ? -13.595 9.129   -21.779 1.00 21.34 ? 287  HIS A NE2 1 
ATOM   1034 N  N   . ALA A 1 138 ? -14.362 7.521   -15.232 1.00 19.91 ? 288  ALA A N   1 
ATOM   1035 C  CA  . ALA A 1 138 ? -14.119 7.170   -13.836 1.00 20.50 ? 288  ALA A CA  1 
ATOM   1036 C  C   . ALA A 1 138 ? -14.639 5.770   -13.633 1.00 23.64 ? 288  ALA A C   1 
ATOM   1037 O  O   . ALA A 1 138 ? -15.746 5.419   -14.127 1.00 23.22 ? 288  ALA A O   1 
ATOM   1038 C  CB  . ALA A 1 138 ? -14.800 8.177   -12.863 1.00 19.82 ? 288  ALA A CB  1 
ATOM   1039 N  N   . TYR A 1 139 ? -13.821 4.968   -12.941 1.00 20.73 ? 289  TYR A N   1 
ATOM   1040 C  CA  . TYR A 1 139 ? -13.989 3.526   -12.821 1.00 22.91 ? 289  TYR A CA  1 
ATOM   1041 C  C   . TYR A 1 139 ? -13.561 3.043   -11.434 1.00 21.70 ? 289  TYR A C   1 
ATOM   1042 O  O   . TYR A 1 139 ? -12.578 3.553   -10.862 1.00 18.77 ? 289  TYR A O   1 
ATOM   1043 C  CB  . TYR A 1 139 ? -13.067 2.807   -13.806 1.00 21.76 ? 289  TYR A CB  1 
ATOM   1044 C  CG  . TYR A 1 139 ? -13.241 3.201   -15.240 1.00 26.67 ? 289  TYR A CG  1 
ATOM   1045 C  CD1 . TYR A 1 139 ? -14.313 2.697   -16.004 1.00 23.24 ? 289  TYR A CD1 1 
ATOM   1046 C  CD2 . TYR A 1 139 ? -12.341 4.088   -15.846 1.00 18.89 ? 289  TYR A CD2 1 
ATOM   1047 C  CE1 . TYR A 1 139 ? -14.471 3.070   -17.349 1.00 30.45 ? 289  TYR A CE1 1 
ATOM   1048 C  CE2 . TYR A 1 139 ? -12.501 4.473   -17.173 1.00 17.17 ? 289  TYR A CE2 1 
ATOM   1049 C  CZ  . TYR A 1 139 ? -13.547 3.953   -17.918 1.00 23.18 ? 289  TYR A CZ  1 
ATOM   1050 O  OH  . TYR A 1 139 ? -13.685 4.331   -19.215 1.00 28.79 ? 289  TYR A OH  1 
ATOM   1051 N  N   . GLN A 1 140 ? -14.303 2.065   -10.922 1.00 21.64 ? 290  GLN A N   1 
ATOM   1052 C  CA  . GLN A 1 140 ? -13.855 1.194   -9.843  1.00 23.13 ? 290  GLN A CA  1 
ATOM   1053 C  C   . GLN A 1 140 ? -12.915 0.213   -10.558 1.00 22.22 ? 290  GLN A C   1 
ATOM   1054 O  O   . GLN A 1 140 ? -13.382 -0.623  -11.310 1.00 20.85 ? 290  GLN A O   1 
ATOM   1055 C  CB  . GLN A 1 140 ? -15.060 0.435   -9.255  1.00 27.62 ? 290  GLN A CB  1 
ATOM   1056 C  CG  . GLN A 1 140 ? -14.708 -0.711  -8.281  1.00 26.69 ? 290  GLN A CG  1 
ATOM   1057 C  CD  . GLN A 1 140 ? -13.916 -0.203  -7.139  1.00 25.02 ? 290  GLN A CD  1 
ATOM   1058 O  OE1 . GLN A 1 140 ? -14.449 0.415   -6.227  1.00 32.12 ? 290  GLN A OE1 1 
ATOM   1059 N  NE2 . GLN A 1 140 ? -12.622 -0.438  -7.179  1.00 28.12 ? 290  GLN A NE2 1 
ATOM   1060 N  N   . ALA A 1 141 ? -11.603 0.358   -10.384 1.00 18.12 ? 291  ALA A N   1 
ATOM   1061 C  CA  . ALA A 1 141 ? -10.640 -0.569  -11.010 1.00 19.24 ? 291  ALA A CA  1 
ATOM   1062 C  C   . ALA A 1 141 ? -10.063 -1.495  -9.943  1.00 17.36 ? 291  ALA A C   1 
ATOM   1063 O  O   . ALA A 1 141 ? -10.489 -1.425  -8.808  1.00 17.55 ? 291  ALA A O   1 
ATOM   1064 C  CB  . ALA A 1 141 ? -9.521  0.231   -11.755 1.00 20.12 ? 291  ALA A CB  1 
ATOM   1065 N  N   . TYR A 1 142 ? -9.087  -2.337  -10.292 1.00 16.93 ? 292  TYR A N   1 
ATOM   1066 C  CA  . TYR A 1 142 ? -8.410  -3.236  -9.330  1.00 16.67 ? 292  TYR A CA  1 
ATOM   1067 C  C   . TYR A 1 142 ? -6.902  -3.214  -9.549  1.00 18.91 ? 292  TYR A C   1 
ATOM   1068 O  O   . TYR A 1 142 ? -6.430  -2.996  -10.652 1.00 18.53 ? 292  TYR A O   1 
ATOM   1069 C  CB  . TYR A 1 142 ? -8.992  -4.675  -9.392  1.00 16.59 ? 292  TYR A CB  1 
ATOM   1070 C  CG  . TYR A 1 142 ? -10.439 -4.658  -8.903  1.00 20.47 ? 292  TYR A CG  1 
ATOM   1071 C  CD1 . TYR A 1 142 ? -10.737 -4.770  -7.524  1.00 17.56 ? 292  TYR A CD1 1 
ATOM   1072 C  CD2 . TYR A 1 142 ? -11.500 -4.426  -9.791  1.00 24.60 ? 292  TYR A CD2 1 
ATOM   1073 C  CE1 . TYR A 1 142 ? -12.089 -4.689  -7.039  1.00 16.04 ? 292  TYR A CE1 1 
ATOM   1074 C  CE2 . TYR A 1 142 ? -12.861 -4.326  -9.319  1.00 21.20 ? 292  TYR A CE2 1 
ATOM   1075 C  CZ  . TYR A 1 142 ? -13.127 -4.460  -7.947  1.00 22.54 ? 292  TYR A CZ  1 
ATOM   1076 O  OH  . TYR A 1 142 ? -14.433 -4.370  -7.485  1.00 26.53 ? 292  TYR A OH  1 
ATOM   1077 N  N   . GLY A 1 143 ? -6.160  -3.428  -8.480  1.00 16.53 ? 293  GLY A N   1 
ATOM   1078 C  CA  . GLY A 1 143 ? -4.700  -3.463  -8.533  1.00 15.69 ? 293  GLY A CA  1 
ATOM   1079 C  C   . GLY A 1 143 ? -4.343  -4.837  -8.037  1.00 16.67 ? 293  GLY A C   1 
ATOM   1080 O  O   . GLY A 1 143 ? -5.192  -5.500  -7.462  1.00 14.80 ? 293  GLY A O   1 
ATOM   1081 N  N   . VAL A 1 144 ? -3.123  -5.275  -8.296  1.00 17.36 ? 294  VAL A N   1 
ATOM   1082 C  CA  . VAL A 1 144 ? -2.610  -6.536  -7.721  1.00 20.11 ? 294  VAL A CA  1 
ATOM   1083 C  C   . VAL A 1 144 ? -1.093  -6.415  -7.535  1.00 18.52 ? 294  VAL A C   1 
ATOM   1084 O  O   . VAL A 1 144 ? -0.412  -5.891  -8.402  1.00 16.77 ? 294  VAL A O   1 
ATOM   1085 C  CB  . VAL A 1 144 ? -3.011  -7.806  -8.560  1.00 23.59 ? 294  VAL A CB  1 
ATOM   1086 C  CG1 . VAL A 1 144 ? -2.410  -7.791  -9.964  1.00 24.43 ? 294  VAL A CG1 1 
ATOM   1087 C  CG2 . VAL A 1 144 ? -2.659  -9.142  -7.798  1.00 22.44 ? 294  VAL A CG2 1 
ATOM   1088 N  N   . TYR A 1 145 ? -0.579  -6.840  -6.386  1.00 16.31 ? 295  TYR A N   1 
ATOM   1089 C  CA  . TYR A 1 145 ? 0.870   -6.883  -6.183  1.00 19.46 ? 295  TYR A CA  1 
ATOM   1090 C  C   . TYR A 1 145 ? 1.469   -8.090  -6.877  1.00 21.46 ? 295  TYR A C   1 
ATOM   1091 O  O   . TYR A 1 145 ? 1.054   -9.225  -6.623  1.00 22.35 ? 295  TYR A O   1 
ATOM   1092 C  CB  . TYR A 1 145 ? 1.184   -6.924  -4.686  1.00 18.56 ? 295  TYR A CB  1 
ATOM   1093 C  CG  . TYR A 1 145 ? 1.118   -5.553  -4.099  1.00 18.15 ? 295  TYR A CG  1 
ATOM   1094 C  CD1 . TYR A 1 145 ? 2.244   -4.726  -4.076  1.00 14.41 ? 295  TYR A CD1 1 
ATOM   1095 C  CD2 . TYR A 1 145 ? -0.078  -5.073  -3.571  1.00 17.37 ? 295  TYR A CD2 1 
ATOM   1096 C  CE1 . TYR A 1 145 ? 2.163   -3.435  -3.552  1.00 13.18 ? 295  TYR A CE1 1 
ATOM   1097 C  CE2 . TYR A 1 145 ? -0.168  -3.794  -3.020  1.00 18.63 ? 295  TYR A CE2 1 
ATOM   1098 C  CZ  . TYR A 1 145 ? 0.933   -2.992  -3.024  1.00 17.44 ? 295  TYR A CZ  1 
ATOM   1099 O  OH  . TYR A 1 145 ? 0.808   -1.744  -2.499  1.00 16.02 ? 295  TYR A OH  1 
ATOM   1100 N  N   . SER A 1 146 ? 2.434   -7.853  -7.756  1.00 23.32 ? 296  SER A N   1 
ATOM   1101 C  CA  . SER A 1 146 ? 3.182   -8.948  -8.382  1.00 23.34 ? 296  SER A CA  1 
ATOM   1102 C  C   . SER A 1 146 ? 4.347   -9.354  -7.484  1.00 23.94 ? 296  SER A C   1 
ATOM   1103 O  O   . SER A 1 146 ? 4.855   -10.457 -7.584  1.00 25.50 ? 296  SER A O   1 
ATOM   1104 C  CB  . SER A 1 146 ? 3.683   -8.546  -9.771  1.00 21.25 ? 296  SER A CB  1 
ATOM   1105 O  OG  . SER A 1 146 ? 4.446   -7.355  -9.660  1.00 20.30 ? 296  SER A OG  1 
ATOM   1106 N  N   . SER A 1 147 ? 4.777   -8.447  -6.623  1.00 21.94 ? 297  SER A N   1 
ATOM   1107 C  CA  . SER A 1 147 ? 5.779   -8.738  -5.597  1.00 23.36 ? 297  SER A CA  1 
ATOM   1108 C  C   . SER A 1 147 ? 5.581   -7.686  -4.508  1.00 23.49 ? 297  SER A C   1 
ATOM   1109 O  O   . SER A 1 147 ? 4.707   -6.824  -4.625  1.00 24.06 ? 297  SER A O   1 
ATOM   1110 C  CB  . SER A 1 147 ? 7.180   -8.682  -6.172  1.00 25.43 ? 297  SER A CB  1 
ATOM   1111 O  OG  . SER A 1 147 ? 7.568   -7.353  -6.405  1.00 24.69 ? 297  SER A OG  1 
ATOM   1112 N  N   . SER A 1 148 ? 6.343   -7.758  -3.438  1.00 21.95 ? 298  SER A N   1 
ATOM   1113 C  CA  . SER A 1 148 ? 6.100   -6.893  -2.302  1.00 24.30 ? 298  SER A CA  1 
ATOM   1114 C  C   . SER A 1 148 ? 6.388   -5.395  -2.609  1.00 22.67 ? 298  SER A C   1 
ATOM   1115 O  O   . SER A 1 148 ? 5.888   -4.498  -1.913  1.00 20.78 ? 298  SER A O   1 
ATOM   1116 C  CB  . SER A 1 148 ? 6.900   -7.394  -1.096  1.00 23.93 ? 298  SER A CB  1 
ATOM   1117 O  OG  . SER A 1 148 ? 8.243   -7.020  -1.232  1.00 31.48 ? 298  SER A OG  1 
ATOM   1118 N  N   . ARG A 1 149 ? 7.176   -5.149  -3.659  1.00 18.86 ? 299  ARG A N   1 
ATOM   1119 C  CA  . ARG A 1 149 ? 7.552   -3.800  -4.061  1.00 20.95 ? 299  ARG A CA  1 
ATOM   1120 C  C   . ARG A 1 149 ? 6.737   -3.251  -5.239  1.00 19.68 ? 299  ARG A C   1 
ATOM   1121 O  O   . ARG A 1 149 ? 6.905   -2.083  -5.602  1.00 20.08 ? 299  ARG A O   1 
ATOM   1122 C  CB  . ARG A 1 149 ? 9.049   -3.741  -4.424  1.00 17.36 ? 299  ARG A CB  1 
ATOM   1123 C  CG  . ARG A 1 149 ? 10.033  -3.846  -3.233  1.00 26.73 ? 299  ARG A CG  1 
ATOM   1124 C  CD  . ARG A 1 149 ? 11.482  -3.481  -3.704  1.00 25.47 ? 299  ARG A CD  1 
ATOM   1125 N  NE  . ARG A 1 149 ? 12.010  -2.388  -2.892  1.00 35.10 ? 299  ARG A NE  1 
ATOM   1126 C  CZ  . ARG A 1 149 ? 12.447  -1.244  -3.374  1.00 34.16 ? 299  ARG A CZ  1 
ATOM   1127 N  NH1 . ARG A 1 149 ? 12.449  -1.018  -4.679  1.00 43.18 ? 299  ARG A NH1 1 
ATOM   1128 N  NH2 . ARG A 1 149 ? 12.894  -0.325  -2.542  1.00 54.72 ? 299  ARG A NH2 1 
ATOM   1129 N  N   . VAL A 1 150 ? 5.865   -4.060  -5.840  1.00 19.27 ? 300  VAL A N   1 
ATOM   1130 C  CA  . VAL A 1 150 ? 5.310   -3.672  -7.149  1.00 17.66 ? 300  VAL A CA  1 
ATOM   1131 C  C   . VAL A 1 150 ? 3.852   -4.072  -7.274  1.00 17.47 ? 300  VAL A C   1 
ATOM   1132 O  O   . VAL A 1 150 ? 3.515   -5.227  -7.068  1.00 17.95 ? 300  VAL A O   1 
ATOM   1133 C  CB  . VAL A 1 150 ? 6.099   -4.369  -8.328  1.00 21.27 ? 300  VAL A CB  1 
ATOM   1134 C  CG1 . VAL A 1 150 ? 5.609   -3.906  -9.713  1.00 18.08 ? 300  VAL A CG1 1 
ATOM   1135 C  CG2 . VAL A 1 150 ? 7.633   -4.177  -8.220  1.00 21.05 ? 300  VAL A CG2 1 
ATOM   1136 N  N   . PHE A 1 151 ? 2.979   -3.112  -7.577  1.00 14.99 ? 301  PHE A N   1 
ATOM   1137 C  CA  . PHE A 1 151 ? 1.604   -3.440  -7.953  1.00 17.39 ? 301  PHE A CA  1 
ATOM   1138 C  C   . PHE A 1 151 ? 1.270   -2.815  -9.292  1.00 17.61 ? 301  PHE A C   1 
ATOM   1139 O  O   . PHE A 1 151 ? 1.913   -1.848  -9.741  1.00 19.94 ? 301  PHE A O   1 
ATOM   1140 C  CB  . PHE A 1 151 ? 0.578   -3.026  -6.882  1.00 15.93 ? 301  PHE A CB  1 
ATOM   1141 C  CG  . PHE A 1 151 ? 0.397   -1.528  -6.702  1.00 15.47 ? 301  PHE A CG  1 
ATOM   1142 C  CD1 . PHE A 1 151 ? 1.184   -0.814  -5.804  1.00 15.89 ? 301  PHE A CD1 1 
ATOM   1143 C  CD2 . PHE A 1 151 ? -0.630  -0.858  -7.345  1.00 18.32 ? 301  PHE A CD2 1 
ATOM   1144 C  CE1 . PHE A 1 151 ? 0.995   0.537   -5.576  1.00 18.17 ? 301  PHE A CE1 1 
ATOM   1145 C  CE2 . PHE A 1 151 ? -0.832  0.497   -7.129  1.00 17.83 ? 301  PHE A CE2 1 
ATOM   1146 C  CZ  . PHE A 1 151 ? -0.014  1.203   -6.253  1.00 20.38 ? 301  PHE A CZ  1 
ATOM   1147 N  N   . THR A 1 152 ? 0.256   -3.369  -9.918  1.00 15.68 ? 302  THR A N   1 
ATOM   1148 C  CA  . THR A 1 152 ? -0.158  -2.901  -11.224 1.00 16.94 ? 302  THR A CA  1 
ATOM   1149 C  C   . THR A 1 152 ? -1.656  -2.718  -11.158 1.00 16.67 ? 302  THR A C   1 
ATOM   1150 O  O   . THR A 1 152 ? -2.351  -3.590  -10.638 1.00 17.25 ? 302  THR A O   1 
ATOM   1151 C  CB  . THR A 1 152 ? 0.209   -3.946  -12.304 1.00 14.96 ? 302  THR A CB  1 
ATOM   1152 O  OG1 . THR A 1 152 ? 1.629   -4.045  -12.340 1.00 18.34 ? 302  THR A OG1 1 
ATOM   1153 C  CG2 . THR A 1 152 ? -0.282  -3.521  -13.695 1.00 13.58 ? 302  THR A CG2 1 
ATOM   1154 N  N   . ILE A 1 153 ? -2.151  -1.594  -11.682 1.00 14.38 ? 303  ILE A N   1 
ATOM   1155 C  CA  . ILE A 1 153 ? -3.583  -1.418  -11.787 1.00 17.22 ? 303  ILE A CA  1 
ATOM   1156 C  C   . ILE A 1 153 ? -3.984  -1.563  -13.255 1.00 17.70 ? 303  ILE A C   1 
ATOM   1157 O  O   . ILE A 1 153 ? -3.224  -1.227  -14.170 1.00 18.17 ? 303  ILE A O   1 
ATOM   1158 C  CB  . ILE A 1 153 ? -4.063  -0.072  -11.158 1.00 18.64 ? 303  ILE A CB  1 
ATOM   1159 C  CG1 . ILE A 1 153 ? -3.524  1.140   -11.946 1.00 20.82 ? 303  ILE A CG1 1 
ATOM   1160 C  CG2 . ILE A 1 153 ? -3.570  0.006   -9.693  1.00 18.08 ? 303  ILE A CG2 1 
ATOM   1161 C  CD1 . ILE A 1 153 ? -4.045  2.566   -11.417 1.00 18.39 ? 303  ILE A CD1 1 
ATOM   1162 N  N   . THR A 1 154 ? -5.184  -2.062  -13.461 1.00 14.69 ? 304  THR A N   1 
ATOM   1163 C  CA  . THR A 1 154 ? -5.722  -2.256  -14.798 1.00 15.59 ? 304  THR A CA  1 
ATOM   1164 C  C   . THR A 1 154 ? -6.990  -1.432  -14.895 1.00 17.61 ? 304  THR A C   1 
ATOM   1165 O  O   . THR A 1 154 ? -7.882  -1.549  -14.041 1.00 18.87 ? 304  THR A O   1 
ATOM   1166 C  CB  . THR A 1 154 ? -6.065  -3.740  -14.978 1.00 16.91 ? 304  THR A CB  1 
ATOM   1167 O  OG1 . THR A 1 154 ? -4.865  -4.509  -14.839 1.00 21.72 ? 304  THR A OG1 1 
ATOM   1168 C  CG2 . THR A 1 154 ? -6.733  -4.006  -16.316 1.00 22.42 ? 304  THR A CG2 1 
ATOM   1169 N  N   . PHE A 1 155 ? -7.086  -0.593  -15.928 1.00 15.51 ? 305  PHE A N   1 
ATOM   1170 C  CA  . PHE A 1 155 ? -8.285  0.187   -16.097 1.00 17.42 ? 305  PHE A CA  1 
ATOM   1171 C  C   . PHE A 1 155 ? -8.585  0.497   -17.581 1.00 18.29 ? 305  PHE A C   1 
ATOM   1172 O  O   . PHE A 1 155 ? -7.680  0.455   -18.448 1.00 16.85 ? 305  PHE A O   1 
ATOM   1173 C  CB  . PHE A 1 155 ? -8.275  1.448   -15.192 1.00 17.79 ? 305  PHE A CB  1 
ATOM   1174 C  CG  . PHE A 1 155 ? -7.109  2.401   -15.456 1.00 13.93 ? 305  PHE A CG  1 
ATOM   1175 C  CD1 . PHE A 1 155 ? -5.907  2.253   -14.764 1.00 16.43 ? 305  PHE A CD1 1 
ATOM   1176 C  CD2 . PHE A 1 155 ? -7.225  3.435   -16.387 1.00 16.76 ? 305  PHE A CD2 1 
ATOM   1177 C  CE1 . PHE A 1 155 ? -4.824  3.108   -15.007 1.00 17.69 ? 305  PHE A CE1 1 
ATOM   1178 C  CE2 . PHE A 1 155 ? -6.159  4.317   -16.626 1.00 16.34 ? 305  PHE A CE2 1 
ATOM   1179 C  CZ  . PHE A 1 155 ? -4.959  4.157   -15.924 1.00 18.19 ? 305  PHE A CZ  1 
ATOM   1180 N  N   . PRO A 1 156 ? -9.881  0.728   -17.893 1.00 18.02 ? 306  PRO A N   1 
ATOM   1181 C  CA  . PRO A 1 156 ? -10.217 1.056   -19.283 1.00 20.91 ? 306  PRO A CA  1 
ATOM   1182 C  C   . PRO A 1 156 ? -9.709  2.484   -19.616 1.00 20.36 ? 306  PRO A C   1 
ATOM   1183 O  O   . PRO A 1 156 ? -9.566  3.304   -18.712 1.00 18.40 ? 306  PRO A O   1 
ATOM   1184 C  CB  . PRO A 1 156 ? -11.759 0.971   -19.311 1.00 19.70 ? 306  PRO A CB  1 
ATOM   1185 C  CG  . PRO A 1 156 ? -12.164 0.314   -17.982 1.00 24.52 ? 306  PRO A CG  1 
ATOM   1186 C  CD  . PRO A 1 156 ? -11.072 0.693   -17.020 1.00 17.08 ? 306  PRO A CD  1 
ATOM   1187 N  N   . THR A 1 157 ? -9.411  2.742   -20.886 1.00 21.74 ? 307  THR A N   1 
ATOM   1188 C  CA  . THR A 1 157 ? -8.860  4.025   -21.315 1.00 19.71 ? 307  THR A CA  1 
ATOM   1189 C  C   . THR A 1 157 ? -9.945  4.929   -21.887 1.00 22.05 ? 307  THR A C   1 
ATOM   1190 O  O   . THR A 1 157 ? -9.667  6.063   -22.267 1.00 23.21 ? 307  THR A O   1 
ATOM   1191 C  CB  . THR A 1 157 ? -7.823  3.846   -22.385 1.00 19.61 ? 307  THR A CB  1 
ATOM   1192 O  OG1 . THR A 1 157 ? -8.408  3.160   -23.488 1.00 22.55 ? 307  THR A OG1 1 
ATOM   1193 C  CG2 . THR A 1 157 ? -6.608  3.091   -21.862 1.00 23.23 ? 307  THR A CG2 1 
ATOM   1194 N  N   . GLY A 1 158 ? -11.176 4.425   -21.976 1.00 22.36 ? 308  GLY A N   1 
ATOM   1195 C  CA  . GLY A 1 158 ? -12.275 5.239   -22.475 1.00 22.81 ? 308  GLY A CA  1 
ATOM   1196 C  C   . GLY A 1 158 ? -12.361 5.385   -23.982 1.00 23.06 ? 308  GLY A C   1 
ATOM   1197 O  O   . GLY A 1 158 ? -13.031 6.269   -24.458 1.00 24.87 ? 308  GLY A O   1 
ATOM   1198 N  N   . GLY A 1 159 ? -11.687 4.509   -24.726 1.00 22.36 ? 309  GLY A N   1 
ATOM   1199 C  CA  . GLY A 1 159 ? -11.684 4.556   -26.166 1.00 24.29 ? 309  GLY A CA  1 
ATOM   1200 C  C   . GLY A 1 159 ? -10.728 3.528   -26.709 1.00 26.78 ? 309  GLY A C   1 
ATOM   1201 O  O   . GLY A 1 159 ? -10.351 2.589   -26.003 1.00 26.90 ? 309  GLY A O   1 
ATOM   1202 N  N   . ASP A 1 160 ? -10.354 3.696   -27.974 1.00 30.09 ? 310  ASP A N   1 
ATOM   1203 C  CA  . ASP A 1 160 ? -9.408  2.812   -28.630 1.00 32.27 ? 310  ASP A CA  1 
ATOM   1204 C  C   . ASP A 1 160 ? -8.346  3.594   -29.363 1.00 31.51 ? 310  ASP A C   1 
ATOM   1205 O  O   . ASP A 1 160 ? -8.459  4.791   -29.521 1.00 30.42 ? 310  ASP A O   1 
ATOM   1206 C  CB  . ASP A 1 160 ? -10.126 1.907   -29.622 1.00 36.29 ? 310  ASP A CB  1 
ATOM   1207 C  CG  . ASP A 1 160 ? -10.094 0.466   -29.203 1.00 50.04 ? 310  ASP A CG  1 
ATOM   1208 O  OD1 . ASP A 1 160 ? -8.965  -0.118  -29.153 1.00 55.45 ? 310  ASP A OD1 1 
ATOM   1209 O  OD2 . ASP A 1 160 ? -11.196 -0.065  -28.913 1.00 56.47 ? 310  ASP A OD2 1 
ATOM   1210 N  N   . GLY A 1 161 ? -7.317  2.888   -29.818 1.00 32.36 ? 311  GLY A N   1 
ATOM   1211 C  CA  . GLY A 1 161 ? -6.254  3.489   -30.590 1.00 32.09 ? 311  GLY A CA  1 
ATOM   1212 C  C   . GLY A 1 161 ? -5.373  4.356   -29.716 1.00 32.59 ? 311  GLY A C   1 
ATOM   1213 O  O   . GLY A 1 161 ? -5.464  4.330   -28.488 1.00 31.24 ? 311  GLY A O   1 
ATOM   1214 N  N   . THR A 1 162 ? -4.509  5.112   -30.372 1.00 31.03 ? 312  THR A N   1 
ATOM   1215 C  CA  . THR A 1 162 ? -3.556  5.969   -29.701 1.00 30.66 ? 312  THR A CA  1 
ATOM   1216 C  C   . THR A 1 162 ? -4.279  7.224   -29.196 1.00 28.83 ? 312  THR A C   1 
ATOM   1217 O  O   . THR A 1 162 ? -5.088  7.833   -29.901 1.00 26.94 ? 312  THR A O   1 
ATOM   1218 C  CB  . THR A 1 162 ? -2.366  6.239   -30.633 1.00 29.55 ? 312  THR A CB  1 
ATOM   1219 O  OG1 . THR A 1 162 ? -1.750  4.973   -30.910 1.00 34.01 ? 312  THR A OG1 1 
ATOM   1220 C  CG2 . THR A 1 162 ? -1.344  7.134   -30.000 1.00 29.37 ? 312  THR A CG2 1 
ATOM   1221 N  N   . ALA A 1 163 ? -4.030  7.551   -27.934 1.00 25.84 ? 313  ALA A N   1 
ATOM   1222 C  CA  . ALA A 1 163 ? -4.645  8.700   -27.327 1.00 23.19 ? 313  ALA A CA  1 
ATOM   1223 C  C   . ALA A 1 163 ? -3.812  9.122   -26.125 1.00 23.89 ? 313  ALA A C   1 
ATOM   1224 O  O   . ALA A 1 163 ? -2.872  8.411   -25.703 1.00 22.43 ? 313  ALA A O   1 
ATOM   1225 C  CB  . ALA A 1 163 ? -6.043  8.370   -26.936 1.00 23.95 ? 313  ALA A CB  1 
ATOM   1226 N  N   . ASN A 1 164 ? -4.106  10.301  -25.600 1.00 22.71 ? 314  ASN A N   1 
ATOM   1227 C  CA  . ASN A 1 164 ? -3.355  10.794  -24.446 1.00 25.47 ? 314  ASN A CA  1 
ATOM   1228 C  C   . ASN A 1 164 ? -4.338  11.112  -23.338 1.00 25.21 ? 314  ASN A C   1 
ATOM   1229 O  O   . ASN A 1 164 ? -5.191  11.951  -23.504 1.00 28.49 ? 314  ASN A O   1 
ATOM   1230 C  CB  . ASN A 1 164 ? -2.511  12.043  -24.791 1.00 23.29 ? 314  ASN A CB  1 
ATOM   1231 C  CG  . ASN A 1 164 ? -1.506  11.780  -25.898 1.00 30.13 ? 314  ASN A CG  1 
ATOM   1232 O  OD1 . ASN A 1 164 ? -1.845  11.876  -27.079 1.00 33.43 ? 314  ASN A OD1 1 
ATOM   1233 N  ND2 . ASN A 1 164 ? -0.264  11.433  -25.531 1.00 19.44 ? 314  ASN A ND2 1 
ATOM   1234 N  N   . ILE A 1 165 ? -4.203  10.448  -22.197 1.00 25.64 ? 315  ILE A N   1 
ATOM   1235 C  CA  . ILE A 1 165 ? -5.097  10.738  -21.075 1.00 22.32 ? 315  ILE A CA  1 
ATOM   1236 C  C   . ILE A 1 165 ? -4.374  11.669  -20.074 1.00 17.96 ? 315  ILE A C   1 
ATOM   1237 O  O   . ILE A 1 165 ? -3.149  11.651  -19.992 1.00 14.10 ? 315  ILE A O   1 
ATOM   1238 C  CB  . ILE A 1 165 ? -5.638  9.415   -20.427 1.00 22.35 ? 315  ILE A CB  1 
ATOM   1239 C  CG1 . ILE A 1 165 ? -4.533  8.668   -19.655 1.00 21.52 ? 315  ILE A CG1 1 
ATOM   1240 C  CG2 . ILE A 1 165 ? -6.304  8.521   -21.524 1.00 22.20 ? 315  ILE A CG2 1 
ATOM   1241 C  CD1 . ILE A 1 165 ? -5.055  7.465   -18.835 1.00 22.78 ? 315  ILE A CD1 1 
ATOM   1242 N  N   . ARG A 1 166 ? -5.137  12.461  -19.329 1.00 14.60 ? 316  ARG A N   1 
ATOM   1243 C  CA  . ARG A 1 166 ? -4.584  13.470  -18.436 1.00 17.11 ? 316  ARG A CA  1 
ATOM   1244 C  C   . ARG A 1 166 ? -5.399  13.494  -17.154 1.00 16.08 ? 316  ARG A C   1 
ATOM   1245 O  O   . ARG A 1 166 ? -6.447  12.891  -17.096 1.00 18.52 ? 316  ARG A O   1 
ATOM   1246 C  CB  . ARG A 1 166 ? -4.710  14.869  -19.101 1.00 17.18 ? 316  ARG A CB  1 
ATOM   1247 C  CG  . ARG A 1 166 ? -3.940  14.981  -20.366 1.00 20.75 ? 316  ARG A CG  1 
ATOM   1248 C  CD  . ARG A 1 166 ? -4.115  16.340  -21.021 1.00 20.54 ? 316  ARG A CD  1 
ATOM   1249 N  NE  . ARG A 1 166 ? -3.109  16.426  -22.065 1.00 22.28 ? 316  ARG A NE  1 
ATOM   1250 C  CZ  . ARG A 1 166 ? -3.304  16.055  -23.323 1.00 23.82 ? 316  ARG A CZ  1 
ATOM   1251 N  NH1 . ARG A 1 166 ? -4.506  15.611  -23.720 1.00 18.31 ? 316  ARG A NH1 1 
ATOM   1252 N  NH2 . ARG A 1 166 ? -2.297  16.157  -24.194 1.00 18.60 ? 316  ARG A NH2 1 
ATOM   1253 N  N   . SER A 1 167 ? -4.957  14.265  -16.161 1.00 15.81 ? 317  SER A N   1 
ATOM   1254 C  CA  . SER A 1 167 ? -5.714  14.431  -14.917 1.00 17.25 ? 317  SER A CA  1 
ATOM   1255 C  C   . SER A 1 167 ? -6.105  13.072  -14.309 1.00 15.90 ? 317  SER A C   1 
ATOM   1256 O  O   . SER A 1 167 ? -7.214  12.902  -13.792 1.00 16.32 ? 317  SER A O   1 
ATOM   1257 C  CB  . SER A 1 167 ? -6.948  15.314  -15.172 1.00 18.63 ? 317  SER A CB  1 
ATOM   1258 O  OG  . SER A 1 167 ? -6.492  16.570  -15.612 1.00 26.78 ? 317  SER A OG  1 
ATOM   1259 N  N   . LEU A 1 168 ? -5.166  12.118  -14.360 1.00 16.95 ? 318  LEU A N   1 
ATOM   1260 C  CA  . LEU A 1 168 ? -5.388  10.776  -13.843 1.00 17.30 ? 318  LEU A CA  1 
ATOM   1261 C  C   . LEU A 1 168 ? -5.290  10.854  -12.343 1.00 17.84 ? 318  LEU A C   1 
ATOM   1262 O  O   . LEU A 1 168 ? -4.280  11.358  -11.807 1.00 15.97 ? 318  LEU A O   1 
ATOM   1263 C  CB  . LEU A 1 168 ? -4.335  9.805   -14.393 1.00 18.30 ? 318  LEU A CB  1 
ATOM   1264 C  CG  . LEU A 1 168 ? -4.281  8.361   -13.837 1.00 19.14 ? 318  LEU A CG  1 
ATOM   1265 C  CD1 . LEU A 1 168 ? -5.510  7.488   -14.193 1.00 14.99 ? 318  LEU A CD1 1 
ATOM   1266 C  CD2 . LEU A 1 168 ? -3.019  7.717   -14.367 1.00 15.87 ? 318  LEU A CD2 1 
ATOM   1267 N  N   . THR A 1 169 ? -6.345  10.416  -11.664 1.00 13.31 ? 319  THR A N   1 
ATOM   1268 C  CA  . THR A 1 169 ? -6.276  10.311  -10.231 1.00 16.84 ? 319  THR A CA  1 
ATOM   1269 C  C   . THR A 1 169 ? -6.406  8.826   -9.838  1.00 17.39 ? 319  THR A C   1 
ATOM   1270 O  O   . THR A 1 169 ? -7.095  8.052   -10.499 1.00 17.48 ? 319  THR A O   1 
ATOM   1271 C  CB  . THR A 1 169 ? -7.390  11.118  -9.510  1.00 17.02 ? 319  THR A CB  1 
ATOM   1272 O  OG1 . THR A 1 169 ? -8.654  10.526  -9.815  1.00 21.67 ? 319  THR A OG1 1 
ATOM   1273 C  CG2 . THR A 1 169 ? -7.412  12.586  -9.905  1.00 15.70 ? 319  THR A CG2 1 
ATOM   1274 N  N   . VAL A 1 170 ? -5.727  8.455   -8.762  1.00 15.54 ? 320  VAL A N   1 
ATOM   1275 C  CA  . VAL A 1 170 ? -5.695  7.093   -8.277  1.00 15.97 ? 320  VAL A CA  1 
ATOM   1276 C  C   . VAL A 1 170 ? -5.923  7.210   -6.766  1.00 15.12 ? 320  VAL A C   1 
ATOM   1277 O  O   . VAL A 1 170 ? -5.176  7.904   -6.049  1.00 14.34 ? 320  VAL A O   1 
ATOM   1278 C  CB  . VAL A 1 170 ? -4.308  6.365   -8.600  1.00 16.00 ? 320  VAL A CB  1 
ATOM   1279 C  CG1 . VAL A 1 170 ? -4.238  5.006   -7.909  1.00 15.01 ? 320  VAL A CG1 1 
ATOM   1280 C  CG2 . VAL A 1 170 ? -4.101  6.194   -10.087 1.00 13.68 ? 320  VAL A CG2 1 
ATOM   1281 N  N   . ARG A 1 171 ? -6.961  6.539   -6.285  1.00 15.07 ? 321  ARG A N   1 
ATOM   1282 C  CA  . ARG A 1 171 ? -7.192  6.441   -4.856  1.00 15.98 ? 321  ARG A CA  1 
ATOM   1283 C  C   . ARG A 1 171 ? -7.360  4.988   -4.456  1.00 14.18 ? 321  ARG A C   1 
ATOM   1284 O  O   . ARG A 1 171 ? -8.157  4.244   -5.039  1.00 12.96 ? 321  ARG A O   1 
ATOM   1285 C  CB  . ARG A 1 171 ? -8.418  7.260   -4.459  1.00 15.14 ? 321  ARG A CB  1 
ATOM   1286 C  CG  . ARG A 1 171 ? -8.285  8.734   -4.881  1.00 30.34 ? 321  ARG A CG  1 
ATOM   1287 C  CD  . ARG A 1 171 ? -9.578  9.484   -4.595  1.00 32.08 ? 321  ARG A CD  1 
ATOM   1288 N  NE  . ARG A 1 171 ? -9.564  9.947   -3.220  1.00 41.53 ? 321  ARG A NE  1 
ATOM   1289 C  CZ  . ARG A 1 171 ? -10.635 10.338  -2.539  1.00 41.86 ? 321  ARG A CZ  1 
ATOM   1290 N  NH1 . ARG A 1 171 ? -11.861 10.282  -3.061  1.00 40.02 ? 321  ARG A NH1 1 
ATOM   1291 N  NH2 . ARG A 1 171 ? -10.464 10.750  -1.306  1.00 41.63 ? 321  ARG A NH2 1 
ATOM   1292 N  N   . THR A 1 172 ? -6.565  4.574   -3.488  1.00 16.31 ? 322  THR A N   1 
ATOM   1293 C  CA  . THR A 1 172 ? -6.619  3.190   -3.009  1.00 16.20 ? 322  THR A CA  1 
ATOM   1294 C  C   . THR A 1 172 ? -5.899  3.140   -1.646  1.00 16.03 ? 322  THR A C   1 
ATOM   1295 O  O   . THR A 1 172 ? -5.391  4.161   -1.163  1.00 15.87 ? 322  THR A O   1 
ATOM   1296 C  CB  . THR A 1 172 ? -5.956  2.190   -4.024  1.00 19.68 ? 322  THR A CB  1 
ATOM   1297 O  OG1 . THR A 1 172 ? -6.259  0.839   -3.655  1.00 18.51 ? 322  THR A OG1 1 
ATOM   1298 C  CG2 . THR A 1 172 ? -4.447  2.350   -4.078  1.00 13.76 ? 322  THR A CG2 1 
ATOM   1299 N  N   . GLY A 1 173 ? -5.886  1.970   -1.019  1.00 15.12 ? 323  GLY A N   1 
ATOM   1300 C  CA  . GLY A 1 173 ? -5.179  1.804   0.232   1.00 16.44 ? 323  GLY A CA  1 
ATOM   1301 C  C   . GLY A 1 173 ? -4.728  0.371   0.356   1.00 16.74 ? 323  GLY A C   1 
ATOM   1302 O  O   . GLY A 1 173 ? -5.240  -0.529  -0.330  1.00 16.08 ? 323  GLY A O   1 
ATOM   1303 N  N   . ILE A 1 174 ? -3.751  0.169   1.227   1.00 15.76 ? 324  ILE A N   1 
ATOM   1304 C  CA  . ILE A 1 174 ? -3.202  -1.134  1.448   1.00 14.40 ? 324  ILE A CA  1 
ATOM   1305 C  C   . ILE A 1 174 ? -3.095  -1.365  2.960   1.00 16.50 ? 324  ILE A C   1 
ATOM   1306 O  O   . ILE A 1 174 ? -3.008  -0.405  3.738   1.00 15.20 ? 324  ILE A O   1 
ATOM   1307 C  CB  . ILE A 1 174 ? -1.810  -1.306  0.756   1.00 16.49 ? 324  ILE A CB  1 
ATOM   1308 C  CG1 . ILE A 1 174 ? -0.720  -0.466  1.484   1.00 13.19 ? 324  ILE A CG1 1 
ATOM   1309 C  CG2 . ILE A 1 174 ? -1.939  -1.088  -0.813  1.00 18.96 ? 324  ILE A CG2 1 
ATOM   1310 C  CD1 . ILE A 1 174 ? 0.630   -0.449  0.831   1.00 12.99 ? 324  ILE A CD1 1 
ATOM   1311 N  N   . ASP A 1 175 ? -3.084  -2.641  3.355   1.00 17.89 ? 325  ASP A N   1 
ATOM   1312 C  CA  . ASP A 1 175 ? -2.767  -3.049  4.735   1.00 16.00 ? 325  ASP A CA  1 
ATOM   1313 C  C   . ASP A 1 175 ? -1.308  -3.487  4.715   1.00 17.76 ? 325  ASP A C   1 
ATOM   1314 O  O   . ASP A 1 175 ? -0.910  -4.249  3.834   1.00 18.35 ? 325  ASP A O   1 
ATOM   1315 C  CB  . ASP A 1 175 ? -3.668  -4.214  5.166   1.00 15.85 ? 325  ASP A CB  1 
ATOM   1316 C  CG  . ASP A 1 175 ? -5.168  -3.855  5.119   1.00 19.33 ? 325  ASP A CG  1 
ATOM   1317 O  OD1 . ASP A 1 175 ? -5.496  -2.677  5.349   1.00 19.63 ? 325  ASP A OD1 1 
ATOM   1318 O  OD2 . ASP A 1 175 ? -6.011  -4.734  4.840   1.00 18.01 ? 325  ASP A OD2 1 
ATOM   1319 N  N   . THR A 1 176 ? -0.512  -2.976  5.655   1.00 18.26 ? 326  THR A N   1 
ATOM   1320 C  CA  . THR A 1 176 ? 0.931   -3.214  5.644   1.00 21.06 ? 326  THR A CA  1 
ATOM   1321 C  C   . THR A 1 176 ? 1.334   -4.176  6.760   1.00 23.07 ? 326  THR A C   1 
ATOM   1322 O  O   . THR A 1 176 ? 0.525   -4.546  7.636   1.00 21.62 ? 326  THR A O   1 
ATOM   1323 C  CB  . THR A 1 176 ? 1.757   -1.929  5.772   1.00 17.29 ? 326  THR A CB  1 
ATOM   1324 O  OG1 . THR A 1 176 ? 1.510   -1.350  7.049   1.00 19.29 ? 326  THR A OG1 1 
ATOM   1325 C  CG2 . THR A 1 176 ? 1.404   -0.909  4.668   1.00 18.13 ? 326  THR A CG2 1 
ATOM   1326 O  OXT . THR A 1 176 ? 2.484   -4.615  6.759   1.00 25.25 ? 326  THR A OXT 1 
HETATM 1327 S  S   . SO4 B 2 .   ? -8.532  17.506  -22.916 1.00 53.64 ? 1327 SO4 A S   1 
HETATM 1328 O  O1  . SO4 B 2 .   ? -7.369  17.601  -22.023 1.00 51.87 ? 1327 SO4 A O1  1 
HETATM 1329 O  O2  . SO4 B 2 .   ? -8.128  17.693  -24.313 1.00 52.99 ? 1327 SO4 A O2  1 
HETATM 1330 O  O3  . SO4 B 2 .   ? -9.451  18.602  -22.600 1.00 51.57 ? 1327 SO4 A O3  1 
HETATM 1331 O  O4  . SO4 B 2 .   ? -9.159  16.170  -22.789 1.00 39.64 ? 1327 SO4 A O4  1 
HETATM 1332 S  S   . SO4 C 2 .   ? 6.968   -2.393  10.315  1.00 74.83 ? 1328 SO4 A S   1 
HETATM 1333 O  O1  . SO4 C 2 .   ? 7.234   -3.316  9.200   1.00 66.28 ? 1328 SO4 A O1  1 
HETATM 1334 O  O2  . SO4 C 2 .   ? 5.610   -1.884  10.158  1.00 82.80 ? 1328 SO4 A O2  1 
HETATM 1335 O  O3  . SO4 C 2 .   ? 7.892   -1.259  10.322  1.00 79.47 ? 1328 SO4 A O3  1 
HETATM 1336 O  O4  . SO4 C 2 .   ? 7.038   -3.056  11.617  1.00 77.79 ? 1328 SO4 A O4  1 
HETATM 1337 S  S   . SO4 D 2 .   ? 9.180   -10.254 -2.715  1.00 62.89 ? 1329 SO4 A S   1 
HETATM 1338 O  O1  . SO4 D 2 .   ? 7.756   -10.341 -3.016  1.00 45.56 ? 1329 SO4 A O1  1 
HETATM 1339 O  O2  . SO4 D 2 .   ? 9.793   -11.437 -3.308  1.00 67.09 ? 1329 SO4 A O2  1 
HETATM 1340 O  O3  . SO4 D 2 .   ? 9.851   -9.072  -3.281  1.00 53.24 ? 1329 SO4 A O3  1 
HETATM 1341 O  O4  . SO4 D 2 .   ? 9.342   -10.273 -1.260  1.00 59.51 ? 1329 SO4 A O4  1 
HETATM 1342 ZN ZN  . ZN  E 3 .   ? 11.612  -33.045 36.933  1.00 45.65 ? 1330 ZN  A ZN  1 
HETATM 1343 O  O   . HOH F 4 .   ? 10.129  -41.214 44.646  1.00 50.17 ? 2001 HOH A O   1 
HETATM 1344 O  O   . HOH F 4 .   ? 5.597   -37.166 43.469  1.00 44.03 ? 2002 HOH A O   1 
HETATM 1345 O  O   . HOH F 4 .   ? 6.890   -32.295 37.801  1.00 37.90 ? 2003 HOH A O   1 
HETATM 1346 O  O   . HOH F 4 .   ? 6.679   -29.825 37.535  1.00 35.74 ? 2004 HOH A O   1 
HETATM 1347 O  O   . HOH F 4 .   ? 7.935   -25.176 44.524  0.33 38.44 ? 2005 HOH A O   1 
HETATM 1348 O  O   . HOH F 4 .   ? 2.009   -25.336 40.834  1.00 40.87 ? 2006 HOH A O   1 
HETATM 1349 O  O   . HOH F 4 .   ? 10.962  -28.011 42.882  1.00 41.80 ? 2007 HOH A O   1 
HETATM 1350 O  O   . HOH F 4 .   ? 8.024   -25.210 30.222  1.00 41.10 ? 2008 HOH A O   1 
HETATM 1351 O  O   . HOH F 4 .   ? 8.200   -20.344 35.644  1.00 55.48 ? 2009 HOH A O   1 
HETATM 1352 O  O   . HOH F 4 .   ? 9.916   -18.637 27.533  1.00 36.28 ? 2010 HOH A O   1 
HETATM 1353 O  O   . HOH F 4 .   ? 1.618   -17.327 21.587  1.00 29.09 ? 2011 HOH A O   1 
HETATM 1354 O  O   . HOH F 4 .   ? 4.476   -18.354 18.968  1.00 36.24 ? 2012 HOH A O   1 
HETATM 1355 O  O   . HOH F 4 .   ? 8.815   -15.677 23.993  1.00 39.20 ? 2013 HOH A O   1 
HETATM 1356 O  O   . HOH F 4 .   ? 10.290  -10.005 27.640  1.00 33.06 ? 2014 HOH A O   1 
HETATM 1357 O  O   . HOH F 4 .   ? 9.955   -15.891 26.857  1.00 33.13 ? 2015 HOH A O   1 
HETATM 1358 O  O   . HOH F 4 .   ? 15.407  -13.826 31.680  1.00 39.50 ? 2016 HOH A O   1 
HETATM 1359 O  O   . HOH F 4 .   ? 12.549  -15.201 34.115  1.00 36.72 ? 2017 HOH A O   1 
HETATM 1360 O  O   . HOH F 4 .   ? 9.059   -9.104  30.024  1.00 31.65 ? 2018 HOH A O   1 
HETATM 1361 O  O   . HOH F 4 .   ? 7.622   -12.192 21.676  1.00 33.51 ? 2019 HOH A O   1 
HETATM 1362 O  O   . HOH F 4 .   ? 5.867   -4.195  23.333  1.00 32.22 ? 2020 HOH A O   1 
HETATM 1363 O  O   . HOH F 4 .   ? 6.681   -2.635  14.432  1.00 34.68 ? 2021 HOH A O   1 
HETATM 1364 O  O   . HOH F 4 .   ? 7.405   2.967   9.699   1.00 40.41 ? 2022 HOH A O   1 
HETATM 1365 O  O   . HOH F 4 .   ? -4.446  -0.769  15.154  1.00 16.02 ? 2023 HOH A O   1 
HETATM 1366 O  O   . HOH F 4 .   ? 3.056   -0.896  21.416  1.00 33.40 ? 2024 HOH A O   1 
HETATM 1367 O  O   . HOH F 4 .   ? -2.767  3.740   22.277  1.00 33.98 ? 2025 HOH A O   1 
HETATM 1368 O  O   . HOH F 4 .   ? 2.129   0.224   24.713  1.00 26.73 ? 2026 HOH A O   1 
HETATM 1369 O  O   . HOH F 4 .   ? -0.772  0.247   32.370  1.00 30.81 ? 2027 HOH A O   1 
HETATM 1370 O  O   . HOH F 4 .   ? -4.314  7.922   22.525  1.00 29.62 ? 2028 HOH A O   1 
HETATM 1371 O  O   . HOH F 4 .   ? -7.552  1.065   27.039  1.00 44.44 ? 2029 HOH A O   1 
HETATM 1372 O  O   . HOH F 4 .   ? -10.759 -1.209  28.624  1.00 38.09 ? 2030 HOH A O   1 
HETATM 1373 O  O   . HOH F 4 .   ? -7.122  3.430   23.289  1.00 32.50 ? 2031 HOH A O   1 
HETATM 1374 O  O   . HOH F 4 .   ? -4.791  3.842   20.480  1.00 29.27 ? 2032 HOH A O   1 
HETATM 1375 O  O   . HOH F 4 .   ? -7.106  3.731   16.908  1.00 23.19 ? 2033 HOH A O   1 
HETATM 1376 O  O   . HOH F 4 .   ? -2.233  6.336   19.582  1.00 21.08 ? 2034 HOH A O   1 
HETATM 1377 O  O   . HOH F 4 .   ? 4.759   3.945   19.753  1.00 29.52 ? 2035 HOH A O   1 
HETATM 1378 O  O   . HOH F 4 .   ? 1.077   7.445   20.692  1.00 39.53 ? 2036 HOH A O   1 
HETATM 1379 O  O   . HOH F 4 .   ? 5.479   6.522   12.839  1.00 25.96 ? 2037 HOH A O   1 
HETATM 1380 O  O   . HOH F 4 .   ? 5.841   6.496   16.531  1.00 30.92 ? 2038 HOH A O   1 
HETATM 1381 O  O   . HOH F 4 .   ? 3.027   5.920   10.277  0.50 6.58  ? 2039 HOH A O   1 
HETATM 1382 O  O   . HOH F 4 .   ? 4.651   11.680  12.092  1.00 33.83 ? 2040 HOH A O   1 
HETATM 1383 O  O   . HOH F 4 .   ? 3.283   13.526  8.688   1.00 21.54 ? 2041 HOH A O   1 
HETATM 1384 O  O   . HOH F 4 .   ? 6.862   13.363  2.943   1.00 24.60 ? 2042 HOH A O   1 
HETATM 1385 O  O   . HOH F 4 .   ? 9.078   2.404   -18.731 1.00 29.91 ? 2043 HOH A O   1 
HETATM 1386 O  O   . HOH F 4 .   ? 11.932  -42.403 42.008  1.00 52.41 ? 2044 HOH A O   1 
HETATM 1387 O  O   . HOH F 4 .   ? 6.663   1.953   -19.642 1.00 30.76 ? 2045 HOH A O   1 
HETATM 1388 O  O   . HOH F 4 .   ? 2.018   -5.718  -16.337 1.00 36.62 ? 2046 HOH A O   1 
HETATM 1389 O  O   . HOH F 4 .   ? -1.998  -3.672  -25.590 1.00 38.96 ? 2047 HOH A O   1 
HETATM 1390 O  O   . HOH F 4 .   ? 1.995   -2.079  -24.780 1.00 51.21 ? 2048 HOH A O   1 
HETATM 1391 O  O   . HOH F 4 .   ? -4.326  1.428   -23.722 1.00 36.01 ? 2049 HOH A O   1 
HETATM 1392 O  O   . HOH F 4 .   ? 4.910   -1.616  -22.417 1.00 43.57 ? 2050 HOH A O   1 
HETATM 1393 O  O   . HOH F 4 .   ? 9.874   -13.532 22.281  1.00 40.15 ? 2051 HOH A O   1 
HETATM 1394 O  O   . HOH F 4 .   ? 8.482   5.256   -21.817 1.00 33.03 ? 2052 HOH A O   1 
HETATM 1395 O  O   . HOH F 4 .   ? 3.623   1.800   -27.442 1.00 36.69 ? 2053 HOH A O   1 
HETATM 1396 O  O   . HOH F 4 .   ? 2.409   4.386   -25.153 1.00 23.02 ? 2054 HOH A O   1 
HETATM 1397 O  O   . HOH F 4 .   ? 7.601   7.543   -23.125 1.00 37.02 ? 2055 HOH A O   1 
HETATM 1398 O  O   . HOH F 4 .   ? 3.658   11.176  -22.553 1.00 20.96 ? 2056 HOH A O   1 
HETATM 1399 O  O   . HOH F 4 .   ? 11.235  -17.311 34.303  1.00 42.07 ? 2057 HOH A O   1 
HETATM 1400 O  O   . HOH F 4 .   ? 5.380   -1.638  24.072  1.00 43.28 ? 2058 HOH A O   1 
HETATM 1401 O  O   . HOH F 4 .   ? 8.219   -0.669  15.233  1.00 36.47 ? 2059 HOH A O   1 
HETATM 1402 O  O   . HOH F 4 .   ? 6.242   16.173  -13.242 1.00 30.48 ? 2060 HOH A O   1 
HETATM 1403 O  O   . HOH F 4 .   ? 1.956   2.744   24.696  1.00 47.47 ? 2061 HOH A O   1 
HETATM 1404 O  O   . HOH F 4 .   ? -0.528  17.173  -9.505  1.00 34.23 ? 2062 HOH A O   1 
HETATM 1405 O  O   . HOH F 4 .   ? -8.959  -0.373  31.298  1.00 44.98 ? 2063 HOH A O   1 
HETATM 1406 O  O   . HOH F 4 .   ? 3.216   15.183  -2.831  1.00 40.82 ? 2064 HOH A O   1 
HETATM 1407 O  O   . HOH F 4 .   ? 6.891   3.621   16.496  1.00 49.10 ? 2065 HOH A O   1 
HETATM 1408 O  O   . HOH F 4 .   ? -5.177  1.628   10.851  1.00 13.89 ? 2066 HOH A O   1 
HETATM 1409 O  O   . HOH F 4 .   ? 10.510  4.468   -20.326 1.00 33.31 ? 2067 HOH A O   1 
HETATM 1410 O  O   . HOH F 4 .   ? 0.349   5.035   12.859  1.00 22.66 ? 2068 HOH A O   1 
HETATM 1411 O  O   . HOH F 4 .   ? 1.686   4.433   10.504  0.50 14.69 ? 2069 HOH A O   1 
HETATM 1412 O  O   . HOH F 4 .   ? -4.130  -3.032  8.367   1.00 37.78 ? 2070 HOH A O   1 
HETATM 1413 O  O   . HOH F 4 .   ? -3.300  -0.789  12.493  1.00 27.78 ? 2071 HOH A O   1 
HETATM 1414 O  O   . HOH F 4 .   ? -8.276  -2.171  1.010   1.00 17.32 ? 2072 HOH A O   1 
HETATM 1415 O  O   . HOH F 4 .   ? 6.113   16.087  -10.020 1.00 51.69 ? 2073 HOH A O   1 
HETATM 1416 O  O   . HOH F 4 .   ? 5.456   15.746  -4.446  1.00 43.45 ? 2074 HOH A O   1 
HETATM 1417 O  O   . HOH F 4 .   ? 0.883   1.774   7.257   1.00 20.17 ? 2075 HOH A O   1 
HETATM 1418 O  O   . HOH F 4 .   ? -8.432  3.434   1.496   1.00 30.51 ? 2076 HOH A O   1 
HETATM 1419 O  O   . HOH F 4 .   ? -6.639  7.704   5.529   1.00 12.62 ? 2077 HOH A O   1 
HETATM 1420 O  O   . HOH F 4 .   ? -8.512  3.948   5.537   1.00 33.15 ? 2078 HOH A O   1 
HETATM 1421 O  O   . HOH F 4 .   ? -7.265  6.810   -0.453  1.00 27.27 ? 2079 HOH A O   1 
HETATM 1422 O  O   . HOH F 4 .   ? -10.292 5.351   4.649   1.00 36.11 ? 2080 HOH A O   1 
HETATM 1423 O  O   . HOH F 4 .   ? -9.001  1.650   6.964   1.00 42.18 ? 2081 HOH A O   1 
HETATM 1424 O  O   . HOH F 4 .   ? -0.334  19.440  -13.669 1.00 36.51 ? 2082 HOH A O   1 
HETATM 1425 O  O   . HOH F 4 .   ? -2.229  15.039  -15.832 1.00 17.17 ? 2083 HOH A O   1 
HETATM 1426 O  O   . HOH F 4 .   ? -3.682  15.905  -12.673 1.00 31.72 ? 2084 HOH A O   1 
HETATM 1427 O  O   . HOH F 4 .   ? 3.636   14.536  -10.541 1.00 27.26 ? 2085 HOH A O   1 
HETATM 1428 O  O   . HOH F 4 .   ? 4.291   12.784  -16.600 1.00 16.99 ? 2086 HOH A O   1 
HETATM 1429 O  O   . HOH F 4 .   ? -1.275  18.132  -15.850 1.00 25.72 ? 2087 HOH A O   1 
HETATM 1430 O  O   . HOH F 4 .   ? 3.912   11.429  -18.968 1.00 16.15 ? 2088 HOH A O   1 
HETATM 1431 O  O   . HOH F 4 .   ? 7.827   -1.984  -14.339 1.00 37.38 ? 2089 HOH A O   1 
HETATM 1432 O  O   . HOH F 4 .   ? 11.257  -5.466  -6.944  1.00 41.60 ? 2090 HOH A O   1 
HETATM 1433 O  O   . HOH F 4 .   ? 11.594  8.636   -11.285 1.00 37.70 ? 2091 HOH A O   1 
HETATM 1434 O  O   . HOH F 4 .   ? -1.515  -1.876  -27.456 1.00 34.10 ? 2092 HOH A O   1 
HETATM 1435 O  O   . HOH F 4 .   ? 1.572   0.278   -26.022 1.00 30.59 ? 2093 HOH A O   1 
HETATM 1436 O  O   . HOH F 4 .   ? -12.196 1.462   -22.852 1.00 31.41 ? 2094 HOH A O   1 
HETATM 1437 O  O   . HOH F 4 .   ? 8.632   -4.077  4.644   1.00 26.56 ? 2095 HOH A O   1 
HETATM 1438 O  O   . HOH F 4 .   ? -12.447 11.609  -8.681  1.00 41.48 ? 2096 HOH A O   1 
HETATM 1439 O  O   . HOH F 4 .   ? 0.640   -13.655 -2.810  1.00 48.87 ? 2097 HOH A O   1 
HETATM 1440 O  O   . HOH F 4 .   ? -9.168  -11.644 -8.284  1.00 33.95 ? 2098 HOH A O   1 
HETATM 1441 O  O   . HOH F 4 .   ? -10.908 3.091   -2.892  0.50 23.92 ? 2099 HOH A O   1 
HETATM 1442 O  O   . HOH F 4 .   ? -12.019 -0.286  -0.674  1.00 30.27 ? 2100 HOH A O   1 
HETATM 1443 O  O   . HOH F 4 .   ? 4.403   -0.569  -4.744  1.00 16.70 ? 2101 HOH A O   1 
HETATM 1444 O  O   . HOH F 4 .   ? 11.621  -2.905  -6.717  1.00 25.07 ? 2102 HOH A O   1 
HETATM 1445 O  O   . HOH F 4 .   ? 8.853   -3.474  -12.140 1.00 50.84 ? 2103 HOH A O   1 
HETATM 1446 O  O   . HOH F 4 .   ? 6.689   2.441   -11.131 1.00 18.28 ? 2104 HOH A O   1 
HETATM 1447 O  O   . HOH F 4 .   ? 12.673  5.834   -11.683 1.00 35.89 ? 2105 HOH A O   1 
HETATM 1448 O  O   . HOH F 4 .   ? -19.027 -4.279  -10.962 1.00 46.63 ? 2106 HOH A O   1 
HETATM 1449 O  O   . HOH F 4 .   ? -8.196  -6.022  -12.872 0.50 17.50 ? 2107 HOH A O   1 
HETATM 1450 O  O   . HOH F 4 .   ? 9.829   9.603   -9.555  1.00 40.01 ? 2108 HOH A O   1 
HETATM 1451 O  O   . HOH F 4 .   ? -2.087  -7.050  -13.327 1.00 34.95 ? 2109 HOH A O   1 
HETATM 1452 O  O   . HOH F 4 .   ? 0.709   -10.108 -10.711 1.00 35.86 ? 2110 HOH A O   1 
HETATM 1453 O  O   . HOH F 4 .   ? 14.329  13.141  -4.136  1.00 52.94 ? 2111 HOH A O   1 
HETATM 1454 O  O   . HOH F 4 .   ? 13.782  4.286   2.957   1.00 44.59 ? 2112 HOH A O   1 
HETATM 1455 O  O   . HOH F 4 .   ? 10.805  10.609  5.153   1.00 49.97 ? 2113 HOH A O   1 
HETATM 1456 O  O   . HOH F 4 .   ? 6.221   -3.332  5.901   1.00 39.16 ? 2114 HOH A O   1 
HETATM 1457 O  O   . HOH F 4 .   ? -12.159 8.943   -8.192  1.00 39.11 ? 2115 HOH A O   1 
HETATM 1458 O  O   . HOH F 4 .   ? 5.282   -1.881  -2.374  1.00 23.75 ? 2116 HOH A O   1 
HETATM 1459 O  O   . HOH F 4 .   ? 2.826   0.048   -2.484  1.00 15.95 ? 2117 HOH A O   1 
HETATM 1460 O  O   . HOH F 4 .   ? -2.035  -7.688  7.358   1.00 20.04 ? 2118 HOH A O   1 
HETATM 1461 O  O   . HOH F 4 .   ? 1.069   -13.224 -0.217  1.00 32.33 ? 2119 HOH A O   1 
HETATM 1462 O  O   . HOH F 4 .   ? -5.879  -7.458  -1.360  1.00 13.92 ? 2120 HOH A O   1 
HETATM 1463 O  O   . HOH F 4 .   ? 2.772   -10.417 -4.237  1.00 33.14 ? 2121 HOH A O   1 
HETATM 1464 O  O   . HOH F 4 .   ? -2.194  -8.140  -4.429  1.00 19.31 ? 2122 HOH A O   1 
HETATM 1465 O  O   . HOH F 4 .   ? 6.291   -9.264  1.941   1.00 47.65 ? 2123 HOH A O   1 
HETATM 1466 O  O   . HOH F 4 .   ? -3.129  -12.210 -6.410  1.00 41.27 ? 2124 HOH A O   1 
HETATM 1467 O  O   . HOH F 4 .   ? -7.690  -11.731 -6.297  1.00 17.67 ? 2125 HOH A O   1 
HETATM 1468 O  O   . HOH F 4 .   ? -9.376  0.819   -1.300  1.00 40.16 ? 2126 HOH A O   1 
HETATM 1469 O  O   . HOH F 4 .   ? -11.486 1.753   -4.448  0.50 7.49  ? 2127 HOH A O   1 
HETATM 1470 O  O   . HOH F 4 .   ? -9.168  8.661   -29.138 1.00 42.30 ? 2128 HOH A O   1 
HETATM 1471 O  O   . HOH F 4 .   ? -7.225  13.368  -24.970 1.00 29.37 ? 2129 HOH A O   1 
HETATM 1472 O  O   . HOH F 4 .   ? -8.261  10.969  -28.630 1.00 44.30 ? 2130 HOH A O   1 
HETATM 1473 O  O   . HOH F 4 .   ? -13.489 10.154  -24.316 1.00 36.05 ? 2131 HOH A O   1 
HETATM 1474 O  O   . HOH F 4 .   ? -14.758 2.898   -21.076 1.00 45.24 ? 2132 HOH A O   1 
HETATM 1475 O  O   . HOH F 4 .   ? -15.487 -2.560  -11.692 1.00 38.06 ? 2133 HOH A O   1 
HETATM 1476 O  O   . HOH F 4 .   ? -6.411  -5.922  -12.017 0.50 20.43 ? 2134 HOH A O   1 
HETATM 1477 O  O   . HOH F 4 .   ? -16.152 -3.524  -8.833  1.00 30.28 ? 2135 HOH A O   1 
HETATM 1478 O  O   . HOH F 4 .   ? 0.489   -7.435  -11.138 1.00 38.64 ? 2136 HOH A O   1 
HETATM 1479 O  O   . HOH F 4 .   ? 7.220   -7.622  -9.551  1.00 29.69 ? 2137 HOH A O   1 
HETATM 1480 O  O   . HOH F 4 .   ? 7.585   -10.508 -9.936  1.00 39.25 ? 2138 HOH A O   1 
HETATM 1481 O  O   . HOH F 4 .   ? 9.703   -6.924  -5.069  1.00 33.51 ? 2139 HOH A O   1 
HETATM 1482 O  O   . HOH F 4 .   ? 11.337  -2.961  0.320   1.00 38.70 ? 2140 HOH A O   1 
HETATM 1483 O  O   . HOH F 4 .   ? 2.708   -5.762  -10.991 1.00 32.29 ? 2141 HOH A O   1 
HETATM 1484 O  O   . HOH F 4 .   ? -4.904  -7.061  -16.079 1.00 31.57 ? 2142 HOH A O   1 
HETATM 1485 O  O   . HOH F 4 .   ? -4.011  -5.155  -12.378 1.00 19.33 ? 2143 HOH A O   1 
HETATM 1486 O  O   . HOH F 4 .   ? -9.286  -3.515  -13.042 1.00 23.28 ? 2144 HOH A O   1 
HETATM 1487 O  O   . HOH F 4 .   ? -11.817 5.868   -29.563 1.00 33.39 ? 2145 HOH A O   1 
HETATM 1488 O  O   . HOH F 4 .   ? -7.664  7.034   -31.055 1.00 39.27 ? 2146 HOH A O   1 
HETATM 1489 O  O   . HOH F 4 .   ? -7.143  4.191   -26.526 1.00 22.04 ? 2147 HOH A O   1 
HETATM 1490 O  O   . HOH F 4 .   ? 1.466   5.316   -29.757 1.00 42.66 ? 2148 HOH A O   1 
HETATM 1491 O  O   . HOH F 4 .   ? -6.067  11.792  -27.049 1.00 26.04 ? 2149 HOH A O   1 
HETATM 1492 O  O   . HOH F 4 .   ? -0.211  11.004  -29.449 1.00 32.48 ? 2150 HOH A O   1 
HETATM 1493 O  O   . HOH F 4 .   ? -3.998  12.992  -27.964 1.00 32.23 ? 2151 HOH A O   1 
HETATM 1494 O  O   . HOH F 4 .   ? -4.066  15.399  -26.717 1.00 33.95 ? 2152 HOH A O   1 
HETATM 1495 O  O   . HOH F 4 .   ? -9.859  13.006  -13.251 1.00 24.87 ? 2153 HOH A O   1 
HETATM 1496 O  O   . HOH F 4 .   ? -8.375  17.584  -17.408 1.00 41.36 ? 2154 HOH A O   1 
HETATM 1497 O  O   . HOH F 4 .   ? -9.549  8.428   -8.530  1.00 18.75 ? 2155 HOH A O   1 
HETATM 1498 O  O   . HOH F 4 .   ? -8.743  9.846   0.805   1.00 47.85 ? 2156 HOH A O   1 
HETATM 1499 O  O   . HOH F 4 .   ? -7.648  -1.344  -1.470  1.00 17.41 ? 2157 HOH A O   1 
HETATM 1500 O  O   . HOH F 4 .   ? -7.665  -2.496  6.783   1.00 26.25 ? 2158 HOH A O   1 
HETATM 1501 O  O   . HOH F 4 .   ? 4.465   -4.868  5.278   1.00 27.52 ? 2159 HOH A O   1 
HETATM 1502 O  O   . HOH F 4 .   ? 2.400   -7.054  8.086   1.00 30.68 ? 2160 HOH A O   1 
HETATM 1503 O  O   . HOH F 4 .   ? -6.902  14.579  -22.143 1.00 28.27 ? 2161 HOH A O   1 
HETATM 1504 O  O   . HOH F 4 .   ? -7.022  16.069  -26.284 1.00 39.82 ? 2162 HOH A O   1 
HETATM 1505 O  O   . HOH F 4 .   ? 6.157   -6.121  12.224  1.00 43.55 ? 2163 HOH A O   1 
HETATM 1506 O  O   . HOH F 4 .   ? 11.508  -35.507 35.976  1.00 27.96 ? 2164 HOH A O   1 
# 
